data_6KIW
#
_entry.id   6KIW
#
_cell.length_a   1.00
_cell.length_b   1.00
_cell.length_c   1.00
_cell.angle_alpha   90.00
_cell.angle_beta   90.00
_cell.angle_gamma   90.00
#
_symmetry.space_group_name_H-M   'P 1'
#
loop_
_entity.id
_entity.type
_entity.pdbx_description
1 polymer 'Histone H3'
2 polymer 'Histone H4'
3 polymer 'Histone H2A'
4 polymer 'Histone H2B 1.1'
5 polymer 'DNA (144-MER)'
6 polymer 'DNA (145-MER)'
7 polymer 'Histone-lysine N-methyltransferase 2C'
8 polymer 'Retinoblastoma-binding protein 5'
9 polymer Ubiquitin
10 polymer 'WD repeat-containing protein 5'
11 polymer 'Set1/Ash2 histone methyltransferase complex subunit ASH2'
12 non-polymer 'ZINC ION'
#
loop_
_entity_poly.entity_id
_entity_poly.type
_entity_poly.pdbx_seq_one_letter_code
_entity_poly.pdbx_strand_id
1 'polypeptide(L)'
;ARTKQTARKSTGGKAPRKQLATKAARKSAPATGGVKKPHRYRPGTVALREIRRYQKSTELLIRKLPFQRLVREIAQDFKT
DLRFQSSAVMALQEASEAYLVALFEDTNLCAIHAKRVTIMPKDIQLARRIRGERA
;
A,E
2 'polypeptide(L)'
;SGRGKGGKGLGKGGAKRHRKVLRDNIQGITKPAIRRLARRGGVKRISGLIYEETRGVLKVFLENVIRDAVTYTEHAKRKT
VTAMDVVYALKRQGRTLYGFGG
;
B,F
3 'polypeptide(L)'
;SGRGKQGGKTRAKAKTRSSRAGLQFPVGRVHRLLRKGNYAERVGAGAPVYLAAVLEYLTAEILELAGNAARDNKKTRIIP
RHLQLAVRNDEELNKLLGRVTIAQGGVLPNIQSVLLPKKTESSKSAKSK
;
C,G
4 'polypeptide(L)'
;AKSAPAPKKGSKKAVTKTQKKDGKKRRKTRKESYAIYVYKVLKQVHPDTGISSKAMSIMNSFVNDVFERIAGEASRLAHY
NKRSTITSREIQTAVRLLLPGELAKHAVSEGTKAVTCYTSAK
;
D,H
5 'polydeoxyribonucleotide'
;(DC)(DG)(DA)(DG)(DA)(DA)(DT)(DC)(DC)(DC)(DG)(DG)(DT)(DG)(DC)(DC)(DG)(DA)(DG)(DG)
(DC)(DC)(DG)(DC)(DT)(DC)(DA)(DA)(DT)(DT)(DG)(DG)(DT)(DC)(DG)(DT)(DA)(DG)(DA)(DC)
(DA)(DG)(DC)(DT)(DC)(DT)(DA)(DG)(DC)(DA)(DC)(DC)(DG)(DC)(DT)(DT)(DA)(DA)(DA)(DC)
(DG)(DC)(DA)(DC)(DG)(DT)(DA)(DC)(DG)(DC)(DG)(DC)(DT)(DG)(DT)(DC)(DC)(DC)(DC)(DC)
(DG)(DC)(DG)(DT)(DT)(DT)(DT)(DA)(DA)(DC)(DC)(DG)(DC)(DC)(DA)(DA)(DG)(DG)(DG)(DG)
(DA)(DT)(DT)(DA)(DC)(DT)(DC)(DC)(DC)(DT)(DA)(DG)(DT)(DC)(DT)(DC)(DC)(DA)(DG)(DG)
(DC)(DA)(DC)(DG)(DT)(DG)(DT)(DC)(DA)(DG)(DA)(DT)(DA)(DT)(DA)(DT)(DA)(DC)(DA)(DT)
(DC)(DC)(DG)(DA)
;
I
6 'polydeoxyribonucleotide'
;(DT)(DC)(DG)(DG)(DA)(DT)(DG)(DT)(DA)(DT)(DA)(DT)(DA)(DT)(DC)(DT)(DG)(DA)(DC)(DA)
(DC)(DG)(DT)(DG)(DC)(DC)(DT)(DG)(DG)(DA)(DG)(DA)(DC)(DT)(DA)(DG)(DG)(DG)(DA)(DG)
(DT)(DA)(DA)(DT)(DC)(DC)(DC)(DC)(DT)(DT)(DG)(DG)(DC)(DG)(DG)(DT)(DT)(DA)(DA)(DA)
(DA)(DC)(DG)(DC)(DG)(DG)(DG)(DG)(DG)(DA)(DC)(DA)(DG)(DC)(DG)(DC)(DG)(DT)(DA)(DC)
(DG)(DT)(DG)(DC)(DG)(DT)(DT)(DT)(DA)(DA)(DG)(DC)(DG)(DG)(DT)(DG)(DC)(DT)(DA)(DG)
(DA)(DG)(DC)(DT)(DG)(DT)(DC)(DT)(DA)(DC)(DG)(DA)(DC)(DC)(DA)(DA)(DT)(DT)(DG)(DA)
(DG)(DC)(DG)(DG)(DC)(DC)(DT)(DC)(DG)(DG)(DC)(DA)(DC)(DC)(DG)(DG)(DG)(DA)(DT)(DT)
(DC)(DT)(DC)(DG)(DA)
;
J
7 'polypeptide(L)'
;GSARSEPKMSAHVKRFVLRPHTLNSTSTSKSFQSTVTGELNAPYSKQFVHSKSSQYRKMKTEWKSNVYLARSRIQGLGLY
AARDIEKHTMVIEYIGTIIRNEVANRKEKLYESQNRGVYMFRMDNDHVIDATLTGGPARYINHSCAPNCVAEVVTFERGH
KIIISSSRRIQKGEELCYDYKFDFEDDQHKIPCHCGAVNCRKWMN
;
K
8 'polypeptide(L)'
;MNLELLESFGQNYPEEADGTLDCISMALTCTFNRWGTLLAVGCNDGRIVIWDFLTRGIAKIISAHIHPVCSLCWSRDGHK
LVSASTDNIVSQWDVLSGDCDQRFRFPSPILKVQYHPRDQNKVLVCPMKSAPVMLTLSDSKHVVLPVDDDSDLNVVASFD
RRGEYIYTGNAKGKILVLKTDSQDLVASFRVTTGTSNTTAIKSIEFARKGSCFLINTADRIIRVYDGREILTCGRDGEPE
PMQKLQDLVNRTPWKKCCFSGDGEYIVAGSARQHALYIWEKSIGNLVKILHGTRGELLLDVAWHPVRPIIASISSGVVSI
WAQNQVENWSAFAPDFKELDENVEYEERESEFDIEDEDKSEPEQTGADAAEDEEVDVTSVDPIAAFCSSDEELEDSKALL
YLPIAPEVEDPEENPYGPPPDAVQTSLMDEGASSEKKRQSSADGSQPPKKKPKTTNIELQGVPNDEVHPLLGVKGDGKSK
KKQAGRPKGSKGKEKDSPFKPKLYKGDRGLPLEGSAKGKVQAELSQPLTAGGAISELL
;
N
9 'polypeptide(L)' MQIFVKTLTGKTITLEVEPSDTIENVKAKIQDKEGIPPDQQRLIFAGKQLEDGRTLSDYNIQKESTLHLVLRLRGC O
10 'polypeptide(L)'
;MATEEKKPETEAARAQPTPSSSATQSKPTPVKPNYALKFTLAGHTKAVSSVKFSPNGEWLASSSADKLIKIWGAYDGKFE
KTISGHKLGISDVAWSSDSNLLVSASDDKTLKIWDVSSGKCLKTLKGHSNYVFCCNFNPQSNLIVSGSFDESVRIWDVKT
GKCLKTLPAHSDPVSAVHFNRDGSLIVSSSYDGLCRIWDTASGQCLKTLIDDDNPPVSFVKFSPNGKYILAATLDNTLKL
WDYSKGKCLKTYTGHKNEKYCIFANFSVTGGKWIVSGSEDNLVYIWNLQTKEIVQKLQGHTDVVISTACHPTENIIASAA
LENDKTIKLWKSDC
;
R
11 'polypeptide(L)'
;MDTQAGSVDEENGRQLGEVELQCGICTKWFTADTFGIDTSSCLPFMTNYSFHCNVCHHSGNTYFLRKQANLKEMCLSALA
NLTWQSRTQDEHPKTMFSKDKDIIPFIDKYWECMTTRQRPGKMTWPNNIVKTMSKERDVFLVKEHPDPGSKDPEEDYPKF
GLLDQDLSNIGPAYDNQKQSSAVSTSGNLNGGIAAGSSGKGRGAKRKQQDGGTTGTTKKARSDPLFSAQRLPPHGYPLEH
PFNKDGYRYILAEPDPHAPDPEKLELDCWAGKPIPGDLYRACLYERVLLALHDRAPQLKISDDRLTVVGEKGYSMVRASH
GVRKGAWYFEITVDEMPPDTAARLGWSQPLGNLQAPLGYDKFSYSWRSKKGTKFHQSIGKHYSSGYGQGDVLGFYINLPE
DTETAKSLPDTYKDKALIKFKSYLYFEEKDFVDKAEKSLKQTPHSEIIFYKNGVNQGVAYKDIFEGVYFPAISLYKSCTV
SINFGPCFKYPPKDLTYRPMSDMGWGAVVEHTLADVLYHVETEVDGRRSPPWEP
;
T
#
# COMPACT_ATOMS: atom_id res chain seq x y z
N PRO A 38 40.95 -23.97 51.89
CA PRO A 38 40.37 -23.37 50.69
C PRO A 38 41.39 -22.56 49.89
N HIS A 39 41.06 -22.23 48.64
CA HIS A 39 41.95 -21.46 47.79
C HIS A 39 41.13 -20.79 46.70
N ARG A 40 41.27 -19.46 46.59
CA ARG A 40 40.60 -18.69 45.56
C ARG A 40 41.53 -17.62 45.04
N TYR A 41 41.30 -17.21 43.80
CA TYR A 41 41.95 -16.03 43.26
C TYR A 41 41.07 -14.81 43.49
N ARG A 42 41.71 -13.64 43.50
CA ARG A 42 40.95 -12.40 43.43
C ARG A 42 40.44 -12.22 42.00
N PRO A 43 39.32 -11.53 41.81
CA PRO A 43 38.77 -11.39 40.45
C PRO A 43 39.63 -10.51 39.57
N GLY A 44 39.72 -10.88 38.29
CA GLY A 44 40.58 -10.23 37.32
C GLY A 44 41.78 -11.06 36.92
N THR A 45 42.29 -11.88 37.84
CA THR A 45 43.45 -12.71 37.55
C THR A 45 43.13 -13.78 36.51
N VAL A 46 41.99 -14.44 36.66
CA VAL A 46 41.58 -15.54 35.79
C VAL A 46 40.78 -14.92 34.64
N ALA A 47 40.80 -13.59 34.55
CA ALA A 47 40.49 -12.91 33.30
C ALA A 47 41.75 -12.69 32.47
N LEU A 48 42.79 -12.12 33.09
CA LEU A 48 44.02 -11.80 32.36
C LEU A 48 44.73 -13.05 31.86
N ARG A 49 44.77 -14.09 32.67
CA ARG A 49 44.94 -15.41 32.08
C ARG A 49 43.57 -15.86 31.60
N GLU A 50 43.58 -16.57 30.47
CA GLU A 50 42.60 -16.76 29.40
C GLU A 50 42.50 -15.58 28.45
N ILE A 51 42.91 -14.37 28.82
CA ILE A 51 43.10 -13.36 27.78
C ILE A 51 44.38 -13.64 27.02
N ARG A 52 45.47 -13.89 27.75
CA ARG A 52 46.72 -14.26 27.08
C ARG A 52 46.58 -15.60 26.35
N ARG A 53 45.80 -16.52 26.91
CA ARG A 53 45.62 -17.84 26.31
C ARG A 53 44.80 -17.75 25.02
N TYR A 54 43.69 -17.02 25.03
CA TYR A 54 42.86 -16.91 23.84
C TYR A 54 43.46 -15.97 22.80
N GLN A 55 44.38 -15.10 23.19
CA GLN A 55 45.10 -14.36 22.16
C GLN A 55 46.22 -15.17 21.55
N LYS A 56 46.76 -16.16 22.28
CA LYS A 56 47.68 -17.09 21.63
C LYS A 56 46.97 -18.05 20.69
N SER A 57 46.03 -18.84 21.20
CA SER A 57 45.42 -19.90 20.41
C SER A 57 44.39 -19.35 19.44
N THR A 58 44.38 -19.90 18.21
CA THR A 58 43.53 -19.42 17.12
C THR A 58 42.78 -20.59 16.48
N GLU A 59 41.64 -21.01 17.02
CA GLU A 59 40.90 -21.98 16.20
C GLU A 59 39.45 -21.67 15.81
N LEU A 60 38.48 -21.79 16.71
CA LEU A 60 37.08 -21.62 16.30
C LEU A 60 36.24 -20.74 17.22
N LEU A 61 36.22 -21.08 18.50
CA LEU A 61 35.50 -20.46 19.61
C LEU A 61 33.98 -20.57 19.52
N ILE A 62 33.42 -21.18 18.48
CA ILE A 62 31.98 -21.42 18.36
C ILE A 62 31.78 -22.85 17.91
N ARG A 63 30.98 -23.60 18.67
CA ARG A 63 30.71 -24.99 18.34
C ARG A 63 29.91 -25.09 17.05
N LYS A 64 30.40 -25.92 16.12
CA LYS A 64 30.04 -25.75 14.72
C LYS A 64 28.69 -26.35 14.34
N LEU A 65 28.19 -27.34 15.07
CA LEU A 65 26.85 -27.81 14.71
C LEU A 65 25.70 -26.87 15.11
N PRO A 66 25.72 -26.19 16.27
CA PRO A 66 24.73 -25.11 16.45
C PRO A 66 24.85 -23.98 15.44
N PHE A 67 26.07 -23.67 14.99
CA PHE A 67 26.21 -22.62 13.98
C PHE A 67 25.67 -23.09 12.64
N GLN A 68 25.85 -24.37 12.31
CA GLN A 68 25.32 -24.86 11.04
C GLN A 68 23.81 -24.94 11.07
N ARG A 69 23.24 -25.28 12.22
CA ARG A 69 21.78 -25.27 12.32
C ARG A 69 21.23 -23.84 12.31
N LEU A 70 22.00 -22.87 12.82
CA LEU A 70 21.58 -21.47 12.73
C LEU A 70 21.58 -20.97 11.29
N VAL A 71 22.62 -21.34 10.52
CA VAL A 71 22.69 -20.94 9.12
C VAL A 71 21.56 -21.56 8.32
N ARG A 72 21.27 -22.84 8.56
CA ARG A 72 20.17 -23.47 7.85
C ARG A 72 18.82 -22.90 8.26
N GLU A 73 18.68 -22.47 9.52
CA GLU A 73 17.45 -21.83 9.96
C GLU A 73 17.19 -20.53 9.23
N ILE A 74 18.17 -19.63 9.23
CA ILE A 74 17.89 -18.31 8.66
C ILE A 74 18.23 -18.27 7.17
N ALA A 75 18.54 -19.42 6.59
CA ALA A 75 18.47 -19.56 5.15
C ALA A 75 17.23 -20.30 4.68
N GLN A 76 16.48 -20.91 5.61
CA GLN A 76 15.18 -21.48 5.26
C GLN A 76 14.20 -20.41 4.79
N ASP A 77 14.27 -19.21 5.35
CA ASP A 77 13.25 -18.20 5.11
C ASP A 77 13.39 -17.49 3.78
N PHE A 78 14.44 -17.75 3.00
CA PHE A 78 14.61 -17.10 1.71
C PHE A 78 14.44 -18.04 0.54
N LYS A 79 14.58 -19.34 0.76
CA LYS A 79 14.47 -20.38 -0.24
C LYS A 79 14.39 -21.71 0.47
N THR A 80 13.49 -22.60 0.06
CA THR A 80 13.39 -23.90 0.70
C THR A 80 14.21 -24.92 -0.08
N ASP A 81 14.68 -25.93 0.66
CA ASP A 81 15.49 -27.05 0.16
C ASP A 81 16.78 -26.54 -0.51
N LEU A 82 17.61 -25.94 0.33
CA LEU A 82 18.96 -25.59 -0.06
C LEU A 82 19.94 -26.66 0.42
N ARG A 83 21.21 -26.49 0.05
CA ARG A 83 22.17 -27.56 0.25
C ARG A 83 23.55 -26.91 0.34
N PHE A 84 24.06 -26.76 1.55
CA PHE A 84 25.33 -26.07 1.77
C PHE A 84 26.50 -27.04 1.66
N GLN A 85 27.55 -26.61 0.97
CA GLN A 85 28.84 -27.26 1.11
C GLN A 85 29.42 -26.93 2.48
N SER A 86 30.38 -27.74 2.92
CA SER A 86 30.95 -27.54 4.26
C SER A 86 31.86 -26.33 4.31
N SER A 87 32.59 -26.07 3.21
CA SER A 87 33.52 -24.95 3.20
C SER A 87 32.79 -23.61 3.23
N ALA A 88 31.56 -23.54 2.71
CA ALA A 88 30.79 -22.31 2.82
C ALA A 88 30.39 -22.04 4.26
N VAL A 89 30.07 -23.08 5.02
CA VAL A 89 29.74 -22.92 6.42
C VAL A 89 30.98 -22.51 7.22
N MET A 90 32.14 -23.06 6.84
CA MET A 90 33.39 -22.62 7.46
C MET A 90 33.68 -21.15 7.18
N ALA A 91 33.40 -20.69 5.96
CA ALA A 91 33.66 -19.30 5.60
C ALA A 91 32.74 -18.36 6.36
N LEU A 92 31.46 -18.72 6.47
CA LEU A 92 30.53 -17.92 7.27
C LEU A 92 30.95 -17.86 8.73
N GLN A 93 31.47 -18.98 9.25
CA GLN A 93 31.91 -18.99 10.64
C GLN A 93 33.10 -18.07 10.86
N GLU A 94 34.07 -18.10 9.95
CA GLU A 94 35.26 -17.26 10.11
C GLU A 94 34.93 -15.78 9.97
N ALA A 95 34.03 -15.45 9.04
CA ALA A 95 33.65 -14.05 8.85
C ALA A 95 32.87 -13.52 10.05
N SER A 96 31.95 -14.31 10.59
CA SER A 96 31.17 -13.84 11.74
C SER A 96 32.02 -13.73 13.00
N GLU A 97 32.98 -14.65 13.15
CA GLU A 97 33.90 -14.56 14.29
C GLU A 97 34.76 -13.31 14.21
N ALA A 98 35.25 -12.98 13.01
CA ALA A 98 36.09 -11.78 12.87
C ALA A 98 35.28 -10.50 13.10
N TYR A 99 34.02 -10.49 12.64
CA TYR A 99 33.17 -9.33 12.86
C TYR A 99 32.88 -9.11 14.34
N LEU A 100 32.57 -10.18 15.07
CA LEU A 100 32.31 -10.01 16.50
C LEU A 100 33.55 -9.60 17.28
N VAL A 101 34.74 -10.10 16.89
CA VAL A 101 35.96 -9.71 17.57
C VAL A 101 36.25 -8.22 17.38
N ALA A 102 36.08 -7.72 16.15
CA ALA A 102 36.33 -6.30 15.90
C ALA A 102 35.31 -5.42 16.63
N LEU A 103 34.05 -5.89 16.70
CA LEU A 103 33.04 -5.14 17.43
C LEU A 103 33.34 -5.07 18.92
N PHE A 104 33.86 -6.15 19.50
CA PHE A 104 34.17 -6.11 20.92
C PHE A 104 35.43 -5.30 21.22
N GLU A 105 36.38 -5.23 20.29
CA GLU A 105 37.51 -4.31 20.49
C GLU A 105 37.06 -2.85 20.53
N ASP A 106 36.18 -2.46 19.59
CA ASP A 106 35.76 -1.07 19.60
C ASP A 106 34.81 -0.76 20.77
N THR A 107 34.05 -1.76 21.20
CA THR A 107 33.25 -1.60 22.40
C THR A 107 34.12 -1.42 23.64
N ASN A 108 35.24 -2.15 23.70
CA ASN A 108 36.18 -1.99 24.81
C ASN A 108 36.77 -0.59 24.83
N LEU A 109 37.07 -0.04 23.64
CA LEU A 109 37.56 1.34 23.57
C LEU A 109 36.55 2.33 24.11
N CYS A 110 35.27 2.16 23.73
CA CYS A 110 34.23 3.06 24.25
C CYS A 110 34.09 2.93 25.77
N ALA A 111 34.18 1.70 26.28
CA ALA A 111 33.98 1.48 27.71
C ALA A 111 35.13 2.03 28.53
N ILE A 112 36.36 1.95 28.02
CA ILE A 112 37.47 2.57 28.73
C ILE A 112 37.39 4.09 28.61
N HIS A 113 36.82 4.59 27.51
CA HIS A 113 36.65 6.03 27.37
C HIS A 113 35.64 6.59 28.37
N ALA A 114 34.60 5.84 28.69
CA ALA A 114 33.59 6.37 29.60
C ALA A 114 33.97 6.24 31.07
N LYS A 115 35.25 5.96 31.37
CA LYS A 115 35.79 5.84 32.73
C LYS A 115 35.08 4.73 33.51
N ARG A 116 34.75 3.65 32.82
CA ARG A 116 34.27 2.41 33.39
C ARG A 116 35.21 1.29 32.96
N VAL A 117 34.93 0.07 33.42
CA VAL A 117 35.72 -1.08 33.01
C VAL A 117 34.76 -2.10 32.38
N THR A 118 33.52 -2.10 32.84
CA THR A 118 32.50 -3.03 32.40
C THR A 118 32.01 -2.64 31.01
N ILE A 119 31.31 -3.55 30.34
CA ILE A 119 30.67 -3.29 29.05
C ILE A 119 29.16 -3.35 29.20
N MET A 120 28.47 -2.28 28.81
CA MET A 120 27.03 -2.18 28.81
C MET A 120 26.53 -2.01 27.38
N PRO A 121 25.28 -2.41 27.06
CA PRO A 121 24.87 -2.46 25.65
C PRO A 121 24.73 -1.10 24.97
N LYS A 122 24.67 -0.01 25.73
CA LYS A 122 24.73 1.29 25.10
C LYS A 122 26.09 1.56 24.47
N ASP A 123 27.15 0.88 24.93
CA ASP A 123 28.44 0.99 24.25
C ASP A 123 28.41 0.34 22.87
N ILE A 124 27.79 -0.84 22.75
CA ILE A 124 27.68 -1.50 21.45
C ILE A 124 26.81 -0.69 20.51
N GLN A 125 25.72 -0.13 21.03
CA GLN A 125 24.85 0.72 20.20
C GLN A 125 25.57 2.00 19.79
N LEU A 126 26.43 2.53 20.64
CA LEU A 126 27.24 3.69 20.28
C LEU A 126 28.25 3.35 19.19
N ALA A 127 28.88 2.18 19.28
CA ALA A 127 29.90 1.81 18.31
C ALA A 127 29.28 1.56 16.94
N ARG A 128 28.13 0.90 16.89
CA ARG A 128 27.48 0.73 15.60
C ARG A 128 26.79 2.00 15.12
N ARG A 129 26.57 2.99 15.99
CA ARG A 129 26.11 4.29 15.52
C ARG A 129 27.24 5.08 14.89
N ILE A 130 28.44 5.03 15.48
CA ILE A 130 29.54 5.86 14.99
C ILE A 130 30.14 5.28 13.73
N ARG A 131 30.23 3.94 13.63
CA ARG A 131 30.86 3.31 12.48
C ARG A 131 30.06 3.53 11.21
N GLY A 132 28.75 3.74 11.32
CA GLY A 132 27.96 4.06 10.15
C GLY A 132 27.26 2.84 9.58
N GLU A 133 26.62 2.07 10.46
CA GLU A 133 25.91 0.87 10.05
C GLU A 133 24.53 0.78 10.68
N ARG A 134 24.00 1.89 11.16
CA ARG A 134 22.69 1.89 11.81
C ARG A 134 21.95 3.20 11.58
N LYS B 20 10.58 -30.64 7.27
CA LYS B 20 11.77 -30.31 8.07
C LYS B 20 11.79 -28.82 8.40
N VAL B 21 11.16 -28.46 9.51
CA VAL B 21 11.03 -27.07 9.94
C VAL B 21 11.80 -26.93 11.25
N LEU B 22 12.58 -25.85 11.37
CA LEU B 22 13.37 -25.59 12.57
C LEU B 22 12.78 -24.40 13.33
N ARG B 23 13.01 -24.38 14.64
CA ARG B 23 12.32 -23.47 15.55
C ARG B 23 13.22 -22.48 16.27
N ASP B 24 14.47 -22.85 16.53
CA ASP B 24 15.33 -22.15 17.47
C ASP B 24 16.75 -22.17 16.91
N ASN B 25 17.71 -22.05 17.83
CA ASN B 25 19.17 -21.90 17.72
C ASN B 25 19.59 -20.45 17.54
N ILE B 26 18.67 -19.50 17.73
CA ILE B 26 19.17 -18.15 17.99
C ILE B 26 19.65 -18.08 19.44
N GLN B 27 19.14 -18.94 20.30
CA GLN B 27 19.68 -19.20 21.62
C GLN B 27 20.80 -20.24 21.56
N GLY B 28 20.97 -20.91 20.40
CA GLY B 28 21.96 -21.96 20.27
C GLY B 28 23.40 -21.47 20.38
N ILE B 29 23.66 -20.23 19.95
CA ILE B 29 24.94 -19.61 20.27
C ILE B 29 24.93 -19.33 21.77
N THR B 30 25.77 -20.04 22.50
CA THR B 30 25.64 -20.17 23.94
C THR B 30 26.10 -18.91 24.67
N LYS B 31 26.06 -18.99 25.99
CA LYS B 31 26.60 -17.95 26.87
C LYS B 31 28.12 -18.04 27.04
N PRO B 32 28.78 -19.21 27.21
CA PRO B 32 30.24 -19.18 27.27
C PRO B 32 30.93 -18.92 25.94
N ALA B 33 30.24 -18.97 24.81
CA ALA B 33 30.92 -18.71 23.54
C ALA B 33 31.13 -17.22 23.33
N ILE B 34 30.12 -16.40 23.66
CA ILE B 34 30.26 -14.96 23.57
C ILE B 34 31.29 -14.47 24.57
N ARG B 35 31.36 -15.14 25.72
CA ARG B 35 32.35 -14.82 26.73
C ARG B 35 33.76 -15.08 26.21
N ARG B 36 33.96 -16.17 25.48
CA ARG B 36 35.28 -16.44 24.93
C ARG B 36 35.62 -15.52 23.78
N LEU B 37 34.63 -15.13 22.96
CA LEU B 37 34.90 -14.16 21.91
C LEU B 37 35.31 -12.81 22.48
N ALA B 38 34.66 -12.40 23.56
CA ALA B 38 35.05 -11.15 24.19
C ALA B 38 36.42 -11.26 24.84
N ARG B 39 36.77 -12.43 25.39
CA ARG B 39 38.09 -12.50 25.96
C ARG B 39 39.18 -12.77 24.93
N ARG B 40 38.81 -13.08 23.69
CA ARG B 40 39.75 -12.95 22.59
C ARG B 40 39.88 -11.49 22.18
N GLY B 41 38.81 -10.71 22.29
CA GLY B 41 38.89 -9.32 21.90
C GLY B 41 39.64 -8.42 22.86
N GLY B 42 39.99 -8.92 24.04
CA GLY B 42 40.66 -8.08 25.03
C GLY B 42 39.69 -7.34 25.90
N VAL B 43 38.83 -8.08 26.60
CA VAL B 43 37.75 -7.54 27.42
C VAL B 43 37.81 -8.18 28.79
N LYS B 44 37.75 -7.36 29.84
CA LYS B 44 37.91 -7.89 31.19
C LYS B 44 36.60 -8.30 31.86
N ARG B 45 35.58 -7.44 31.83
CA ARG B 45 34.42 -7.63 32.70
C ARG B 45 33.15 -7.28 31.95
N ILE B 46 32.22 -8.22 31.86
CA ILE B 46 31.06 -8.14 30.98
C ILE B 46 29.78 -8.08 31.80
N SER B 47 28.87 -7.18 31.44
CA SER B 47 27.57 -7.13 32.10
C SER B 47 26.63 -8.18 31.51
N GLY B 48 25.34 -8.07 31.81
CA GLY B 48 24.42 -9.16 31.55
C GLY B 48 23.64 -9.14 30.25
N LEU B 49 23.23 -7.96 29.79
CA LEU B 49 22.37 -7.85 28.61
C LEU B 49 23.12 -8.01 27.30
N ILE B 50 24.44 -8.05 27.37
CA ILE B 50 25.33 -8.16 26.22
C ILE B 50 25.06 -9.45 25.45
N TYR B 51 24.57 -10.47 26.14
CA TYR B 51 24.30 -11.76 25.53
C TYR B 51 23.18 -11.67 24.49
N GLU B 52 22.02 -11.14 24.89
CA GLU B 52 20.92 -11.01 23.95
C GLU B 52 21.20 -9.96 22.88
N GLU B 53 21.90 -8.88 23.26
CA GLU B 53 22.25 -7.86 22.27
C GLU B 53 23.19 -8.40 21.20
N THR B 54 24.15 -9.24 21.60
CA THR B 54 25.09 -9.82 20.66
C THR B 54 24.42 -10.87 19.78
N ARG B 55 23.46 -11.62 20.34
CA ARG B 55 22.68 -12.54 19.50
C ARG B 55 21.92 -11.79 18.41
N GLY B 56 21.33 -10.65 18.76
CA GLY B 56 20.64 -9.84 17.77
C GLY B 56 21.57 -9.32 16.67
N VAL B 57 22.75 -8.83 17.07
CA VAL B 57 23.72 -8.31 16.11
C VAL B 57 24.20 -9.39 15.15
N LEU B 58 24.49 -10.59 15.68
CA LEU B 58 24.94 -11.69 14.84
C LEU B 58 23.87 -12.13 13.86
N LYS B 59 22.60 -12.13 14.29
CA LYS B 59 21.53 -12.51 13.38
C LYS B 59 21.36 -11.49 12.25
N VAL B 60 21.52 -10.20 12.55
CA VAL B 60 21.42 -9.16 11.52
C VAL B 60 22.53 -9.31 10.49
N PHE B 61 23.77 -9.53 10.94
CA PHE B 61 24.87 -9.65 9.99
C PHE B 61 24.75 -10.91 9.13
N LEU B 62 24.31 -12.02 9.72
CA LEU B 62 24.16 -13.21 8.91
C LEU B 62 23.02 -13.11 7.91
N GLU B 63 21.97 -12.34 8.22
CA GLU B 63 20.95 -12.09 7.20
C GLU B 63 21.51 -11.29 6.03
N ASN B 64 22.31 -10.26 6.35
CA ASN B 64 22.87 -9.44 5.28
C ASN B 64 23.90 -10.19 4.43
N VAL B 65 24.45 -11.30 4.91
CA VAL B 65 25.31 -12.09 4.02
C VAL B 65 24.50 -13.12 3.24
N ILE B 66 23.55 -13.79 3.90
CA ILE B 66 22.83 -14.88 3.26
C ILE B 66 21.91 -14.39 2.14
N ARG B 67 21.41 -13.14 2.22
CA ARG B 67 20.63 -12.59 1.10
C ARG B 67 21.42 -12.56 -0.20
N ASP B 68 22.65 -12.06 -0.15
CA ASP B 68 23.44 -11.97 -1.35
C ASP B 68 23.93 -13.33 -1.82
N ALA B 69 24.20 -14.25 -0.89
CA ALA B 69 24.61 -15.60 -1.27
C ALA B 69 23.49 -16.33 -2.01
N VAL B 70 22.27 -16.26 -1.47
CA VAL B 70 21.13 -16.90 -2.10
C VAL B 70 20.79 -16.25 -3.44
N THR B 71 20.99 -14.94 -3.57
CA THR B 71 20.71 -14.29 -4.85
C THR B 71 21.68 -14.73 -5.93
N TYR B 72 22.98 -14.83 -5.58
CA TYR B 72 23.95 -15.38 -6.53
C TYR B 72 23.61 -16.81 -6.93
N THR B 73 23.16 -17.60 -5.97
CA THR B 73 22.81 -18.99 -6.26
C THR B 73 21.62 -19.08 -7.19
N GLU B 74 20.54 -18.37 -6.88
CA GLU B 74 19.34 -18.42 -7.70
C GLU B 74 19.56 -17.83 -9.08
N HIS B 75 20.50 -16.90 -9.23
CA HIS B 75 20.81 -16.46 -10.59
C HIS B 75 21.61 -17.51 -11.33
N ALA B 76 22.52 -18.20 -10.66
CA ALA B 76 23.36 -19.17 -11.36
C ALA B 76 22.60 -20.42 -11.79
N LYS B 77 21.34 -20.58 -11.37
CA LYS B 77 20.49 -21.73 -11.65
C LYS B 77 21.14 -23.01 -11.13
N ARG B 78 21.27 -23.06 -9.82
CA ARG B 78 21.73 -24.23 -9.11
C ARG B 78 20.81 -24.42 -7.92
N LYS B 79 21.20 -25.30 -7.00
CA LYS B 79 20.52 -25.43 -5.73
C LYS B 79 21.48 -25.54 -4.56
N THR B 80 22.78 -25.40 -4.78
CA THR B 80 23.78 -25.58 -3.73
C THR B 80 24.59 -24.30 -3.57
N VAL B 81 24.59 -23.76 -2.35
CA VAL B 81 25.38 -22.58 -2.04
C VAL B 81 26.85 -22.98 -1.99
N THR B 82 27.64 -22.48 -2.93
CA THR B 82 29.06 -22.77 -2.94
C THR B 82 29.83 -21.67 -2.22
N ALA B 83 31.04 -22.02 -1.77
CA ALA B 83 31.82 -21.10 -0.93
C ALA B 83 32.31 -19.89 -1.71
N MET B 84 32.47 -20.02 -3.03
CA MET B 84 32.78 -18.88 -3.87
C MET B 84 31.71 -17.79 -3.78
N ASP B 85 30.46 -18.17 -3.59
CA ASP B 85 29.40 -17.18 -3.49
C ASP B 85 29.43 -16.46 -2.16
N VAL B 86 29.83 -17.15 -1.09
CA VAL B 86 30.00 -16.47 0.20
C VAL B 86 31.18 -15.50 0.13
N VAL B 87 32.24 -15.89 -0.57
CA VAL B 87 33.38 -14.98 -0.76
C VAL B 87 32.96 -13.75 -1.57
N TYR B 88 32.11 -13.94 -2.58
CA TYR B 88 31.69 -12.80 -3.40
C TYR B 88 30.72 -11.89 -2.66
N ALA B 89 29.86 -12.47 -1.82
CA ALA B 89 28.98 -11.65 -0.99
C ALA B 89 29.79 -10.82 -0.01
N LEU B 90 30.80 -11.41 0.61
CA LEU B 90 31.68 -10.64 1.49
C LEU B 90 32.51 -9.63 0.72
N LYS B 91 32.80 -9.90 -0.55
CA LYS B 91 33.48 -8.92 -1.38
C LYS B 91 32.61 -7.69 -1.60
N ARG B 92 31.32 -7.89 -1.85
CA ARG B 92 30.43 -6.74 -1.99
C ARG B 92 30.19 -6.01 -0.68
N GLN B 93 30.23 -6.73 0.44
CA GLN B 93 30.03 -6.04 1.71
C GLN B 93 31.18 -5.12 2.06
N GLY B 94 32.37 -5.38 1.54
CA GLY B 94 33.54 -4.62 1.89
C GLY B 94 34.42 -5.28 2.93
N ARG B 95 34.35 -6.61 3.04
CA ARG B 95 35.20 -7.38 3.95
C ARG B 95 35.76 -8.50 3.09
N THR B 96 36.88 -8.25 2.43
CA THR B 96 37.44 -9.24 1.54
C THR B 96 38.00 -10.40 2.36
N LEU B 97 37.71 -11.61 1.93
CA LEU B 97 38.13 -12.81 2.65
C LEU B 97 39.14 -13.56 1.81
N TYR B 98 40.26 -13.94 2.42
CA TYR B 98 41.29 -14.72 1.74
C TYR B 98 41.29 -16.12 2.29
N GLY B 99 41.46 -17.10 1.43
CA GLY B 99 41.67 -18.46 1.85
C GLY B 99 40.61 -19.46 1.46
N PHE B 100 39.76 -19.15 0.48
CA PHE B 100 38.83 -20.14 -0.01
C PHE B 100 38.72 -20.18 -1.53
N GLY B 101 39.07 -19.13 -2.25
CA GLY B 101 38.98 -19.14 -3.69
C GLY B 101 40.25 -18.69 -4.38
N ALA C 12 9.78 2.00 -44.67
CA ALA C 12 8.65 2.25 -43.77
C ALA C 12 8.86 3.54 -42.99
N LYS C 13 8.20 3.64 -41.84
CA LYS C 13 8.32 4.80 -40.98
C LYS C 13 9.45 4.58 -39.97
N ALA C 14 9.53 5.46 -38.96
CA ALA C 14 10.61 5.40 -37.98
C ALA C 14 10.05 5.79 -36.62
N LYS C 15 9.73 4.79 -35.80
CA LYS C 15 9.39 5.01 -34.40
C LYS C 15 10.66 4.88 -33.57
N THR C 16 10.87 5.83 -32.66
CA THR C 16 11.97 5.72 -31.72
C THR C 16 11.71 4.57 -30.76
N ARG C 17 12.79 4.00 -30.22
CA ARG C 17 12.61 2.88 -29.32
C ARG C 17 12.12 3.30 -27.95
N SER C 18 12.12 4.59 -27.63
CA SER C 18 11.47 5.04 -26.41
C SER C 18 9.96 4.92 -26.53
N SER C 19 9.38 5.58 -27.54
CA SER C 19 7.93 5.61 -27.70
C SER C 19 7.36 4.28 -28.19
N ARG C 20 8.20 3.34 -28.63
CA ARG C 20 7.70 2.01 -28.88
C ARG C 20 7.42 1.28 -27.57
N ALA C 21 8.18 1.59 -26.53
CA ALA C 21 8.03 0.91 -25.24
C ALA C 21 7.25 1.73 -24.23
N GLY C 22 6.96 2.99 -24.51
CA GLY C 22 6.19 3.80 -23.60
C GLY C 22 7.00 4.29 -22.41
N LEU C 23 8.17 4.81 -22.70
CA LEU C 23 9.09 5.31 -21.69
C LEU C 23 9.30 6.80 -21.88
N GLN C 24 10.27 7.35 -21.15
CA GLN C 24 10.64 8.73 -21.34
C GLN C 24 12.14 8.86 -21.59
N PHE C 25 12.95 8.03 -20.92
CA PHE C 25 14.38 8.04 -21.18
C PHE C 25 14.69 7.46 -22.54
N PRO C 26 15.82 7.84 -23.16
CA PRO C 26 16.19 7.24 -24.43
C PRO C 26 16.66 5.81 -24.23
N VAL C 27 16.72 5.08 -25.34
CA VAL C 27 17.15 3.69 -25.35
C VAL C 27 18.43 3.52 -26.17
N GLY C 28 18.52 4.19 -27.32
CA GLY C 28 19.73 4.11 -28.11
C GLY C 28 20.95 4.67 -27.43
N ARG C 29 20.77 5.70 -26.60
CA ARG C 29 21.90 6.26 -25.86
C ARG C 29 22.41 5.27 -24.82
N VAL C 30 21.51 4.59 -24.13
CA VAL C 30 21.89 3.57 -23.17
C VAL C 30 22.56 2.40 -23.87
N HIS C 31 22.09 2.04 -25.07
CA HIS C 31 22.67 0.92 -25.79
C HIS C 31 24.07 1.25 -26.28
N ARG C 32 24.30 2.49 -26.71
CA ARG C 32 25.63 2.89 -27.12
C ARG C 32 26.57 2.97 -25.92
N LEU C 33 26.06 3.42 -24.76
CA LEU C 33 26.91 3.46 -23.58
C LEU C 33 27.25 2.06 -23.08
N LEU C 34 26.38 1.08 -23.32
CA LEU C 34 26.76 -0.27 -22.93
C LEU C 34 27.76 -0.88 -23.91
N ARG C 35 27.61 -0.62 -25.21
CA ARG C 35 28.58 -1.19 -26.14
C ARG C 35 29.94 -0.50 -26.06
N LYS C 36 29.99 0.77 -25.67
CA LYS C 36 31.22 1.55 -25.70
C LYS C 36 31.68 1.93 -24.30
N GLY C 37 31.61 1.00 -23.38
CA GLY C 37 32.22 1.19 -22.07
C GLY C 37 33.08 -0.01 -21.75
N ASN C 38 33.01 -1.01 -22.63
CA ASN C 38 33.59 -2.32 -22.44
C ASN C 38 33.17 -2.94 -21.11
N TYR C 39 31.86 -3.13 -20.98
CA TYR C 39 31.29 -3.85 -19.86
C TYR C 39 31.21 -5.33 -20.17
N ALA C 40 30.90 -5.68 -21.41
CA ALA C 40 31.00 -7.04 -21.89
C ALA C 40 31.21 -7.00 -23.39
N GLU C 41 31.26 -8.17 -24.01
CA GLU C 41 31.52 -8.24 -25.44
C GLU C 41 30.25 -8.21 -26.26
N ARG C 42 29.15 -8.73 -25.74
CA ARG C 42 27.89 -8.81 -26.47
C ARG C 42 26.76 -8.37 -25.56
N VAL C 43 26.05 -7.33 -25.96
CA VAL C 43 24.93 -6.80 -25.19
C VAL C 43 23.65 -7.36 -25.78
N GLY C 44 22.80 -7.94 -24.94
CA GLY C 44 21.54 -8.48 -25.37
C GLY C 44 20.54 -7.41 -25.79
N ALA C 45 19.34 -7.88 -26.13
CA ALA C 45 18.36 -6.97 -26.72
C ALA C 45 17.56 -6.22 -25.67
N GLY C 46 17.04 -6.93 -24.67
CA GLY C 46 16.17 -6.29 -23.70
C GLY C 46 16.86 -5.49 -22.61
N ALA C 47 18.19 -5.61 -22.52
CA ALA C 47 18.93 -4.98 -21.42
C ALA C 47 18.85 -3.46 -21.39
N PRO C 48 19.03 -2.70 -22.49
CA PRO C 48 18.89 -1.25 -22.35
C PRO C 48 17.47 -0.81 -22.07
N VAL C 49 16.47 -1.57 -22.53
CA VAL C 49 15.08 -1.26 -22.20
C VAL C 49 14.83 -1.40 -20.72
N TYR C 50 15.27 -2.51 -20.14
CA TYR C 50 15.08 -2.76 -18.71
C TYR C 50 15.82 -1.73 -17.87
N LEU C 51 17.02 -1.35 -18.29
CA LEU C 51 17.80 -0.41 -17.50
C LEU C 51 17.28 1.01 -17.62
N ALA C 52 16.74 1.38 -18.78
CA ALA C 52 16.13 2.69 -18.93
C ALA C 52 14.87 2.79 -18.07
N ALA C 53 14.13 1.69 -17.95
CA ALA C 53 12.99 1.68 -17.05
C ALA C 53 13.40 1.88 -15.60
N VAL C 54 14.49 1.21 -15.18
CA VAL C 54 14.93 1.31 -13.79
C VAL C 54 15.38 2.73 -13.46
N LEU C 55 16.13 3.36 -14.38
CA LEU C 55 16.57 4.74 -14.15
C LEU C 55 15.40 5.71 -14.13
N GLU C 56 14.39 5.46 -14.96
CA GLU C 56 13.20 6.31 -14.95
C GLU C 56 12.45 6.21 -13.63
N TYR C 57 12.31 5.00 -13.09
CA TYR C 57 11.58 4.87 -11.83
C TYR C 57 12.34 5.52 -10.68
N LEU C 58 13.68 5.42 -10.67
CA LEU C 58 14.42 6.06 -9.59
C LEU C 58 14.36 7.58 -9.66
N THR C 59 14.42 8.14 -10.88
CA THR C 59 14.32 9.59 -11.02
C THR C 59 12.93 10.08 -10.64
N ALA C 60 11.89 9.31 -10.96
CA ALA C 60 10.54 9.70 -10.55
C ALA C 60 10.38 9.64 -9.04
N GLU C 61 10.99 8.63 -8.41
CA GLU C 61 10.87 8.45 -6.97
C GLU C 61 11.54 9.58 -6.21
N ILE C 62 12.66 10.09 -6.71
CA ILE C 62 13.30 11.18 -5.98
C ILE C 62 12.61 12.53 -6.28
N LEU C 63 12.14 12.74 -7.53
CA LEU C 63 11.55 14.03 -7.86
C LEU C 63 10.17 14.22 -7.23
N GLU C 64 9.46 13.13 -6.93
CA GLU C 64 8.20 13.22 -6.21
C GLU C 64 8.38 13.85 -4.83
N LEU C 65 9.32 13.32 -4.05
CA LEU C 65 9.56 13.83 -2.71
C LEU C 65 10.17 15.24 -2.75
N ALA C 66 11.00 15.51 -3.76
CA ALA C 66 11.55 16.84 -3.92
C ALA C 66 10.46 17.88 -4.17
N GLY C 67 9.52 17.57 -5.07
CA GLY C 67 8.42 18.48 -5.33
C GLY C 67 7.50 18.66 -4.15
N ASN C 68 7.31 17.60 -3.35
CA ASN C 68 6.50 17.73 -2.14
C ASN C 68 7.13 18.69 -1.15
N ALA C 69 8.44 18.56 -0.92
CA ALA C 69 9.10 19.50 -0.01
C ALA C 69 9.14 20.91 -0.57
N ALA C 70 9.24 21.05 -1.90
CA ALA C 70 9.27 22.38 -2.51
C ALA C 70 7.93 23.08 -2.39
N ARG C 71 6.83 22.32 -2.47
CA ARG C 71 5.54 22.92 -2.15
C ARG C 71 5.43 23.24 -0.66
N ASP C 72 6.03 22.40 0.19
CA ASP C 72 5.89 22.61 1.62
C ASP C 72 6.75 23.75 2.16
N ASN C 73 7.69 24.28 1.39
CA ASN C 73 8.36 25.51 1.78
C ASN C 73 7.92 26.72 0.98
N LYS C 74 6.73 26.66 0.37
CA LYS C 74 6.04 27.77 -0.30
C LYS C 74 6.79 28.34 -1.50
N LYS C 75 7.84 27.68 -1.97
CA LYS C 75 8.54 28.09 -3.17
C LYS C 75 7.88 27.43 -4.39
N THR C 76 8.48 27.65 -5.55
CA THR C 76 8.01 27.03 -6.79
C THR C 76 9.05 26.14 -7.42
N ARG C 77 10.28 26.61 -7.54
CA ARG C 77 11.33 25.83 -8.18
C ARG C 77 11.90 24.81 -7.19
N ILE C 78 12.95 24.12 -7.61
CA ILE C 78 13.66 23.16 -6.77
C ILE C 78 15.12 23.60 -6.71
N ILE C 79 15.58 23.93 -5.51
CA ILE C 79 16.97 24.29 -5.28
C ILE C 79 17.54 23.14 -4.45
N PRO C 80 18.86 22.92 -4.36
CA PRO C 80 19.36 21.67 -3.79
C PRO C 80 19.07 21.42 -2.33
N ARG C 81 18.65 22.43 -1.57
CA ARG C 81 18.21 22.19 -0.19
C ARG C 81 17.00 21.26 -0.16
N HIS C 82 16.11 21.38 -1.14
CA HIS C 82 14.96 20.50 -1.20
C HIS C 82 15.36 19.07 -1.52
N LEU C 83 16.37 18.88 -2.38
CA LEU C 83 16.85 17.54 -2.66
C LEU C 83 17.53 16.93 -1.44
N GLN C 84 18.26 17.75 -0.67
CA GLN C 84 18.89 17.26 0.54
C GLN C 84 17.85 16.83 1.57
N LEU C 85 16.78 17.61 1.73
CA LEU C 85 15.75 17.23 2.69
C LEU C 85 14.96 16.02 2.21
N ALA C 86 14.66 15.94 0.91
CA ALA C 86 13.86 14.84 0.42
C ALA C 86 14.65 13.55 0.32
N VAL C 87 15.97 13.61 0.34
CA VAL C 87 16.76 12.39 0.42
C VAL C 87 16.99 11.98 1.88
N ARG C 88 17.35 12.91 2.75
CA ARG C 88 17.68 12.49 4.11
C ARG C 88 16.46 12.28 5.00
N ASN C 89 15.29 12.78 4.62
CA ASN C 89 14.08 12.48 5.37
C ASN C 89 13.46 11.15 4.97
N ASP C 90 14.05 10.43 4.02
CA ASP C 90 13.45 9.20 3.54
C ASP C 90 13.99 8.03 4.36
N GLU C 91 13.72 6.81 3.93
CA GLU C 91 14.08 5.63 4.70
C GLU C 91 14.90 4.63 3.91
N GLU C 92 14.78 4.59 2.59
CA GLU C 92 15.58 3.70 1.76
C GLU C 92 16.48 4.44 0.80
N LEU C 93 16.11 5.65 0.36
CA LEU C 93 17.05 6.48 -0.38
C LEU C 93 18.19 6.94 0.50
N ASN C 94 17.99 7.01 1.81
CA ASN C 94 19.10 7.23 2.73
C ASN C 94 20.10 6.09 2.66
N LYS C 95 19.62 4.86 2.56
CA LYS C 95 20.52 3.72 2.50
C LYS C 95 21.16 3.59 1.13
N LEU C 96 20.48 4.04 0.07
CA LEU C 96 21.11 4.04 -1.24
C LEU C 96 22.18 5.13 -1.34
N LEU C 97 21.85 6.35 -0.94
CA LEU C 97 22.80 7.45 -0.92
C LEU C 97 23.37 7.63 0.49
N GLY C 98 24.10 6.61 0.94
CA GLY C 98 24.68 6.66 2.26
C GLY C 98 25.98 7.44 2.33
N ARG C 99 26.77 7.38 1.26
CA ARG C 99 28.11 7.97 1.28
C ARG C 99 28.23 9.05 0.22
N VAL C 100 27.22 9.93 0.11
CA VAL C 100 27.18 10.91 -0.96
C VAL C 100 26.90 12.27 -0.35
N THR C 101 27.77 13.22 -0.59
CA THR C 101 27.57 14.60 -0.18
C THR C 101 27.01 15.41 -1.34
N ILE C 102 25.77 15.87 -1.21
CA ILE C 102 25.21 16.82 -2.15
C ILE C 102 25.82 18.19 -1.86
N ALA C 103 26.47 18.77 -2.87
CA ALA C 103 27.01 20.11 -2.73
C ALA C 103 25.88 21.11 -2.60
N GLN C 104 26.17 22.22 -1.88
CA GLN C 104 25.19 23.24 -1.50
C GLN C 104 24.00 22.63 -0.75
N GLY C 105 24.25 21.61 0.06
CA GLY C 105 23.16 20.88 0.66
C GLY C 105 22.75 21.32 2.05
N GLY C 106 23.69 21.37 2.97
CA GLY C 106 23.35 21.57 4.36
C GLY C 106 22.86 20.28 5.00
N VAL C 107 22.51 20.39 6.28
CA VAL C 107 22.17 19.22 7.07
C VAL C 107 20.72 19.31 7.50
N LEU C 108 20.22 18.20 8.05
CA LEU C 108 18.90 18.18 8.64
C LEU C 108 18.89 18.97 9.93
N PRO C 109 17.76 19.54 10.29
CA PRO C 109 17.63 20.12 11.63
C PRO C 109 17.59 19.03 12.69
N ASN C 110 18.68 18.86 13.40
CA ASN C 110 18.80 17.78 14.39
C ASN C 110 19.50 18.33 15.62
N ILE C 111 18.83 18.23 16.77
CA ILE C 111 19.43 18.55 18.07
C ILE C 111 19.25 17.33 18.95
N GLN C 112 20.28 17.01 19.74
CA GLN C 112 20.20 15.90 20.67
C GLN C 112 19.29 16.23 21.85
N SER C 113 19.11 15.24 22.73
CA SER C 113 18.10 15.37 23.78
C SER C 113 18.54 16.31 24.90
N VAL C 114 19.64 15.97 25.58
CA VAL C 114 19.95 16.57 26.87
C VAL C 114 20.53 17.97 26.78
N LEU C 115 20.67 18.53 25.58
CA LEU C 115 21.21 19.88 25.47
C LEU C 115 20.20 20.92 25.94
N LEU C 116 18.92 20.71 25.65
CA LEU C 116 17.85 21.66 25.92
C LEU C 116 17.61 21.79 27.42
N PRO C 117 17.39 23.01 27.92
CA PRO C 117 17.07 23.18 29.34
C PRO C 117 15.66 22.69 29.65
N LYS C 118 15.45 22.32 30.90
CA LYS C 118 14.16 21.79 31.32
C LYS C 118 13.12 22.91 31.45
N THR D 29 31.46 21.66 -30.63
CA THR D 29 31.65 20.40 -29.91
C THR D 29 30.43 20.12 -29.04
N ARG D 30 29.85 18.93 -29.23
CA ARG D 30 28.55 18.60 -28.65
C ARG D 30 28.72 17.65 -27.48
N LYS D 31 28.26 18.08 -26.30
CA LYS D 31 28.30 17.27 -25.09
C LYS D 31 27.10 16.34 -25.06
N GLU D 32 26.90 15.67 -23.93
CA GLU D 32 25.72 14.86 -23.69
C GLU D 32 25.23 15.08 -22.27
N SER D 33 23.93 15.12 -22.09
CA SER D 33 23.34 15.37 -20.79
C SER D 33 21.95 14.76 -20.76
N TYR D 34 21.35 14.80 -19.57
CA TYR D 34 20.00 14.28 -19.37
C TYR D 34 19.04 15.36 -18.93
N ALA D 35 19.23 16.59 -19.42
CA ALA D 35 18.42 17.70 -18.93
C ALA D 35 16.99 17.63 -19.45
N ILE D 36 16.83 17.32 -20.75
CA ILE D 36 15.49 17.30 -21.34
C ILE D 36 14.66 16.16 -20.78
N TYR D 37 15.29 15.07 -20.35
CA TYR D 37 14.49 13.96 -19.87
C TYR D 37 14.06 14.17 -18.43
N VAL D 38 14.88 14.85 -17.64
CA VAL D 38 14.42 15.26 -16.31
C VAL D 38 13.35 16.33 -16.44
N TYR D 39 13.43 17.19 -17.47
CA TYR D 39 12.33 18.11 -17.80
C TYR D 39 11.04 17.35 -18.04
N LYS D 40 11.09 16.30 -18.88
CA LYS D 40 9.87 15.58 -19.22
C LYS D 40 9.30 14.81 -18.04
N VAL D 41 10.16 14.18 -17.24
CA VAL D 41 9.65 13.38 -16.12
C VAL D 41 9.12 14.28 -15.02
N LEU D 42 9.76 15.43 -14.80
CA LEU D 42 9.23 16.38 -13.82
C LEU D 42 7.92 16.98 -14.28
N LYS D 43 7.77 17.26 -15.58
CA LYS D 43 6.49 17.80 -16.02
C LYS D 43 5.41 16.73 -16.11
N GLN D 44 5.77 15.45 -16.13
CA GLN D 44 4.71 14.45 -15.96
C GLN D 44 4.29 14.32 -14.51
N VAL D 45 5.24 14.32 -13.57
CA VAL D 45 4.88 14.03 -12.18
C VAL D 45 4.44 15.28 -11.42
N HIS D 46 4.64 16.47 -11.98
CA HIS D 46 4.12 17.70 -11.42
C HIS D 46 3.75 18.64 -12.56
N PRO D 47 2.66 19.39 -12.42
CA PRO D 47 2.26 20.31 -13.48
C PRO D 47 3.18 21.48 -13.70
N ASP D 48 3.43 22.26 -12.65
CA ASP D 48 3.96 23.63 -12.81
C ASP D 48 5.09 23.91 -11.84
N THR D 49 6.06 23.00 -11.76
CA THR D 49 7.15 23.10 -10.80
C THR D 49 8.45 23.24 -11.57
N GLY D 50 9.07 24.41 -11.49
CA GLY D 50 10.33 24.64 -12.15
C GLY D 50 11.48 23.96 -11.45
N ILE D 51 12.66 24.06 -12.07
CA ILE D 51 13.85 23.41 -11.56
C ILE D 51 15.08 24.21 -11.98
N SER D 52 15.93 24.55 -11.02
CA SER D 52 17.09 25.38 -11.28
C SER D 52 18.19 24.56 -11.94
N SER D 53 19.31 25.22 -12.26
CA SER D 53 20.40 24.54 -12.96
C SER D 53 21.22 23.66 -12.03
N LYS D 54 21.33 24.06 -10.76
CA LYS D 54 22.09 23.30 -9.78
C LYS D 54 21.47 21.92 -9.58
N ALA D 55 20.15 21.87 -9.41
CA ALA D 55 19.47 20.59 -9.23
C ALA D 55 19.49 19.77 -10.50
N MET D 56 19.57 20.43 -11.66
CA MET D 56 19.68 19.67 -12.91
C MET D 56 21.05 19.00 -13.01
N SER D 57 22.11 19.69 -12.59
CA SER D 57 23.42 19.06 -12.58
C SER D 57 23.50 17.94 -11.54
N ILE D 58 22.81 18.11 -10.41
CA ILE D 58 22.73 17.06 -9.41
C ILE D 58 22.05 15.81 -9.98
N MET D 59 20.94 16.00 -10.69
CA MET D 59 20.24 14.84 -11.24
C MET D 59 21.01 14.18 -12.37
N ASN D 60 21.77 14.97 -13.14
CA ASN D 60 22.63 14.40 -14.17
C ASN D 60 23.70 13.50 -13.57
N SER D 61 24.38 13.98 -12.53
CA SER D 61 25.41 13.16 -11.89
C SER D 61 24.80 11.96 -11.19
N PHE D 62 23.58 12.12 -10.66
CA PHE D 62 22.90 11.01 -10.01
C PHE D 62 22.62 9.86 -10.98
N VAL D 63 22.11 10.18 -12.16
CA VAL D 63 21.77 9.13 -13.09
C VAL D 63 23.02 8.47 -13.66
N ASN D 64 24.10 9.26 -13.86
CA ASN D 64 25.37 8.64 -14.26
C ASN D 64 25.91 7.69 -13.19
N ASP D 65 25.72 8.03 -11.92
CA ASP D 65 26.22 7.20 -10.83
C ASP D 65 25.47 5.87 -10.75
N VAL D 66 24.13 5.93 -10.82
CA VAL D 66 23.33 4.71 -10.72
C VAL D 66 23.58 3.81 -11.92
N PHE D 67 23.75 4.42 -13.11
CA PHE D 67 24.06 3.63 -14.30
C PHE D 67 25.40 2.92 -14.19
N GLU D 68 26.40 3.58 -13.61
CA GLU D 68 27.71 2.94 -13.46
C GLU D 68 27.65 1.78 -12.48
N ARG D 69 26.93 1.95 -11.36
CA ARG D 69 26.85 0.86 -10.39
C ARG D 69 26.13 -0.37 -10.95
N ILE D 70 25.01 -0.15 -11.65
CA ILE D 70 24.24 -1.29 -12.16
C ILE D 70 25.00 -2.00 -13.27
N ALA D 71 25.68 -1.25 -14.13
CA ALA D 71 26.46 -1.92 -15.17
C ALA D 71 27.68 -2.63 -14.58
N GLY D 72 28.24 -2.13 -13.48
CA GLY D 72 29.36 -2.82 -12.86
C GLY D 72 28.97 -4.15 -12.27
N GLU D 73 27.84 -4.19 -11.55
CA GLU D 73 27.38 -5.47 -11.01
C GLU D 73 26.96 -6.44 -12.12
N ALA D 74 26.41 -5.91 -13.22
CA ALA D 74 26.06 -6.77 -14.34
C ALA D 74 27.29 -7.39 -14.98
N SER D 75 28.38 -6.61 -15.10
CA SER D 75 29.58 -7.16 -15.73
C SER D 75 30.26 -8.19 -14.82
N ARG D 76 30.24 -7.96 -13.50
CA ARG D 76 30.80 -8.96 -12.59
C ARG D 76 30.02 -10.26 -12.61
N LEU D 77 28.68 -10.19 -12.72
CA LEU D 77 27.92 -11.43 -12.83
C LEU D 77 28.17 -12.15 -14.15
N ALA D 78 28.23 -11.39 -15.25
CA ALA D 78 28.49 -12.00 -16.54
C ALA D 78 29.90 -12.58 -16.65
N HIS D 79 30.82 -12.14 -15.81
CA HIS D 79 32.11 -12.81 -15.76
C HIS D 79 32.13 -13.99 -14.79
N TYR D 80 31.34 -13.94 -13.71
CA TYR D 80 31.36 -15.06 -12.78
C TYR D 80 30.68 -16.30 -13.34
N ASN D 81 29.64 -16.13 -14.16
CA ASN D 81 29.04 -17.34 -14.72
C ASN D 81 29.81 -17.91 -15.92
N LYS D 82 30.88 -17.24 -16.35
CA LYS D 82 31.59 -17.52 -17.60
C LYS D 82 30.68 -17.48 -18.81
N ARG D 83 29.67 -16.62 -18.76
CA ARG D 83 28.90 -16.23 -19.93
C ARG D 83 29.66 -15.12 -20.65
N SER D 84 29.09 -14.61 -21.72
CA SER D 84 29.70 -13.48 -22.42
C SER D 84 28.65 -12.50 -22.89
N THR D 85 27.48 -12.46 -22.25
CA THR D 85 26.37 -11.69 -22.75
C THR D 85 25.57 -11.09 -21.62
N ILE D 86 25.49 -9.77 -21.57
CA ILE D 86 24.58 -9.08 -20.67
C ILE D 86 23.18 -9.15 -21.29
N THR D 87 22.33 -10.00 -20.73
CA THR D 87 20.93 -9.98 -21.08
C THR D 87 20.20 -9.07 -20.10
N SER D 88 18.86 -9.11 -20.11
CA SER D 88 18.12 -8.38 -19.10
C SER D 88 18.05 -9.15 -17.79
N ARG D 89 18.32 -10.45 -17.84
CA ARG D 89 18.32 -11.29 -16.65
C ARG D 89 19.34 -10.80 -15.63
N GLU D 90 20.55 -10.49 -16.11
CA GLU D 90 21.60 -10.03 -15.22
C GLU D 90 21.34 -8.62 -14.72
N ILE D 91 20.65 -7.80 -15.52
CA ILE D 91 20.26 -6.49 -15.04
C ILE D 91 19.25 -6.61 -13.92
N GLN D 92 18.33 -7.58 -14.03
CA GLN D 92 17.37 -7.83 -12.95
C GLN D 92 18.06 -8.32 -11.69
N THR D 93 19.03 -9.22 -11.83
CA THR D 93 19.75 -9.71 -10.66
C THR D 93 20.60 -8.60 -10.03
N ALA D 94 21.16 -7.71 -10.84
CA ALA D 94 21.94 -6.60 -10.32
C ALA D 94 21.07 -5.62 -9.55
N VAL D 95 19.90 -5.30 -10.08
CA VAL D 95 18.98 -4.40 -9.39
C VAL D 95 18.50 -5.01 -8.08
N ARG D 96 18.20 -6.31 -8.11
CA ARG D 96 17.76 -6.99 -6.89
C ARG D 96 18.85 -7.06 -5.85
N LEU D 97 20.12 -7.16 -6.27
CA LEU D 97 21.22 -7.10 -5.31
C LEU D 97 21.39 -5.70 -4.75
N LEU D 98 21.25 -4.68 -5.58
CA LEU D 98 21.81 -3.40 -5.22
C LEU D 98 20.80 -2.47 -4.57
N LEU D 99 19.50 -2.66 -4.78
CA LEU D 99 18.58 -1.72 -4.18
C LEU D 99 17.86 -2.34 -3.00
N PRO D 100 17.80 -1.67 -1.86
CA PRO D 100 17.36 -2.31 -0.61
C PRO D 100 15.86 -2.47 -0.49
N GLY D 101 15.39 -3.70 -0.64
CA GLY D 101 14.01 -4.04 -0.29
C GLY D 101 12.89 -3.52 -1.16
N GLU D 102 12.10 -2.59 -0.61
CA GLU D 102 10.86 -2.15 -1.23
C GLU D 102 11.10 -1.44 -2.56
N LEU D 103 12.20 -0.71 -2.66
CA LEU D 103 12.52 -0.03 -3.89
C LEU D 103 12.86 -1.03 -4.99
N ALA D 104 13.48 -2.15 -4.62
CA ALA D 104 13.68 -3.23 -5.58
C ALA D 104 12.36 -3.88 -5.96
N LYS D 105 11.47 -4.07 -4.99
CA LYS D 105 10.18 -4.70 -5.26
C LYS D 105 9.28 -3.85 -6.13
N HIS D 106 9.55 -2.55 -6.25
CA HIS D 106 8.85 -1.80 -7.29
C HIS D 106 9.61 -1.78 -8.62
N ALA D 107 10.94 -1.64 -8.57
CA ALA D 107 11.71 -1.43 -9.79
C ALA D 107 11.73 -2.65 -10.69
N VAL D 108 11.73 -3.86 -10.10
CA VAL D 108 11.71 -5.08 -10.91
C VAL D 108 10.41 -5.17 -11.71
N SER D 109 9.28 -4.86 -11.07
CA SER D 109 8.00 -4.88 -11.76
C SER D 109 7.93 -3.83 -12.86
N GLU D 110 8.48 -2.63 -12.61
CA GLU D 110 8.48 -1.59 -13.63
C GLU D 110 9.29 -2.00 -14.84
N GLY D 111 10.44 -2.63 -14.62
CA GLY D 111 11.24 -3.07 -15.75
C GLY D 111 10.59 -4.19 -16.54
N THR D 112 9.97 -5.15 -15.85
CA THR D 112 9.31 -6.26 -16.54
C THR D 112 8.15 -5.76 -17.39
N LYS D 113 7.41 -4.79 -16.86
CA LYS D 113 6.31 -4.20 -17.60
C LYS D 113 6.81 -3.46 -18.84
N ALA D 114 7.96 -2.78 -18.72
CA ALA D 114 8.50 -2.06 -19.86
C ALA D 114 8.96 -3.00 -20.97
N VAL D 115 9.58 -4.12 -20.61
CA VAL D 115 10.04 -5.05 -21.65
C VAL D 115 8.85 -5.74 -22.32
N THR D 116 7.84 -6.11 -21.54
CA THR D 116 6.67 -6.77 -22.10
C THR D 116 5.87 -5.82 -23.00
N CYS D 117 5.86 -4.52 -22.69
CA CYS D 117 5.31 -3.59 -23.67
C CYS D 117 6.23 -3.40 -24.87
N TYR D 118 7.55 -3.60 -24.69
CA TYR D 118 8.47 -3.41 -25.80
C TYR D 118 8.31 -4.47 -26.87
N THR D 119 7.92 -5.69 -26.47
CA THR D 119 7.89 -6.79 -27.43
C THR D 119 6.85 -6.59 -28.52
N SER D 120 5.58 -6.44 -28.15
CA SER D 120 4.53 -6.26 -29.14
C SER D 120 4.50 -4.82 -29.64
N PRO E 38 21.54 47.38 32.26
CA PRO E 38 22.25 46.29 31.58
C PRO E 38 21.32 45.18 31.13
N HIS E 39 21.80 44.30 30.26
CA HIS E 39 21.00 43.19 29.77
C HIS E 39 21.93 42.10 29.26
N ARG E 40 21.76 40.89 29.78
CA ARG E 40 22.54 39.75 29.35
C ARG E 40 21.63 38.52 29.27
N TYR E 41 22.01 37.57 28.43
CA TYR E 41 21.40 36.26 28.44
C TYR E 41 22.20 35.33 29.34
N ARG E 42 21.53 34.29 29.83
CA ARG E 42 22.24 33.19 30.45
C ARG E 42 22.92 32.36 29.37
N PRO E 43 24.04 31.70 29.69
CA PRO E 43 24.76 30.95 28.64
C PRO E 43 23.99 29.72 28.19
N GLY E 44 24.09 29.43 26.89
CA GLY E 44 23.35 28.38 26.25
C GLY E 44 22.25 28.87 25.34
N THR E 45 21.65 30.02 25.67
CA THR E 45 20.56 30.57 24.87
C THR E 45 21.06 31.01 23.50
N VAL E 46 22.19 31.71 23.47
CA VAL E 46 22.75 32.26 22.24
C VAL E 46 23.67 31.19 21.64
N ALA E 47 23.61 29.99 22.20
CA ALA E 47 24.06 28.80 21.48
C ALA E 47 22.92 28.17 20.69
N LEU E 48 21.79 27.93 21.37
CA LEU E 48 20.66 27.26 20.72
C LEU E 48 20.07 28.09 19.60
N ARG E 49 19.96 29.40 19.79
CA ARG E 49 19.91 30.26 18.63
C ARG E 49 21.35 30.48 18.18
N GLU E 50 21.51 30.55 16.85
CA GLU E 50 22.64 30.24 15.97
C GLU E 50 22.83 28.75 15.73
N ILE E 51 22.33 27.86 16.58
CA ILE E 51 22.23 26.47 16.14
C ILE E 51 21.08 26.31 15.16
N ARG E 52 19.91 26.84 15.52
CA ARG E 52 18.79 26.81 14.60
C ARG E 52 19.06 27.63 13.35
N ARG E 53 19.79 28.74 13.49
CA ARG E 53 20.10 29.61 12.37
C ARG E 53 21.09 28.95 11.40
N TYR E 54 22.16 28.35 11.91
CA TYR E 54 23.12 27.70 11.04
C TYR E 54 22.64 26.36 10.51
N GLN E 55 21.65 25.74 11.14
CA GLN E 55 21.04 24.59 10.50
C GLN E 55 20.04 24.98 9.44
N LYS E 56 19.45 26.18 9.52
CA LYS E 56 18.66 26.64 8.40
C LYS E 56 19.53 27.05 7.21
N SER E 57 20.42 28.03 7.41
CA SER E 57 21.16 28.60 6.29
C SER E 57 22.29 27.68 5.85
N THR E 58 22.49 27.58 4.52
CA THR E 58 23.46 26.66 3.92
C THR E 58 24.32 27.41 2.90
N GLU E 59 25.40 28.08 3.32
CA GLU E 59 26.27 28.55 2.25
C GLU E 59 27.75 28.14 2.25
N LEU E 60 28.60 28.71 3.11
CA LEU E 60 30.03 28.40 3.02
C LEU E 60 30.71 28.10 4.35
N LEU E 61 30.57 29.02 5.31
CA LEU E 61 31.12 29.02 6.67
C LEU E 61 32.65 29.13 6.74
N ILE E 62 33.36 29.18 5.61
CA ILE E 62 34.80 29.38 5.60
C ILE E 62 35.12 30.43 4.55
N ARG E 63 35.83 31.48 4.95
CA ARG E 63 36.19 32.55 4.05
C ARG E 63 37.16 32.04 2.97
N LYS E 64 36.82 32.31 1.71
CA LYS E 64 37.37 31.50 0.63
C LYS E 64 38.78 31.89 0.20
N LEU E 65 39.22 33.12 0.41
CA LEU E 65 40.61 33.41 0.06
C LEU E 65 41.66 32.80 1.01
N PRO E 66 41.46 32.76 2.34
CA PRO E 66 42.37 31.92 3.15
C PRO E 66 42.34 30.46 2.79
N PHE E 67 41.19 29.93 2.40
CA PHE E 67 41.15 28.53 2.00
C PHE E 67 41.87 28.30 0.68
N GLN E 68 41.79 29.27 -0.23
CA GLN E 68 42.50 29.11 -1.50
C GLN E 68 44.00 29.23 -1.31
N ARG E 69 44.43 30.11 -0.39
CA ARG E 69 45.86 30.18 -0.11
C ARG E 69 46.35 28.95 0.63
N LEU E 70 45.48 28.32 1.44
CA LEU E 70 45.87 27.06 2.09
C LEU E 70 46.03 25.93 1.08
N VAL E 71 45.12 25.85 0.10
CA VAL E 71 45.22 24.83 -0.93
C VAL E 71 46.47 25.03 -1.78
N ARG E 72 46.77 26.28 -2.15
CA ARG E 72 47.99 26.52 -2.91
C ARG E 72 49.24 26.27 -2.10
N GLU E 73 49.20 26.49 -0.78
CA GLU E 73 50.34 26.18 0.07
C GLU E 73 50.64 24.70 0.09
N ILE E 74 49.64 23.87 0.39
CA ILE E 74 49.94 22.45 0.56
C ILE E 74 49.80 21.70 -0.75
N ALA E 75 49.62 22.41 -1.84
CA ALA E 75 49.88 21.85 -3.15
C ALA E 75 51.19 22.32 -3.74
N GLN E 76 51.84 23.32 -3.14
CA GLN E 76 53.19 23.70 -3.54
C GLN E 76 54.19 22.56 -3.31
N ASP E 77 53.99 21.77 -2.25
CA ASP E 77 55.00 20.80 -1.83
C ASP E 77 55.02 19.54 -2.67
N PHE E 78 54.09 19.36 -3.61
CA PHE E 78 54.07 18.17 -4.44
C PHE E 78 54.44 18.44 -5.89
N LYS E 79 54.31 19.68 -6.33
CA LYS E 79 54.60 20.11 -7.69
C LYS E 79 54.62 21.64 -7.69
N THR E 80 55.61 22.23 -8.35
CA THR E 80 55.67 23.69 -8.41
C THR E 80 55.00 24.19 -9.67
N ASP E 81 54.46 25.41 -9.59
CA ASP E 81 53.78 26.12 -10.67
C ASP E 81 52.57 25.33 -11.17
N LEU E 82 51.61 25.18 -10.27
CA LEU E 82 50.31 24.63 -10.64
C LEU E 82 49.33 25.77 -10.86
N ARG E 83 48.11 25.41 -11.27
CA ARG E 83 47.16 26.40 -11.74
C ARG E 83 45.76 25.83 -11.53
N PHE E 84 45.08 26.28 -10.48
CA PHE E 84 43.78 25.74 -10.13
C PHE E 84 42.66 26.49 -10.84
N GLN E 85 41.70 25.74 -11.38
CA GLN E 85 40.44 26.35 -11.74
C GLN E 85 39.66 26.68 -10.47
N SER E 86 38.69 27.58 -10.61
CA SER E 86 37.94 28.03 -9.43
C SER E 86 36.98 26.96 -8.93
N SER E 87 36.39 26.18 -9.85
CA SER E 87 35.44 25.17 -9.45
C SER E 87 36.10 24.03 -8.68
N ALA E 88 37.39 23.77 -8.94
CA ALA E 88 38.09 22.76 -8.15
C ALA E 88 38.28 23.22 -6.72
N VAL E 89 38.54 24.51 -6.52
CA VAL E 89 38.68 25.05 -5.17
C VAL E 89 37.32 25.03 -4.46
N MET E 90 36.25 25.30 -5.20
CA MET E 90 34.90 25.17 -4.62
C MET E 90 34.61 23.74 -4.20
N ALA E 91 35.03 22.76 -5.01
CA ALA E 91 34.76 21.36 -4.69
C ALA E 91 35.54 20.92 -3.45
N LEU E 92 36.80 21.34 -3.35
CA LEU E 92 37.59 21.04 -2.16
C LEU E 92 36.99 21.68 -0.92
N GLN E 93 36.44 22.88 -1.07
CA GLN E 93 35.81 23.56 0.07
C GLN E 93 34.57 22.82 0.54
N GLU E 94 33.73 22.37 -0.40
CA GLU E 94 32.51 21.68 -0.01
C GLU E 94 32.80 20.33 0.62
N ALA E 95 33.81 19.61 0.09
CA ALA E 95 34.15 18.32 0.66
C ALA E 95 34.74 18.44 2.05
N SER E 96 35.61 19.43 2.27
CA SER E 96 36.21 19.59 3.59
C SER E 96 35.19 20.06 4.61
N GLU E 97 34.26 20.92 4.19
CA GLU E 97 33.19 21.35 5.09
C GLU E 97 32.31 20.18 5.50
N ALA E 98 31.96 19.31 4.56
CA ALA E 98 31.12 18.16 4.90
C ALA E 98 31.84 17.18 5.82
N TYR E 99 33.14 17.00 5.59
CA TYR E 99 33.91 16.10 6.44
C TYR E 99 34.00 16.62 7.88
N LEU E 100 34.25 17.92 8.05
CA LEU E 100 34.30 18.46 9.40
C LEU E 100 32.95 18.44 10.10
N VAL E 101 31.86 18.66 9.36
CA VAL E 101 30.54 18.61 9.99
C VAL E 101 30.22 17.19 10.48
N ALA E 102 30.53 16.17 9.67
CA ALA E 102 30.28 14.80 10.11
C ALA E 102 31.15 14.43 11.30
N LEU E 103 32.40 14.89 11.32
CA LEU E 103 33.29 14.61 12.43
C LEU E 103 32.78 15.27 13.72
N PHE E 104 32.23 16.47 13.64
CA PHE E 104 31.73 17.10 14.85
C PHE E 104 30.41 16.50 15.33
N GLU E 105 29.59 15.95 14.42
CA GLU E 105 28.41 15.22 14.89
C GLU E 105 28.80 13.97 15.67
N ASP E 106 29.78 13.21 15.17
CA ASP E 106 30.15 11.99 15.90
C ASP E 106 30.92 12.32 17.18
N THR E 107 31.65 13.43 17.19
CA THR E 107 32.28 13.89 18.43
C THR E 107 31.24 14.30 19.47
N ASN E 108 30.15 14.93 19.02
CA ASN E 108 29.07 15.28 19.93
C ASN E 108 28.43 14.05 20.53
N LEU E 109 28.26 12.99 19.72
CA LEU E 109 27.73 11.73 20.25
C LEU E 109 28.64 11.14 21.33
N CYS E 110 29.96 11.15 21.10
CA CYS E 110 30.89 10.66 22.12
C CYS E 110 30.84 11.50 23.39
N ALA E 111 30.72 12.83 23.24
CA ALA E 111 30.73 13.71 24.40
C ALA E 111 29.46 13.58 25.22
N ILE E 112 28.32 13.36 24.58
CA ILE E 112 27.10 13.12 25.34
C ILE E 112 27.14 11.74 25.96
N HIS E 113 27.83 10.79 25.33
CA HIS E 113 27.96 9.47 25.93
C HIS E 113 28.81 9.48 27.19
N ALA E 114 29.83 10.33 27.25
CA ALA E 114 30.68 10.33 28.43
C ALA E 114 30.11 11.14 29.59
N LYS E 115 28.82 11.49 29.55
CA LYS E 115 28.11 12.23 30.59
C LYS E 115 28.75 13.60 30.84
N ARG E 116 29.20 14.23 29.76
CA ARG E 116 29.66 15.60 29.72
C ARG E 116 28.82 16.36 28.70
N VAL E 117 29.08 17.64 28.55
CA VAL E 117 28.39 18.43 27.53
C VAL E 117 29.46 19.06 26.63
N THR E 118 30.63 19.31 27.20
CA THR E 118 31.73 19.96 26.51
C THR E 118 32.40 18.96 25.56
N ILE E 119 33.22 19.47 24.63
CA ILE E 119 34.01 18.64 23.73
C ILE E 119 35.48 18.82 24.03
N MET E 120 36.17 17.71 24.29
CA MET E 120 37.61 17.66 24.54
C MET E 120 38.29 16.85 23.44
N PRO E 121 39.57 17.09 23.15
CA PRO E 121 40.18 16.47 21.95
C PRO E 121 40.35 14.96 22.04
N LYS E 122 40.27 14.36 23.22
CA LYS E 122 40.24 12.91 23.29
C LYS E 122 38.97 12.33 22.70
N ASP E 123 37.89 13.11 22.62
CA ASP E 123 36.70 12.67 21.91
C ASP E 123 36.94 12.57 20.41
N ILE E 124 37.62 13.56 19.82
CA ILE E 124 37.92 13.52 18.40
C ILE E 124 38.88 12.39 18.08
N GLN E 125 39.88 12.18 18.95
CA GLN E 125 40.80 11.07 18.75
C GLN E 125 40.09 9.73 18.90
N LEU E 126 39.11 9.64 19.79
CA LEU E 126 38.31 8.43 19.92
C LEU E 126 37.48 8.17 18.68
N ALA E 127 36.88 9.22 18.12
CA ALA E 127 36.02 9.04 16.96
C ALA E 127 36.81 8.63 15.73
N ARG E 128 37.99 9.21 15.53
CA ARG E 128 38.81 8.77 14.42
C ARG E 128 39.52 7.44 14.69
N ARG E 129 39.58 7.02 15.95
CA ARG E 129 40.04 5.66 16.23
C ARG E 129 38.98 4.62 15.90
N ILE E 130 37.72 4.90 16.23
CA ILE E 130 36.66 3.91 16.05
C ILE E 130 36.27 3.80 14.59
N ARG E 131 36.23 4.92 13.87
CA ARG E 131 35.78 4.91 12.49
C ARG E 131 36.74 4.13 11.58
N GLY E 132 38.01 4.04 11.95
CA GLY E 132 38.94 3.23 11.21
C GLY E 132 39.75 4.04 10.23
N GLU E 133 40.31 5.16 10.70
CA GLU E 133 41.11 6.04 9.87
C GLU E 133 42.39 6.46 10.56
N ARG E 134 42.82 5.73 11.58
CA ARG E 134 44.02 6.10 12.32
C ARG E 134 44.74 4.86 12.85
N VAL F 21 57.04 32.61 -2.67
CA VAL F 21 56.70 31.46 -1.83
C VAL F 21 55.59 31.86 -0.86
N LEU F 22 54.69 30.92 -0.57
CA LEU F 22 53.60 31.12 0.37
C LEU F 22 53.72 30.09 1.48
N ARG F 23 53.49 30.53 2.72
CA ARG F 23 53.66 29.65 3.87
C ARG F 23 52.85 30.19 5.05
N ASP F 24 52.61 29.29 6.01
CA ASP F 24 51.85 29.54 7.23
C ASP F 24 50.45 30.08 6.92
N ASN F 25 49.68 29.27 6.23
CA ASN F 25 48.29 29.62 5.92
C ASN F 25 47.31 28.84 6.77
N ILE F 26 47.79 28.01 7.69
CA ILE F 26 46.89 27.22 8.54
C ILE F 26 46.22 28.08 9.60
N GLN F 27 46.67 29.31 9.78
CA GLN F 27 45.94 30.27 10.59
C GLN F 27 44.76 30.88 9.86
N GLY F 28 44.54 30.52 8.60
CA GLY F 28 43.36 31.01 7.90
C GLY F 28 42.08 30.39 8.40
N ILE F 29 42.15 29.16 8.89
CA ILE F 29 40.99 28.52 9.50
C ILE F 29 40.95 29.03 10.93
N THR F 30 40.32 30.18 11.13
CA THR F 30 40.46 30.94 12.35
C THR F 30 39.59 30.38 13.46
N LYS F 31 39.54 31.11 14.56
CA LYS F 31 38.75 30.70 15.71
C LYS F 31 37.23 30.74 15.50
N PRO F 32 36.60 31.74 14.82
CA PRO F 32 35.15 31.64 14.67
C PRO F 32 34.68 30.62 13.65
N ALA F 33 35.50 30.29 12.64
CA ALA F 33 35.02 29.42 11.57
C ALA F 33 34.86 27.99 12.06
N ILE F 34 35.80 27.51 12.88
CA ILE F 34 35.65 26.21 13.51
C ILE F 34 34.47 26.24 14.48
N ARG F 35 34.26 27.37 15.13
CA ARG F 35 33.11 27.54 16.01
C ARG F 35 31.81 27.46 15.23
N ARG F 36 31.76 28.04 14.03
CA ARG F 36 30.51 27.99 13.25
C ARG F 36 30.26 26.60 12.67
N LEU F 37 31.31 25.90 12.27
CA LEU F 37 31.14 24.51 11.84
C LEU F 37 30.66 23.63 12.98
N ALA F 38 31.15 23.90 14.19
CA ALA F 38 30.68 23.14 15.34
C ALA F 38 29.23 23.46 15.68
N ARG F 39 28.82 24.73 15.50
CA ARG F 39 27.42 25.06 15.75
C ARG F 39 26.50 24.44 14.72
N ARG F 40 26.99 24.27 13.49
CA ARG F 40 26.21 23.49 12.54
C ARG F 40 26.17 22.02 12.93
N GLY F 41 27.24 21.53 13.57
CA GLY F 41 27.24 20.14 14.01
C GLY F 41 26.30 19.83 15.16
N GLY F 42 25.75 20.84 15.82
CA GLY F 42 24.87 20.61 16.95
C GLY F 42 25.62 20.48 18.26
N VAL F 43 26.39 21.49 18.61
CA VAL F 43 27.33 21.43 19.72
C VAL F 43 27.08 22.60 20.67
N LYS F 44 26.89 22.29 21.94
CA LYS F 44 26.66 23.33 22.94
C LYS F 44 27.93 24.11 23.25
N ARG F 45 28.97 23.42 23.72
CA ARG F 45 30.08 24.09 24.39
C ARG F 45 31.41 23.48 23.99
N ILE F 46 32.30 24.31 23.46
CA ILE F 46 33.59 23.88 22.94
C ILE F 46 34.67 24.20 23.96
N SER F 47 35.64 23.30 24.12
CA SER F 47 36.81 23.60 24.94
C SER F 47 37.85 24.32 24.09
N GLY F 48 39.08 24.40 24.60
CA GLY F 48 40.11 25.23 23.99
C GLY F 48 41.23 24.53 23.26
N LEU F 49 41.16 23.22 23.06
CA LEU F 49 42.19 22.50 22.33
C LEU F 49 41.71 22.03 20.98
N ILE F 50 40.41 22.17 20.72
CA ILE F 50 39.77 21.64 19.53
C ILE F 50 40.25 22.39 18.30
N TYR F 51 40.70 23.63 18.47
CA TYR F 51 41.22 24.41 17.35
C TYR F 51 42.52 23.81 16.81
N GLU F 52 43.46 23.49 17.71
CA GLU F 52 44.70 22.82 17.33
C GLU F 52 44.42 21.49 16.66
N GLU F 53 43.57 20.67 17.30
CA GLU F 53 43.30 19.35 16.75
C GLU F 53 42.57 19.41 15.42
N THR F 54 41.69 20.40 15.25
CA THR F 54 40.90 20.52 14.03
C THR F 54 41.75 20.97 12.86
N ARG F 55 42.70 21.89 13.11
CA ARG F 55 43.64 22.27 12.06
C ARG F 55 44.48 21.09 11.61
N GLY F 56 44.90 20.24 12.57
CA GLY F 56 45.64 19.04 12.19
C GLY F 56 44.85 18.07 11.32
N VAL F 57 43.59 17.84 11.71
CA VAL F 57 42.72 16.90 10.99
C VAL F 57 42.44 17.40 9.57
N LEU F 58 42.12 18.70 9.45
CA LEU F 58 41.81 19.29 8.16
C LEU F 58 43.01 19.28 7.23
N LYS F 59 44.21 19.50 7.77
CA LYS F 59 45.41 19.45 6.93
C LYS F 59 45.68 18.04 6.44
N VAL F 60 45.45 17.02 7.27
CA VAL F 60 45.66 15.64 6.83
C VAL F 60 44.68 15.27 5.72
N PHE F 61 43.41 15.69 5.86
CA PHE F 61 42.43 15.36 4.84
C PHE F 61 42.71 16.07 3.51
N LEU F 62 43.08 17.35 3.56
CA LEU F 62 43.40 18.05 2.31
C LEU F 62 44.64 17.50 1.64
N GLU F 63 45.62 17.01 2.41
CA GLU F 63 46.77 16.35 1.80
C GLU F 63 46.35 15.08 1.08
N ASN F 64 45.51 14.26 1.73
CA ASN F 64 45.14 13.01 1.09
C ASN F 64 44.17 13.16 -0.07
N VAL F 65 43.58 14.34 -0.26
CA VAL F 65 42.82 14.55 -1.50
C VAL F 65 43.70 15.15 -2.60
N ILE F 66 44.52 16.15 -2.25
CA ILE F 66 45.29 16.86 -3.27
C ILE F 66 46.38 15.97 -3.86
N ARG F 67 46.87 14.96 -3.12
CA ARG F 67 47.84 14.03 -3.70
C ARG F 67 47.27 13.27 -4.89
N ASP F 68 46.06 12.72 -4.74
CA ASP F 68 45.46 11.99 -5.85
C ASP F 68 45.02 12.91 -6.97
N ALA F 69 44.60 14.15 -6.64
CA ALA F 69 44.23 15.10 -7.69
C ALA F 69 45.42 15.47 -8.55
N VAL F 70 46.56 15.79 -7.91
CA VAL F 70 47.77 16.15 -8.63
C VAL F 70 48.31 14.96 -9.40
N THR F 71 48.09 13.73 -8.91
CA THR F 71 48.54 12.57 -9.66
C THR F 71 47.73 12.36 -10.94
N TYR F 72 46.41 12.58 -10.88
CA TYR F 72 45.61 12.55 -12.11
C TYR F 72 46.04 13.62 -13.09
N THR F 73 46.34 14.82 -12.57
CA THR F 73 46.72 15.92 -13.45
C THR F 73 48.07 15.67 -14.12
N GLU F 74 49.04 15.16 -13.36
CA GLU F 74 50.34 14.84 -13.95
C GLU F 74 50.25 13.65 -14.89
N HIS F 75 49.27 12.77 -14.71
CA HIS F 75 49.08 11.75 -15.74
C HIS F 75 48.50 12.31 -17.01
N ALA F 76 47.64 13.32 -16.91
CA ALA F 76 47.01 13.86 -18.10
C ALA F 76 47.93 14.75 -18.93
N LYS F 77 49.18 14.96 -18.48
CA LYS F 77 50.18 15.83 -19.11
C LYS F 77 49.70 17.26 -19.26
N ARG F 78 48.80 17.68 -18.39
CA ARG F 78 48.35 19.06 -18.36
C ARG F 78 49.00 19.76 -17.18
N LYS F 79 48.68 21.03 -17.00
CA LYS F 79 49.20 21.79 -15.86
C LYS F 79 48.08 22.52 -15.14
N THR F 80 46.85 22.03 -15.24
CA THR F 80 45.70 22.72 -14.71
C THR F 80 44.81 21.72 -13.98
N VAL F 81 44.68 21.88 -12.67
CA VAL F 81 43.81 21.01 -11.88
C VAL F 81 42.38 21.45 -12.10
N THR F 82 41.58 20.62 -12.77
CA THR F 82 40.20 20.93 -13.03
C THR F 82 39.34 20.41 -11.88
N ALA F 83 38.02 20.52 -12.02
CA ALA F 83 37.14 20.02 -10.97
C ALA F 83 36.88 18.53 -11.11
N MET F 84 36.96 18.01 -12.33
CA MET F 84 36.73 16.59 -12.56
C MET F 84 37.76 15.72 -11.85
N ASP F 85 38.98 16.23 -11.68
CA ASP F 85 39.99 15.44 -11.01
C ASP F 85 39.75 15.38 -9.51
N VAL F 86 39.27 16.49 -8.93
CA VAL F 86 38.91 16.48 -7.52
C VAL F 86 37.71 15.56 -7.29
N VAL F 87 36.78 15.54 -8.24
CA VAL F 87 35.64 14.62 -8.12
C VAL F 87 36.09 13.16 -8.25
N TYR F 88 37.10 12.89 -9.08
CA TYR F 88 37.59 11.51 -9.19
C TYR F 88 38.34 11.07 -7.95
N ALA F 89 39.09 11.99 -7.33
CA ALA F 89 39.76 11.68 -6.08
C ALA F 89 38.77 11.40 -4.96
N LEU F 90 37.74 12.25 -4.84
CA LEU F 90 36.71 12.03 -3.85
C LEU F 90 35.85 10.80 -4.14
N LYS F 91 35.79 10.36 -5.40
CA LYS F 91 35.15 9.08 -5.68
C LYS F 91 36.00 7.93 -5.18
N ARG F 92 37.33 8.00 -5.40
CA ARG F 92 38.20 6.93 -4.91
C ARG F 92 38.23 6.85 -3.39
N GLN F 93 38.08 7.98 -2.70
CA GLN F 93 38.01 7.90 -1.25
C GLN F 93 36.70 7.29 -0.76
N GLY F 94 35.69 7.20 -1.63
CA GLY F 94 34.40 6.68 -1.25
C GLY F 94 33.56 7.77 -0.64
N ARG F 95 33.57 8.95 -1.26
CA ARG F 95 32.79 10.07 -0.74
C ARG F 95 31.85 10.72 -1.74
N THR F 96 32.11 10.58 -3.05
CA THR F 96 31.11 10.66 -4.13
C THR F 96 30.39 12.02 -4.14
N LEU F 97 31.15 13.05 -4.49
CA LEU F 97 30.59 14.39 -4.51
C LEU F 97 29.68 14.57 -5.72
N TYR F 98 28.48 15.09 -5.49
CA TYR F 98 27.54 15.45 -6.56
C TYR F 98 27.46 16.95 -6.68
N GLY F 99 27.45 17.44 -7.91
CA GLY F 99 27.24 18.83 -8.17
C GLY F 99 28.37 19.55 -8.87
N PHE F 100 29.30 18.83 -9.46
CA PHE F 100 30.33 19.45 -10.29
C PHE F 100 30.61 18.54 -11.46
N GLY F 101 30.52 19.09 -12.67
CA GLY F 101 30.77 18.31 -13.87
C GLY F 101 29.76 17.21 -14.12
N ALA G 14 63.32 -21.44 -28.20
CA ALA G 14 62.29 -20.70 -27.49
C ALA G 14 62.90 -19.51 -26.76
N LYS G 15 62.06 -18.63 -26.25
CA LYS G 15 62.53 -17.40 -25.60
C LYS G 15 62.05 -17.25 -24.16
N THR G 16 60.78 -17.59 -23.89
CA THR G 16 60.16 -17.56 -22.56
C THR G 16 60.25 -16.19 -21.91
N ARG G 17 59.45 -15.23 -22.42
CA ARG G 17 59.61 -13.77 -22.28
C ARG G 17 59.99 -13.28 -20.88
N SER G 18 59.59 -14.02 -19.83
CA SER G 18 60.07 -13.73 -18.48
C SER G 18 61.59 -13.84 -18.38
N SER G 19 62.18 -14.79 -19.10
CA SER G 19 63.63 -14.91 -19.11
C SER G 19 64.29 -13.75 -19.85
N ARG G 20 63.61 -13.22 -20.87
CA ARG G 20 64.10 -12.00 -21.50
C ARG G 20 63.99 -10.82 -20.54
N ALA G 21 63.00 -10.83 -19.66
CA ALA G 21 62.85 -9.78 -18.67
C ALA G 21 63.72 -10.00 -17.44
N GLY G 22 63.98 -11.24 -17.07
CA GLY G 22 64.70 -11.51 -15.84
C GLY G 22 63.78 -11.47 -14.64
N LEU G 23 62.67 -12.19 -14.71
CA LEU G 23 61.68 -12.23 -13.65
C LEU G 23 61.37 -13.68 -13.30
N GLN G 24 60.39 -13.87 -12.43
CA GLN G 24 59.93 -15.19 -12.03
C GLN G 24 58.46 -15.42 -12.35
N PHE G 25 57.62 -14.43 -12.09
CA PHE G 25 56.23 -14.48 -12.53
C PHE G 25 56.15 -14.47 -14.05
N PRO G 26 55.14 -15.12 -14.63
CA PRO G 26 55.07 -15.21 -16.09
C PRO G 26 54.56 -13.90 -16.67
N VAL G 27 54.70 -13.79 -17.99
CA VAL G 27 54.23 -12.64 -18.73
C VAL G 27 53.06 -13.00 -19.63
N GLY G 28 53.09 -14.20 -20.21
CA GLY G 28 52.02 -14.61 -21.10
C GLY G 28 50.70 -14.80 -20.39
N ARG G 29 50.74 -15.27 -19.14
CA ARG G 29 49.50 -15.44 -18.39
C ARG G 29 48.92 -14.09 -17.99
N VAL G 30 49.76 -13.12 -17.67
CA VAL G 30 49.27 -11.78 -17.36
C VAL G 30 48.70 -11.12 -18.61
N HIS G 31 49.34 -11.37 -19.77
CA HIS G 31 48.84 -10.84 -21.03
C HIS G 31 47.50 -11.46 -21.40
N ARG G 32 47.32 -12.74 -21.12
CA ARG G 32 46.06 -13.41 -21.41
C ARG G 32 44.97 -12.93 -20.46
N LEU G 33 45.31 -12.70 -19.19
CA LEU G 33 44.31 -12.19 -18.26
C LEU G 33 43.97 -10.73 -18.52
N LEU G 34 44.84 -9.97 -19.17
CA LEU G 34 44.42 -8.64 -19.58
C LEU G 34 43.61 -8.67 -20.87
N ARG G 35 43.88 -9.62 -21.77
CA ARG G 35 43.07 -9.68 -22.98
C ARG G 35 41.79 -10.48 -22.83
N LYS G 36 41.56 -11.07 -21.66
CA LYS G 36 40.32 -11.82 -21.49
C LYS G 36 39.31 -11.10 -20.60
N GLY G 37 39.77 -10.37 -19.60
CA GLY G 37 38.88 -9.74 -18.66
C GLY G 37 38.16 -8.50 -19.14
N ASN G 38 38.37 -8.09 -20.39
CA ASN G 38 37.75 -6.90 -21.00
C ASN G 38 38.05 -5.64 -20.20
N TYR G 39 39.33 -5.43 -19.94
CA TYR G 39 39.74 -4.26 -19.17
C TYR G 39 39.93 -3.04 -20.05
N ALA G 40 40.35 -3.24 -21.29
CA ALA G 40 40.34 -2.18 -22.29
C ALA G 40 40.29 -2.82 -23.66
N GLU G 41 40.34 -1.97 -24.69
CA GLU G 41 40.23 -2.47 -26.05
C GLU G 41 41.51 -3.12 -26.52
N ARG G 42 42.66 -2.56 -26.16
CA ARG G 42 43.95 -3.09 -26.58
C ARG G 42 44.93 -3.02 -25.42
N VAL G 43 45.76 -4.05 -25.29
CA VAL G 43 46.73 -4.16 -24.21
C VAL G 43 48.12 -3.92 -24.80
N GLY G 44 48.85 -2.97 -24.22
CA GLY G 44 50.18 -2.66 -24.68
C GLY G 44 51.18 -3.77 -24.44
N ALA G 45 52.41 -3.52 -24.87
CA ALA G 45 53.45 -4.54 -24.74
C ALA G 45 54.20 -4.43 -23.41
N GLY G 46 54.55 -3.22 -22.98
CA GLY G 46 55.29 -3.06 -21.76
C GLY G 46 54.46 -3.26 -20.50
N ALA G 47 53.14 -3.07 -20.60
CA ALA G 47 52.27 -3.14 -19.42
C ALA G 47 52.24 -4.49 -18.72
N PRO G 48 52.13 -5.66 -19.39
CA PRO G 48 52.17 -6.90 -18.61
C PRO G 48 53.52 -7.19 -17.97
N VAL G 49 54.63 -6.78 -18.60
CA VAL G 49 55.94 -6.96 -17.99
C VAL G 49 56.06 -6.11 -16.73
N TYR G 50 55.62 -4.84 -16.83
CA TYR G 50 55.65 -3.94 -15.69
C TYR G 50 54.77 -4.46 -14.55
N LEU G 51 53.60 -4.98 -14.89
CA LEU G 51 52.69 -5.47 -13.87
C LEU G 51 53.20 -6.75 -13.22
N ALA G 52 53.87 -7.61 -13.99
CA ALA G 52 54.46 -8.81 -13.42
C ALA G 52 55.59 -8.48 -12.47
N ALA G 53 56.35 -7.42 -12.77
CA ALA G 53 57.40 -6.99 -11.87
C ALA G 53 56.82 -6.47 -10.56
N VAL G 54 55.71 -5.72 -10.63
CA VAL G 54 55.11 -5.18 -9.40
C VAL G 54 54.55 -6.31 -8.54
N LEU G 55 53.94 -7.32 -9.17
CA LEU G 55 53.44 -8.48 -8.42
C LEU G 55 54.58 -9.25 -7.76
N GLU G 56 55.72 -9.37 -8.46
CA GLU G 56 56.87 -10.05 -7.89
C GLU G 56 57.40 -9.32 -6.68
N TYR G 57 57.43 -7.99 -6.74
CA TYR G 57 57.95 -7.24 -5.60
C TYR G 57 57.01 -7.34 -4.39
N LEU G 58 55.70 -7.35 -4.62
CA LEU G 58 54.78 -7.45 -3.48
C LEU G 58 54.82 -8.83 -2.83
N THR G 59 54.91 -9.89 -3.65
CA THR G 59 55.00 -11.24 -3.10
C THR G 59 56.32 -11.44 -2.34
N ALA G 60 57.41 -10.89 -2.87
CA ALA G 60 58.69 -10.97 -2.16
C ALA G 60 58.65 -10.20 -0.85
N GLU G 61 57.92 -9.09 -0.80
CA GLU G 61 57.80 -8.33 0.44
C GLU G 61 57.05 -9.12 1.51
N ILE G 62 55.92 -9.73 1.13
CA ILE G 62 55.12 -10.47 2.11
C ILE G 62 55.88 -11.68 2.63
N LEU G 63 56.57 -12.41 1.75
CA LEU G 63 57.26 -13.60 2.25
C LEU G 63 58.55 -13.25 3.00
N GLU G 64 59.22 -12.16 2.60
CA GLU G 64 60.34 -11.62 3.36
C GLU G 64 59.94 -11.29 4.79
N LEU G 65 58.77 -10.68 4.98
CA LEU G 65 58.35 -10.40 6.34
C LEU G 65 57.81 -11.63 7.07
N ALA G 66 57.29 -12.63 6.35
CA ALA G 66 56.76 -13.80 7.05
C ALA G 66 57.86 -14.71 7.57
N GLY G 67 59.00 -14.76 6.87
CA GLY G 67 60.07 -15.67 7.27
C GLY G 67 60.68 -15.36 8.63
N ASN G 68 60.68 -14.08 9.01
CA ASN G 68 61.30 -13.71 10.29
C ASN G 68 60.43 -14.14 11.47
N ALA G 69 59.10 -13.95 11.37
CA ALA G 69 58.23 -14.45 12.42
C ALA G 69 58.19 -15.97 12.44
N ALA G 70 58.36 -16.60 11.27
CA ALA G 70 58.50 -18.06 11.24
C ALA G 70 59.77 -18.52 11.93
N ARG G 71 60.84 -17.73 11.87
CA ARG G 71 62.02 -18.03 12.69
C ARG G 71 61.72 -17.85 14.17
N ASP G 72 61.09 -16.73 14.53
CA ASP G 72 60.99 -16.36 15.93
C ASP G 72 59.97 -17.19 16.71
N ASN G 73 59.03 -17.85 16.03
CA ASN G 73 58.21 -18.82 16.74
C ASN G 73 58.84 -20.20 16.76
N LYS G 74 60.06 -20.34 16.23
CA LYS G 74 60.83 -21.58 16.15
C LYS G 74 60.05 -22.67 15.43
N LYS G 75 59.79 -22.40 14.16
CA LYS G 75 59.33 -23.38 13.20
C LYS G 75 60.22 -23.28 11.98
N THR G 76 59.88 -24.04 10.94
CA THR G 76 60.58 -23.94 9.66
C THR G 76 59.66 -23.70 8.50
N ARG G 77 58.35 -23.61 8.74
CA ARG G 77 57.39 -23.65 7.65
C ARG G 77 56.31 -22.62 7.90
N ILE G 78 55.86 -21.96 6.84
CA ILE G 78 55.02 -20.78 6.98
C ILE G 78 53.58 -21.19 7.20
N ILE G 79 52.93 -20.58 8.19
CA ILE G 79 51.56 -20.90 8.56
C ILE G 79 50.75 -19.61 8.59
N PRO G 80 49.41 -19.70 8.49
CA PRO G 80 48.59 -18.47 8.46
C PRO G 80 48.71 -17.57 9.67
N ARG G 81 49.02 -18.10 10.86
CA ARG G 81 49.30 -17.22 11.99
C ARG G 81 50.56 -16.39 11.73
N HIS G 82 51.55 -16.98 11.06
CA HIS G 82 52.75 -16.22 10.72
C HIS G 82 52.44 -15.15 9.68
N LEU G 83 51.62 -15.48 8.68
CA LEU G 83 51.22 -14.47 7.70
C LEU G 83 50.42 -13.34 8.34
N GLN G 84 49.54 -13.68 9.29
CA GLN G 84 48.74 -12.69 10.00
C GLN G 84 49.62 -11.75 10.81
N LEU G 85 50.61 -12.30 11.52
CA LEU G 85 51.48 -11.44 12.31
C LEU G 85 52.38 -10.58 11.44
N ALA G 86 52.88 -11.13 10.33
CA ALA G 86 53.75 -10.35 9.48
C ALA G 86 53.02 -9.31 8.65
N VAL G 87 51.70 -9.47 8.47
CA VAL G 87 50.95 -8.38 7.87
C VAL G 87 50.61 -7.32 8.91
N ARG G 88 50.16 -7.73 10.08
CA ARG G 88 49.68 -6.75 11.04
C ARG G 88 50.79 -5.96 11.72
N ASN G 89 51.99 -6.53 11.84
CA ASN G 89 53.04 -5.81 12.57
C ASN G 89 53.65 -4.66 11.79
N ASP G 90 53.53 -4.64 10.47
CA ASP G 90 54.05 -3.52 9.69
C ASP G 90 53.06 -2.36 9.74
N GLU G 91 53.54 -1.16 9.38
CA GLU G 91 52.69 0.02 9.40
C GLU G 91 52.06 0.30 8.04
N GLU G 92 52.68 -0.13 6.94
CA GLU G 92 52.20 0.17 5.60
C GLU G 92 51.34 -0.93 4.99
N LEU G 93 51.74 -2.19 5.16
CA LEU G 93 50.93 -3.30 4.69
C LEU G 93 49.61 -3.40 5.44
N ASN G 94 49.57 -2.90 6.67
CA ASN G 94 48.30 -2.76 7.38
C ASN G 94 47.38 -1.79 6.64
N LYS G 95 47.94 -0.71 6.10
CA LYS G 95 47.12 0.24 5.37
C LYS G 95 46.71 -0.30 4.01
N LEU G 96 47.54 -1.14 3.40
CA LEU G 96 47.14 -1.79 2.16
C LEU G 96 46.04 -2.82 2.40
N LEU G 97 46.13 -3.57 3.49
CA LEU G 97 45.22 -4.68 3.75
C LEU G 97 44.34 -4.42 4.97
N GLY G 98 43.80 -3.21 5.08
CA GLY G 98 42.87 -2.94 6.17
C GLY G 98 41.48 -3.50 5.97
N ARG G 99 41.17 -4.01 4.78
CA ARG G 99 39.85 -4.53 4.46
C ARG G 99 39.85 -6.03 4.27
N VAL G 100 40.81 -6.73 4.89
CA VAL G 100 41.03 -8.15 4.63
C VAL G 100 40.98 -8.90 5.94
N THR G 101 40.17 -9.95 5.99
CA THR G 101 40.26 -10.96 7.03
C THR G 101 40.93 -12.19 6.45
N ILE G 102 42.00 -12.64 7.09
CA ILE G 102 42.70 -13.85 6.69
C ILE G 102 42.14 -15.01 7.49
N ALA G 103 41.82 -16.11 6.82
CA ALA G 103 41.30 -17.28 7.50
C ALA G 103 42.35 -17.91 8.39
N GLN G 104 41.89 -18.58 9.46
CA GLN G 104 42.70 -19.12 10.56
C GLN G 104 43.55 -18.01 11.20
N GLY G 105 42.98 -16.82 11.30
CA GLY G 105 43.76 -15.61 11.48
C GLY G 105 44.35 -15.34 12.85
N GLY G 106 43.52 -15.04 13.83
CA GLY G 106 43.99 -14.56 15.11
C GLY G 106 44.36 -13.09 15.07
N VAL G 107 44.52 -12.52 16.25
CA VAL G 107 44.77 -11.08 16.35
C VAL G 107 46.13 -10.83 16.98
N LEU G 108 46.49 -9.56 17.13
CA LEU G 108 47.71 -9.21 17.80
C LEU G 108 47.55 -9.37 19.31
N PRO G 109 48.61 -9.77 20.01
CA PRO G 109 48.59 -9.70 21.48
C PRO G 109 48.62 -8.26 21.96
N ASN G 110 47.50 -7.77 22.47
CA ASN G 110 47.40 -6.36 22.86
C ASN G 110 46.40 -6.25 23.99
N ILE G 111 46.90 -6.14 25.22
CA ILE G 111 46.10 -5.90 26.40
C ILE G 111 46.13 -4.40 26.67
N GLN G 112 44.99 -3.83 27.05
CA GLN G 112 44.85 -2.39 27.22
C GLN G 112 45.69 -1.88 28.39
N SER G 113 45.73 -0.55 28.51
CA SER G 113 46.68 0.06 29.43
C SER G 113 46.16 0.05 30.87
N VAL G 114 44.86 0.27 31.07
CA VAL G 114 44.31 0.37 32.42
C VAL G 114 43.96 -0.97 33.02
N LEU G 115 44.28 -2.08 32.36
CA LEU G 115 43.92 -3.40 32.84
C LEU G 115 45.06 -4.10 33.59
N LEU G 116 46.30 -3.66 33.42
CA LEU G 116 47.41 -4.25 34.13
C LEU G 116 47.41 -3.77 35.58
N PRO G 117 47.16 -4.66 36.56
CA PRO G 117 47.02 -4.23 37.97
C PRO G 117 48.34 -3.86 38.62
N THR H 29 39.52 -31.77 -16.33
CA THR H 29 39.39 -30.43 -15.76
C THR H 29 40.76 -29.84 -15.40
N ARG H 30 40.85 -28.51 -15.44
CA ARG H 30 42.09 -27.81 -15.16
C ARG H 30 41.77 -26.63 -14.25
N LYS H 31 42.82 -25.89 -13.87
CA LYS H 31 42.69 -24.73 -13.00
C LYS H 31 43.97 -23.91 -13.10
N GLU H 32 43.81 -22.58 -13.08
CA GLU H 32 44.93 -21.66 -13.01
C GLU H 32 45.32 -21.41 -11.57
N SER H 33 46.63 -21.46 -11.30
CA SER H 33 47.13 -21.22 -9.96
C SER H 33 48.51 -20.61 -10.06
N TYR H 34 48.96 -20.04 -8.95
CA TYR H 34 50.25 -19.36 -8.87
C TYR H 34 51.16 -20.06 -7.88
N ALA H 35 51.14 -21.40 -7.86
CA ALA H 35 51.83 -22.13 -6.81
C ALA H 35 53.34 -22.12 -7.01
N ILE H 36 53.78 -22.54 -8.20
CA ILE H 36 55.21 -22.75 -8.44
C ILE H 36 55.98 -21.44 -8.46
N TYR H 37 55.29 -20.34 -8.76
CA TYR H 37 55.93 -19.04 -8.77
C TYR H 37 56.20 -18.58 -7.34
N VAL H 38 55.28 -18.90 -6.43
CA VAL H 38 55.49 -18.60 -5.02
C VAL H 38 56.56 -19.51 -4.44
N TYR H 39 56.63 -20.78 -4.91
CA TYR H 39 57.77 -21.65 -4.59
C TYR H 39 59.10 -20.99 -4.93
N LYS H 40 59.22 -20.48 -6.16
CA LYS H 40 60.50 -19.93 -6.62
C LYS H 40 60.88 -18.66 -5.88
N VAL H 41 59.91 -17.76 -5.65
CA VAL H 41 60.23 -16.52 -4.93
C VAL H 41 60.56 -16.82 -3.47
N LEU H 42 59.89 -17.80 -2.87
CA LEU H 42 60.20 -18.19 -1.50
C LEU H 42 61.59 -18.80 -1.39
N LYS H 43 62.00 -19.59 -2.38
CA LYS H 43 63.35 -20.13 -2.36
C LYS H 43 64.39 -19.05 -2.61
N GLN H 44 64.03 -17.98 -3.32
CA GLN H 44 65.00 -16.91 -3.50
C GLN H 44 65.14 -16.02 -2.28
N VAL H 45 64.10 -15.89 -1.45
CA VAL H 45 64.27 -14.99 -0.30
C VAL H 45 64.68 -15.73 0.96
N HIS H 46 64.35 -17.01 1.07
CA HIS H 46 64.74 -17.82 2.23
C HIS H 46 65.03 -19.24 1.76
N PRO H 47 66.31 -19.59 1.59
CA PRO H 47 66.64 -20.88 0.97
C PRO H 47 66.42 -22.10 1.85
N ASP H 48 66.05 -21.92 3.12
CA ASP H 48 66.02 -23.02 4.07
C ASP H 48 64.68 -23.12 4.75
N THR H 49 63.60 -22.99 3.99
CA THR H 49 62.27 -23.05 4.58
C THR H 49 61.29 -23.67 3.60
N GLY H 50 60.08 -23.94 4.09
CA GLY H 50 59.01 -24.47 3.28
C GLY H 50 57.71 -23.75 3.57
N ILE H 51 56.68 -24.15 2.83
CA ILE H 51 55.37 -23.50 2.92
C ILE H 51 54.30 -24.59 2.99
N SER H 52 53.20 -24.29 3.66
CA SER H 52 52.10 -25.23 3.74
C SER H 52 51.24 -25.14 2.48
N SER H 53 50.07 -25.78 2.52
CA SER H 53 49.13 -25.63 1.42
C SER H 53 48.19 -24.45 1.65
N LYS H 54 47.81 -24.23 2.92
CA LYS H 54 46.89 -23.17 3.27
C LYS H 54 47.50 -21.79 2.99
N ALA H 55 48.80 -21.64 3.28
CA ALA H 55 49.46 -20.38 2.97
C ALA H 55 49.64 -20.20 1.47
N MET H 56 49.74 -21.30 0.72
CA MET H 56 49.79 -21.19 -0.72
C MET H 56 48.45 -20.70 -1.28
N SER H 57 47.34 -21.16 -0.69
CA SER H 57 46.03 -20.67 -1.11
C SER H 57 45.84 -19.20 -0.76
N ILE H 58 46.34 -18.79 0.42
CA ILE H 58 46.25 -17.38 0.82
C ILE H 58 47.06 -16.49 -0.11
N MET H 59 48.28 -16.92 -0.49
CA MET H 59 49.07 -16.12 -1.40
C MET H 59 48.47 -16.10 -2.80
N ASN H 60 47.82 -17.19 -3.22
CA ASN H 60 47.14 -17.21 -4.50
C ASN H 60 46.02 -16.17 -4.54
N SER H 61 45.19 -16.13 -3.50
CA SER H 61 44.11 -15.15 -3.46
C SER H 61 44.63 -13.73 -3.32
N PHE H 62 45.76 -13.54 -2.64
CA PHE H 62 46.33 -12.21 -2.51
C PHE H 62 46.84 -11.68 -3.84
N VAL H 63 47.47 -12.53 -4.64
CA VAL H 63 47.98 -12.05 -5.93
C VAL H 63 46.84 -11.77 -6.89
N ASN H 64 45.78 -12.60 -6.86
CA ASN H 64 44.60 -12.29 -7.69
C ASN H 64 43.94 -10.98 -7.28
N ASP H 65 43.92 -10.69 -5.98
CA ASP H 65 43.32 -9.45 -5.49
C ASP H 65 44.09 -8.22 -5.96
N VAL H 66 45.42 -8.23 -5.78
CA VAL H 66 46.22 -7.07 -6.17
C VAL H 66 46.18 -6.86 -7.68
N PHE H 67 46.17 -7.97 -8.44
CA PHE H 67 46.10 -7.88 -9.89
C PHE H 67 44.80 -7.25 -10.36
N GLU H 68 43.66 -7.65 -9.78
CA GLU H 68 42.42 -7.08 -10.26
C GLU H 68 42.21 -5.65 -9.82
N ARG H 69 42.77 -5.25 -8.66
CA ARG H 69 42.65 -3.83 -8.30
C ARG H 69 43.50 -2.94 -9.21
N ILE H 70 44.73 -3.37 -9.53
CA ILE H 70 45.58 -2.56 -10.41
C ILE H 70 44.98 -2.46 -11.82
N ALA H 71 44.45 -3.59 -12.33
CA ALA H 71 43.87 -3.57 -13.67
C ALA H 71 42.61 -2.72 -13.71
N GLY H 72 41.79 -2.75 -12.66
CA GLY H 72 40.60 -1.91 -12.64
C GLY H 72 40.92 -0.43 -12.59
N GLU H 73 41.94 -0.05 -11.81
CA GLU H 73 42.29 1.35 -11.73
C GLU H 73 42.89 1.86 -13.05
N ALA H 74 43.73 1.05 -13.69
CA ALA H 74 44.26 1.45 -15.00
C ALA H 74 43.16 1.53 -16.04
N SER H 75 42.15 0.67 -15.93
CA SER H 75 41.04 0.68 -16.89
C SER H 75 40.22 1.95 -16.76
N ARG H 76 39.91 2.37 -15.53
CA ARG H 76 39.18 3.63 -15.41
C ARG H 76 40.03 4.86 -15.74
N LEU H 77 41.36 4.77 -15.63
CA LEU H 77 42.19 5.87 -16.13
C LEU H 77 42.12 5.98 -17.65
N ALA H 78 42.24 4.84 -18.35
CA ALA H 78 42.18 4.86 -19.80
C ALA H 78 40.79 5.25 -20.30
N HIS H 79 39.75 4.99 -19.50
CA HIS H 79 38.43 5.45 -19.89
C HIS H 79 38.21 6.92 -19.57
N TYR H 80 38.88 7.45 -18.55
CA TYR H 80 38.76 8.88 -18.26
C TYR H 80 39.41 9.72 -19.34
N ASN H 81 40.61 9.35 -19.80
CA ASN H 81 41.31 10.21 -20.73
C ASN H 81 40.93 9.99 -22.17
N LYS H 82 39.85 9.25 -22.44
CA LYS H 82 39.24 9.08 -23.76
C LYS H 82 40.21 8.45 -24.76
N ARG H 83 40.99 7.50 -24.28
CA ARG H 83 41.91 6.72 -25.09
C ARG H 83 41.55 5.25 -24.95
N SER H 84 42.19 4.39 -25.74
CA SER H 84 41.72 3.02 -25.80
C SER H 84 42.86 2.02 -25.84
N THR H 85 43.90 2.22 -25.01
CA THR H 85 44.98 1.25 -24.91
C THR H 85 45.66 1.40 -23.56
N ILE H 86 45.78 0.30 -22.83
CA ILE H 86 46.53 0.28 -21.57
C ILE H 86 48.02 0.18 -21.88
N THR H 87 48.81 1.11 -21.35
CA THR H 87 50.26 0.99 -21.44
C THR H 87 50.95 1.16 -20.08
N SER H 88 52.28 1.19 -20.12
CA SER H 88 53.07 1.23 -18.91
C SER H 88 52.91 2.56 -18.17
N ARG H 89 52.61 3.63 -18.88
CA ARG H 89 52.33 4.90 -18.21
C ARG H 89 51.06 4.80 -17.37
N GLU H 90 50.04 4.11 -17.89
CA GLU H 90 48.82 3.91 -17.13
C GLU H 90 49.04 3.00 -15.95
N ILE H 91 49.85 1.94 -16.12
CA ILE H 91 50.07 1.04 -14.99
C ILE H 91 50.91 1.73 -13.91
N GLN H 92 51.84 2.60 -14.30
CA GLN H 92 52.64 3.33 -13.34
C GLN H 92 51.79 4.35 -12.58
N THR H 93 50.86 5.01 -13.26
CA THR H 93 49.97 5.92 -12.56
C THR H 93 49.03 5.15 -11.63
N ALA H 94 48.60 3.96 -12.04
CA ALA H 94 47.74 3.14 -11.19
C ALA H 94 48.46 2.70 -9.93
N VAL H 95 49.75 2.38 -10.05
CA VAL H 95 50.51 1.96 -8.87
C VAL H 95 50.73 3.14 -7.94
N ARG H 96 51.07 4.31 -8.49
CA ARG H 96 51.23 5.49 -7.64
C ARG H 96 49.93 5.95 -7.00
N LEU H 97 48.78 5.60 -7.57
CA LEU H 97 47.52 5.89 -6.88
C LEU H 97 47.21 4.86 -5.81
N LEU H 98 47.40 3.58 -6.13
CA LEU H 98 46.82 2.53 -5.31
C LEU H 98 47.69 2.14 -4.13
N LEU H 99 49.03 2.25 -4.26
CA LEU H 99 49.77 1.76 -3.11
C LEU H 99 50.25 2.93 -2.25
N PRO H 100 50.43 2.75 -0.94
CA PRO H 100 50.98 3.84 -0.11
C PRO H 100 52.46 4.07 -0.40
N GLY H 101 52.99 5.15 0.18
CA GLY H 101 54.20 5.82 -0.25
C GLY H 101 55.49 5.06 -0.54
N GLU H 102 56.10 4.49 0.50
CA GLU H 102 57.43 3.92 0.36
C GLU H 102 57.41 2.67 -0.50
N LEU H 103 56.37 1.86 -0.30
CA LEU H 103 56.15 0.67 -1.12
C LEU H 103 55.89 1.06 -2.57
N ALA H 104 55.24 2.20 -2.79
CA ALA H 104 55.00 2.67 -4.15
C ALA H 104 56.30 3.09 -4.83
N LYS H 105 57.19 3.76 -4.09
CA LYS H 105 58.47 4.17 -4.69
C LYS H 105 59.31 2.97 -5.06
N HIS H 106 59.38 1.97 -4.18
CA HIS H 106 60.14 0.78 -4.52
C HIS H 106 59.50 -0.02 -5.66
N ALA H 107 58.16 -0.04 -5.74
CA ALA H 107 57.50 -0.76 -6.82
C ALA H 107 57.72 -0.08 -8.17
N VAL H 108 57.70 1.24 -8.19
CA VAL H 108 57.97 1.98 -9.42
C VAL H 108 59.40 1.77 -9.88
N SER H 109 60.34 1.72 -8.93
CA SER H 109 61.74 1.45 -9.29
C SER H 109 61.92 0.05 -9.87
N GLU H 110 61.28 -0.96 -9.24
CA GLU H 110 61.35 -2.33 -9.75
C GLU H 110 60.77 -2.44 -11.15
N GLY H 111 59.62 -1.80 -11.39
CA GLY H 111 58.99 -1.88 -12.69
C GLY H 111 59.78 -1.19 -13.78
N THR H 112 60.34 -0.02 -13.47
CA THR H 112 61.14 0.71 -14.46
C THR H 112 62.38 -0.06 -14.83
N LYS H 113 63.05 -0.66 -13.84
CA LYS H 113 64.23 -1.48 -14.13
C LYS H 113 63.88 -2.71 -14.95
N ALA H 114 62.72 -3.31 -14.68
CA ALA H 114 62.31 -4.48 -15.46
C ALA H 114 62.01 -4.14 -16.91
N VAL H 115 61.32 -3.02 -17.16
CA VAL H 115 60.99 -2.65 -18.53
C VAL H 115 62.25 -2.22 -19.29
N THR H 116 63.19 -1.56 -18.60
CA THR H 116 64.46 -1.19 -19.22
C THR H 116 65.26 -2.42 -19.61
N CYS H 117 65.32 -3.42 -18.74
CA CYS H 117 66.01 -4.66 -19.11
C CYS H 117 65.25 -5.47 -20.14
N TYR H 118 63.95 -5.24 -20.29
CA TYR H 118 63.24 -5.86 -21.41
C TYR H 118 63.58 -5.19 -22.73
N THR H 119 63.80 -3.88 -22.70
CA THR H 119 64.06 -3.13 -23.92
C THR H 119 65.53 -3.09 -24.31
N SER H 120 66.45 -3.45 -23.42
CA SER H 120 67.87 -3.50 -23.79
C SER H 120 68.13 -4.66 -24.74
N ALA H 121 67.80 -5.89 -24.31
CA ALA H 121 67.94 -7.08 -25.13
C ALA H 121 66.71 -7.35 -26.00
N LYS H 122 65.94 -6.30 -26.31
CA LYS H 122 64.72 -6.37 -27.11
C LYS H 122 64.97 -6.92 -28.51
N GLY K 1 -42.49 -12.34 27.38
CA GLY K 1 -41.20 -11.81 27.03
C GLY K 1 -41.09 -11.43 25.56
N SER K 2 -41.15 -10.12 25.30
CA SER K 2 -41.10 -9.59 23.94
C SER K 2 -40.76 -8.10 23.99
N ALA K 3 -39.87 -7.68 23.10
CA ALA K 3 -39.64 -6.26 22.84
C ALA K 3 -40.52 -5.75 21.71
N ARG K 4 -41.19 -6.64 20.99
CA ARG K 4 -42.14 -6.22 19.96
C ARG K 4 -43.48 -5.85 20.55
N SER K 5 -43.95 -6.62 21.54
CA SER K 5 -45.23 -6.33 22.18
C SER K 5 -45.14 -5.06 23.02
N GLU K 6 -44.04 -4.87 23.72
CA GLU K 6 -43.76 -3.59 24.37
C GLU K 6 -43.54 -2.53 23.28
N PRO K 7 -44.15 -1.36 23.40
CA PRO K 7 -43.91 -0.31 22.41
C PRO K 7 -42.54 0.31 22.57
N LYS K 8 -42.04 0.86 21.46
CA LYS K 8 -40.77 1.58 21.46
C LYS K 8 -40.98 2.91 22.16
N MET K 9 -40.61 2.98 23.43
CA MET K 9 -40.82 4.19 24.22
C MET K 9 -39.50 4.68 24.82
N SER K 51 8.66 23.96 14.82
CA SER K 51 9.00 22.57 14.52
C SER K 51 7.76 21.71 14.49
N LYS K 52 6.76 22.09 15.29
CA LYS K 52 5.52 21.33 15.35
C LYS K 52 4.70 21.51 14.08
N SER K 53 4.73 22.72 13.51
CA SER K 53 3.89 23.04 12.36
C SER K 53 4.34 22.30 11.10
N SER K 54 5.66 22.16 10.91
CA SER K 54 6.20 21.51 9.71
C SER K 54 5.94 20.02 9.72
N GLN K 55 6.20 19.37 10.86
CA GLN K 55 5.91 17.94 11.00
C GLN K 55 4.41 17.69 10.98
N TYR K 56 3.62 18.65 11.46
CA TYR K 56 2.17 18.56 11.34
C TYR K 56 1.72 18.60 9.88
N ARG K 57 2.33 19.46 9.07
CA ARG K 57 1.96 19.50 7.66
C ARG K 57 2.48 18.28 6.90
N LYS K 58 3.58 17.70 7.38
CA LYS K 58 3.99 16.38 6.91
C LYS K 58 2.91 15.34 7.19
N MET K 59 2.25 15.45 8.35
CA MET K 59 1.10 14.59 8.61
C MET K 59 -0.10 14.98 7.73
N LYS K 60 -0.20 16.26 7.38
CA LYS K 60 -1.29 16.72 6.51
C LYS K 60 -1.13 16.20 5.09
N THR K 61 0.09 15.91 4.67
CA THR K 61 0.36 15.38 3.34
C THR K 61 0.16 13.87 3.23
N GLU K 62 -0.38 13.22 4.26
CA GLU K 62 -0.46 11.76 4.25
C GLU K 62 -1.78 11.25 4.84
N TRP K 63 -2.88 11.98 4.64
CA TRP K 63 -4.15 11.61 5.26
C TRP K 63 -4.74 10.34 4.65
N LYS K 64 -4.52 10.10 3.35
CA LYS K 64 -4.83 8.78 2.79
C LYS K 64 -3.85 7.73 3.30
N SER K 65 -2.61 8.14 3.60
CA SER K 65 -1.56 7.23 4.00
C SER K 65 -1.60 6.87 5.48
N ASN K 66 -2.31 7.65 6.29
CA ASN K 66 -2.34 7.39 7.73
C ASN K 66 -3.06 6.09 8.07
N VAL K 67 -4.36 6.04 7.78
CA VAL K 67 -5.21 4.91 8.11
C VAL K 67 -6.13 4.61 6.94
N TYR K 68 -7.01 3.64 7.15
CA TYR K 68 -8.18 3.41 6.32
C TYR K 68 -9.36 3.29 7.28
N LEU K 69 -10.58 3.44 6.74
CA LEU K 69 -11.77 3.37 7.59
C LEU K 69 -12.00 1.92 7.96
N ALA K 70 -11.56 1.54 9.15
CA ALA K 70 -11.70 0.19 9.67
C ALA K 70 -12.79 0.17 10.73
N ARG K 71 -13.09 -1.04 11.19
CA ARG K 71 -14.22 -1.25 12.10
C ARG K 71 -13.74 -1.28 13.55
N SER K 72 -14.72 -1.49 14.45
CA SER K 72 -14.48 -1.82 15.85
C SER K 72 -15.78 -2.39 16.40
N ARG K 73 -15.70 -3.53 17.07
CA ARG K 73 -16.90 -4.24 17.51
C ARG K 73 -17.49 -3.69 18.80
N ILE K 74 -17.11 -2.48 19.23
CA ILE K 74 -17.83 -1.81 20.31
C ILE K 74 -19.21 -1.41 19.84
N GLN K 75 -19.28 -0.65 18.74
CA GLN K 75 -20.55 -0.36 18.08
C GLN K 75 -20.21 -0.01 16.62
N GLY K 76 -20.45 -0.95 15.71
CA GLY K 76 -20.26 -0.69 14.29
C GLY K 76 -18.83 -0.53 13.86
N LEU K 77 -18.41 0.70 13.59
CA LEU K 77 -17.06 0.99 13.18
C LEU K 77 -16.18 1.41 14.35
N GLY K 78 -15.01 1.92 13.99
CA GLY K 78 -14.06 2.57 14.87
C GLY K 78 -12.94 3.13 14.01
N LEU K 79 -11.69 2.97 14.45
CA LEU K 79 -10.56 3.29 13.59
C LEU K 79 -9.37 2.44 14.00
N TYR K 80 -8.94 1.57 13.10
CA TYR K 80 -7.74 0.78 13.28
C TYR K 80 -6.65 1.36 12.38
N ALA K 81 -5.51 0.68 12.33
CA ALA K 81 -4.40 1.10 11.48
C ALA K 81 -3.74 -0.13 10.87
N ALA K 82 -3.31 -0.01 9.62
CA ALA K 82 -2.48 -1.01 8.97
C ALA K 82 -0.99 -0.76 9.21
N ARG K 83 -0.66 0.00 10.24
CA ARG K 83 0.71 0.34 10.59
C ARG K 83 0.81 0.43 12.09
N ASP K 84 2.02 0.69 12.58
CA ASP K 84 2.24 0.96 13.99
C ASP K 84 2.40 2.47 14.16
N ILE K 85 1.44 3.09 14.85
CA ILE K 85 1.51 4.53 15.09
C ILE K 85 2.50 4.78 16.22
N GLU K 86 3.58 5.48 15.90
CA GLU K 86 4.71 5.56 16.80
C GLU K 86 4.50 6.64 17.86
N LYS K 87 5.51 6.82 18.71
CA LYS K 87 5.49 7.91 19.67
C LYS K 87 5.70 9.24 18.95
N HIS K 88 4.94 10.25 19.38
CA HIS K 88 4.91 11.59 18.77
C HIS K 88 4.52 11.53 17.30
N THR K 89 3.64 10.59 16.95
CA THR K 89 3.04 10.50 15.63
C THR K 89 1.69 11.17 15.66
N MET K 90 1.45 12.08 14.71
CA MET K 90 0.20 12.80 14.66
C MET K 90 -0.81 12.04 13.80
N VAL K 91 -2.09 12.22 14.13
CA VAL K 91 -3.13 11.34 13.60
C VAL K 91 -4.17 12.12 12.80
N ILE K 92 -4.89 13.04 13.45
CA ILE K 92 -6.09 13.60 12.86
C ILE K 92 -6.33 14.98 13.46
N GLU K 93 -7.09 15.79 12.75
CA GLU K 93 -7.55 17.09 13.21
C GLU K 93 -9.06 17.13 13.16
N TYR K 94 -9.67 17.69 14.19
CA TYR K 94 -11.12 17.79 14.26
C TYR K 94 -11.58 19.02 13.49
N ILE K 95 -11.99 18.81 12.24
CA ILE K 95 -12.42 19.89 11.35
C ILE K 95 -13.89 19.70 10.98
N GLY K 96 -14.41 20.64 10.20
CA GLY K 96 -15.77 20.57 9.73
C GLY K 96 -16.38 21.97 9.67
N THR K 97 -17.61 22.06 10.18
CA THR K 97 -18.46 23.23 10.00
C THR K 97 -18.59 23.98 11.33
N ILE K 98 -18.05 25.20 11.36
CA ILE K 98 -18.01 26.01 12.57
C ILE K 98 -19.40 26.56 12.88
N ILE K 99 -19.94 26.16 14.03
CA ILE K 99 -21.16 26.76 14.56
C ILE K 99 -20.79 28.04 15.27
N ARG K 100 -21.64 29.07 15.17
CA ARG K 100 -21.39 30.29 15.94
C ARG K 100 -21.77 30.12 17.41
N ASN K 101 -21.88 31.25 18.11
CA ASN K 101 -22.20 31.23 19.54
C ASN K 101 -23.60 30.68 19.80
N GLU K 102 -24.55 30.97 18.91
CA GLU K 102 -25.96 30.73 19.17
C GLU K 102 -26.55 29.59 18.35
N VAL K 103 -25.94 29.25 17.21
CA VAL K 103 -26.57 28.37 16.22
C VAL K 103 -26.73 26.94 16.73
N ALA K 104 -26.04 26.58 17.83
CA ALA K 104 -26.26 25.28 18.46
C ALA K 104 -27.65 25.18 19.09
N ASN K 105 -28.25 26.31 19.46
CA ASN K 105 -29.59 26.33 20.01
C ASN K 105 -30.66 26.01 18.96
N ARG K 106 -30.32 26.05 17.67
CA ARG K 106 -31.16 25.53 16.61
C ARG K 106 -30.65 24.19 16.07
N LYS K 107 -29.35 23.93 16.23
CA LYS K 107 -28.78 22.63 15.88
C LYS K 107 -29.33 21.52 16.78
N GLU K 108 -29.66 21.86 18.03
CA GLU K 108 -30.30 20.90 18.91
C GLU K 108 -31.73 20.57 18.46
N LYS K 109 -32.39 21.51 17.78
CA LYS K 109 -33.66 21.20 17.14
C LYS K 109 -33.45 20.40 15.86
N LEU K 110 -32.34 20.67 15.16
CA LEU K 110 -31.98 19.87 13.98
C LEU K 110 -31.70 18.42 14.35
N TYR K 111 -31.21 18.19 15.57
CA TYR K 111 -30.95 16.83 16.04
C TYR K 111 -32.23 16.01 16.20
N GLU K 112 -33.38 16.66 16.25
CA GLU K 112 -34.66 15.96 16.31
C GLU K 112 -35.27 15.72 14.94
N SER K 113 -34.59 16.13 13.86
CA SER K 113 -34.99 15.81 12.49
C SER K 113 -33.86 14.97 11.88
N GLN K 114 -34.22 13.76 11.44
CA GLN K 114 -33.35 12.72 10.87
C GLN K 114 -32.35 12.13 11.85
N ASN K 115 -32.33 12.60 13.11
CA ASN K 115 -31.36 12.22 14.16
C ASN K 115 -29.92 12.34 13.67
N ARG K 116 -29.56 13.54 13.22
CA ARG K 116 -28.40 13.69 12.36
C ARG K 116 -27.08 13.57 13.14
N GLY K 117 -26.84 14.48 14.08
CA GLY K 117 -25.54 14.49 14.72
C GLY K 117 -25.55 13.96 16.14
N VAL K 118 -24.93 12.80 16.35
CA VAL K 118 -24.69 12.28 17.69
C VAL K 118 -23.18 12.34 17.87
N TYR K 119 -22.52 13.04 16.96
CA TYR K 119 -21.06 13.21 16.99
C TYR K 119 -20.76 14.66 17.31
N MET K 120 -20.45 14.93 18.58
CA MET K 120 -20.16 16.26 19.08
C MET K 120 -18.73 16.35 19.58
N PHE K 121 -18.12 17.51 19.33
CA PHE K 121 -16.94 17.95 20.07
C PHE K 121 -16.87 19.46 19.98
N ARG K 122 -16.73 20.11 21.12
CA ARG K 122 -16.74 21.56 21.19
C ARG K 122 -15.43 22.13 20.68
N MET K 123 -15.50 23.24 19.92
CA MET K 123 -14.31 24.03 19.70
C MET K 123 -13.91 24.78 20.97
N ASP K 124 -14.76 25.70 21.42
CA ASP K 124 -14.46 26.55 22.57
C ASP K 124 -15.76 27.14 23.10
N ASN K 125 -15.63 28.15 23.97
CA ASN K 125 -16.79 28.96 24.35
C ASN K 125 -17.35 29.73 23.17
N ASP K 126 -16.50 30.08 22.20
CA ASP K 126 -16.94 30.89 21.08
C ASP K 126 -17.70 30.06 20.05
N HIS K 127 -17.20 28.89 19.71
CA HIS K 127 -17.70 28.16 18.56
C HIS K 127 -17.76 26.67 18.86
N VAL K 128 -18.48 25.96 17.98
CA VAL K 128 -18.56 24.49 17.97
C VAL K 128 -18.33 24.09 16.51
N ILE K 129 -17.77 22.91 16.28
CA ILE K 129 -17.56 22.38 14.93
C ILE K 129 -18.52 21.22 14.70
N ASP K 130 -19.22 21.25 13.56
CA ASP K 130 -20.08 20.16 13.12
C ASP K 130 -19.30 19.22 12.22
N ALA K 131 -19.71 17.94 12.22
CA ALA K 131 -19.17 16.95 11.31
C ALA K 131 -20.28 16.06 10.78
N THR K 132 -21.41 16.65 10.40
CA THR K 132 -22.56 15.83 10.04
C THR K 132 -23.11 16.15 8.66
N LEU K 133 -23.13 17.42 8.27
CA LEU K 133 -23.65 17.79 6.95
C LEU K 133 -22.56 17.76 5.89
N THR K 134 -21.50 18.55 6.08
CA THR K 134 -20.32 18.50 5.23
C THR K 134 -19.12 18.97 6.05
N GLY K 135 -18.05 18.18 6.01
CA GLY K 135 -16.91 18.45 6.86
C GLY K 135 -16.08 17.22 7.18
N GLY K 136 -15.58 17.14 8.40
CA GLY K 136 -14.71 16.06 8.81
C GLY K 136 -15.41 14.72 8.89
N PRO K 137 -14.81 13.69 8.27
CA PRO K 137 -15.42 12.35 8.30
C PRO K 137 -15.05 11.56 9.53
N ALA K 138 -14.53 12.22 10.56
CA ALA K 138 -14.05 11.60 11.78
C ALA K 138 -15.18 11.21 12.75
N ARG K 139 -16.42 11.11 12.27
CA ARG K 139 -17.58 10.84 13.12
C ARG K 139 -17.72 9.38 13.52
N TYR K 140 -16.68 8.58 13.36
CA TYR K 140 -16.69 7.19 13.80
C TYR K 140 -15.55 6.87 14.75
N ILE K 141 -15.00 7.87 15.43
CA ILE K 141 -14.01 7.65 16.46
C ILE K 141 -14.74 7.43 17.78
N ASN K 142 -14.78 6.18 18.25
CA ASN K 142 -15.60 5.76 19.37
C ASN K 142 -14.90 6.07 20.69
N HIS K 143 -15.38 5.48 21.77
CA HIS K 143 -14.73 5.58 23.06
C HIS K 143 -14.88 4.28 23.83
N SER K 144 -13.77 3.84 24.43
CA SER K 144 -13.77 2.87 25.51
C SER K 144 -13.17 3.56 26.73
N CYS K 145 -13.48 3.03 27.91
CA CYS K 145 -13.09 3.70 29.15
C CYS K 145 -11.60 3.62 29.45
N ALA K 146 -10.81 2.93 28.60
CA ALA K 146 -9.37 3.14 28.51
C ALA K 146 -9.08 3.82 27.18
N PRO K 147 -9.12 5.15 27.09
CA PRO K 147 -8.84 5.82 25.83
C PRO K 147 -7.35 6.00 25.60
N ASN K 148 -6.94 5.74 24.36
CA ASN K 148 -5.53 5.79 23.99
C ASN K 148 -5.12 7.12 23.38
N CYS K 149 -6.00 8.11 23.35
CA CYS K 149 -5.68 9.44 22.86
C CYS K 149 -6.37 10.50 23.72
N VAL K 150 -5.79 11.69 23.72
CA VAL K 150 -6.35 12.86 24.40
C VAL K 150 -6.45 13.99 23.38
N ALA K 151 -7.05 15.09 23.83
CA ALA K 151 -7.30 16.26 22.97
C ALA K 151 -6.30 17.36 23.27
N GLU K 152 -5.70 17.91 22.22
CA GLU K 152 -4.71 18.97 22.33
C GLU K 152 -4.99 20.04 21.28
N VAL K 153 -4.60 21.28 21.58
CA VAL K 153 -4.92 22.43 20.74
C VAL K 153 -3.61 23.09 20.31
N VAL K 154 -3.38 23.13 18.99
CA VAL K 154 -2.32 23.94 18.39
C VAL K 154 -2.99 24.96 17.47
N THR K 155 -2.61 26.21 17.61
CA THR K 155 -3.33 27.32 17.00
C THR K 155 -2.58 27.80 15.75
N PHE K 156 -3.28 27.81 14.62
CA PHE K 156 -2.78 28.43 13.41
C PHE K 156 -3.21 29.89 13.34
N GLU K 157 -2.85 30.55 12.24
CA GLU K 157 -3.33 31.89 11.98
C GLU K 157 -4.84 31.91 11.74
N ARG K 158 -5.39 30.83 11.19
CA ARG K 158 -6.82 30.68 10.97
C ARG K 158 -7.58 30.22 12.22
N GLY K 159 -6.95 30.24 13.39
CA GLY K 159 -7.64 30.00 14.65
C GLY K 159 -7.15 28.74 15.35
N HIS K 160 -7.75 28.49 16.50
CA HIS K 160 -7.42 27.31 17.29
C HIS K 160 -7.92 26.05 16.61
N LYS K 161 -7.07 25.03 16.58
CA LYS K 161 -7.36 23.77 15.90
C LYS K 161 -7.12 22.62 16.85
N ILE K 162 -8.03 21.64 16.84
CA ILE K 162 -7.90 20.47 17.70
C ILE K 162 -6.92 19.50 17.05
N ILE K 163 -5.78 19.27 17.70
CA ILE K 163 -4.67 18.54 17.09
C ILE K 163 -4.39 17.30 17.93
N ILE K 164 -4.19 16.17 17.24
CA ILE K 164 -3.95 14.89 17.88
C ILE K 164 -2.53 14.46 17.58
N SER K 165 -1.78 14.10 18.63
CA SER K 165 -0.46 13.50 18.50
C SER K 165 -0.44 12.19 19.27
N SER K 166 0.74 11.59 19.46
CA SER K 166 0.86 10.38 20.25
C SER K 166 1.92 10.57 21.32
N SER K 167 1.89 9.67 22.32
CA SER K 167 2.90 9.64 23.37
C SER K 167 3.47 8.24 23.56
N ARG K 168 3.15 7.31 22.68
CA ARG K 168 3.65 5.94 22.78
C ARG K 168 3.52 5.30 21.40
N ARG K 169 4.13 4.12 21.26
CA ARG K 169 4.06 3.34 20.03
C ARG K 169 2.77 2.53 20.04
N ILE K 170 1.73 3.10 19.44
CA ILE K 170 0.46 2.40 19.29
C ILE K 170 0.61 1.40 18.15
N GLN K 171 0.27 0.14 18.42
CA GLN K 171 0.59 -0.94 17.50
C GLN K 171 -0.50 -1.12 16.46
N LYS K 172 -0.37 -2.17 15.65
CA LYS K 172 -1.25 -2.36 14.50
C LYS K 172 -2.62 -2.86 14.93
N GLY K 173 -3.66 -2.14 14.51
CA GLY K 173 -5.02 -2.59 14.74
C GLY K 173 -5.64 -2.16 16.05
N GLU K 174 -4.91 -1.43 16.88
CA GLU K 174 -5.46 -0.91 18.13
C GLU K 174 -6.38 0.27 17.81
N GLU K 175 -7.57 0.26 18.41
CA GLU K 175 -8.54 1.31 18.14
C GLU K 175 -8.13 2.62 18.78
N LEU K 176 -8.11 3.68 17.99
CA LEU K 176 -7.91 5.02 18.54
C LEU K 176 -9.23 5.54 19.08
N CYS K 177 -9.19 6.04 20.31
CA CYS K 177 -10.38 6.51 21.00
C CYS K 177 -9.96 7.51 22.07
N TYR K 178 -10.79 8.53 22.27
CA TYR K 178 -10.42 9.65 23.11
C TYR K 178 -11.35 9.78 24.30
N ASP K 179 -10.80 10.36 25.37
CA ASP K 179 -11.55 10.61 26.58
C ASP K 179 -12.49 11.79 26.36
N TYR K 180 -13.71 11.68 26.88
CA TYR K 180 -14.70 12.72 26.63
C TYR K 180 -14.53 13.90 27.57
N LYS K 181 -14.70 13.68 28.87
CA LYS K 181 -14.73 14.71 29.92
C LYS K 181 -15.69 15.85 29.57
N PHE K 182 -16.98 15.49 29.51
CA PHE K 182 -18.02 16.47 29.14
C PHE K 182 -18.24 17.51 30.23
N ILE K 191 -25.97 6.09 28.06
CA ILE K 191 -25.98 4.79 27.42
C ILE K 191 -24.66 4.07 27.71
N PRO K 192 -24.73 2.88 28.32
CA PRO K 192 -23.50 2.15 28.67
C PRO K 192 -22.80 1.59 27.45
N CYS K 193 -21.52 1.28 27.65
CA CYS K 193 -20.66 0.86 26.56
C CYS K 193 -20.79 -0.64 26.29
N HIS K 194 -20.24 -1.07 25.16
CA HIS K 194 -20.35 -2.44 24.66
C HIS K 194 -18.97 -2.93 24.20
N CYS K 195 -17.96 -2.72 25.03
CA CYS K 195 -16.58 -3.06 24.68
C CYS K 195 -16.09 -4.31 25.38
N GLY K 196 -16.29 -4.41 26.69
CA GLY K 196 -15.70 -5.48 27.46
C GLY K 196 -14.21 -5.27 27.68
N ALA K 197 -13.86 -4.22 28.41
CA ALA K 197 -12.48 -3.82 28.63
C ALA K 197 -12.06 -4.11 30.07
N VAL K 198 -10.74 -4.16 30.27
CA VAL K 198 -10.15 -4.44 31.57
C VAL K 198 -10.10 -3.15 32.37
N ASN K 199 -10.64 -3.19 33.60
CA ASN K 199 -10.78 -2.05 34.50
C ASN K 199 -11.54 -0.90 33.83
N CYS K 200 -12.74 -1.24 33.36
CA CYS K 200 -13.55 -0.37 32.53
C CYS K 200 -14.66 0.26 33.35
N ARG K 201 -14.81 1.58 33.21
CA ARG K 201 -15.92 2.27 33.89
C ARG K 201 -17.26 1.93 33.26
N LYS K 202 -17.26 1.58 31.96
CA LYS K 202 -18.46 1.32 31.15
C LYS K 202 -19.40 2.52 31.11
N TRP K 203 -18.81 3.70 30.86
CA TRP K 203 -19.58 4.94 30.70
C TRP K 203 -18.90 5.77 29.62
N MET K 204 -19.29 7.05 29.54
CA MET K 204 -18.86 7.93 28.46
C MET K 204 -17.62 8.74 28.82
N ASN K 205 -17.68 9.53 29.89
CA ASN K 205 -16.54 10.35 30.30
C ASN K 205 -15.42 9.51 30.90
N TYR L 13 -9.67 -6.57 -8.67
CA TYR L 13 -8.79 -7.51 -9.36
C TYR L 13 -7.58 -7.75 -8.46
N PRO L 14 -7.18 -9.03 -8.32
CA PRO L 14 -6.51 -9.47 -7.09
C PRO L 14 -5.13 -8.85 -6.88
N GLU L 15 -4.90 -8.39 -5.64
CA GLU L 15 -3.68 -7.66 -5.33
C GLU L 15 -3.09 -8.01 -3.96
N GLU L 16 -3.61 -9.01 -3.26
CA GLU L 16 -3.15 -9.23 -1.90
C GLU L 16 -2.79 -10.69 -1.61
N ALA L 17 -2.50 -10.98 -0.34
CA ALA L 17 -2.23 -12.33 0.14
C ALA L 17 -3.47 -12.96 0.76
N ASP L 18 -4.13 -12.27 1.70
CA ASP L 18 -5.55 -12.41 2.01
C ASP L 18 -5.92 -13.71 2.72
N GLY L 19 -5.00 -14.66 2.83
CA GLY L 19 -5.25 -15.91 3.51
C GLY L 19 -5.03 -17.12 2.61
N THR L 20 -5.08 -18.28 3.25
CA THR L 20 -4.83 -19.55 2.58
C THR L 20 -5.59 -20.65 3.33
N LEU L 21 -5.31 -21.91 2.95
CA LEU L 21 -6.06 -23.07 3.45
C LEU L 21 -5.10 -24.16 3.92
N ASP L 22 -4.93 -24.30 5.23
CA ASP L 22 -4.29 -25.47 5.83
C ASP L 22 -5.39 -26.36 6.39
N CYS L 23 -6.08 -27.07 5.50
CA CYS L 23 -7.18 -27.95 5.88
C CYS L 23 -6.86 -29.41 5.63
N ILE L 24 -6.57 -29.78 4.38
CA ILE L 24 -6.22 -31.15 4.01
C ILE L 24 -5.07 -31.06 3.01
N SER L 25 -3.97 -31.74 3.30
CA SER L 25 -2.79 -31.69 2.47
C SER L 25 -2.98 -32.49 1.19
N MET L 26 -1.96 -32.46 0.33
CA MET L 26 -1.89 -33.15 -0.97
C MET L 26 -3.05 -32.76 -1.87
N ALA L 27 -3.06 -31.48 -2.24
CA ALA L 27 -4.03 -30.96 -3.18
C ALA L 27 -3.50 -31.06 -4.60
N LEU L 28 -4.38 -31.38 -5.56
CA LEU L 28 -3.84 -31.59 -6.89
C LEU L 28 -4.53 -30.79 -7.98
N THR L 29 -5.86 -30.66 -7.93
CA THR L 29 -6.59 -29.88 -8.93
C THR L 29 -7.95 -29.49 -8.38
N CYS L 30 -8.56 -28.49 -9.02
CA CYS L 30 -9.92 -28.07 -8.67
C CYS L 30 -10.51 -27.29 -9.85
N THR L 31 -11.81 -27.03 -9.74
CA THR L 31 -12.56 -26.15 -10.63
C THR L 31 -13.84 -25.75 -9.92
N PHE L 32 -14.69 -24.99 -10.61
CA PHE L 32 -15.89 -24.41 -10.02
C PHE L 32 -17.12 -24.79 -10.82
N ASN L 33 -18.28 -24.43 -10.27
CA ASN L 33 -19.56 -24.52 -10.96
C ASN L 33 -19.81 -23.21 -11.72
N ARG L 34 -21.04 -23.01 -12.18
CA ARG L 34 -21.41 -21.74 -12.79
C ARG L 34 -21.49 -20.62 -11.76
N TRP L 35 -21.80 -20.95 -10.51
CA TRP L 35 -22.15 -19.93 -9.53
C TRP L 35 -20.99 -19.53 -8.62
N GLY L 36 -20.02 -20.41 -8.41
CA GLY L 36 -18.90 -20.07 -7.57
C GLY L 36 -19.23 -20.12 -6.10
N THR L 37 -19.61 -21.30 -5.61
CA THR L 37 -19.96 -21.49 -4.21
C THR L 37 -19.07 -22.48 -3.50
N LEU L 38 -18.73 -23.58 -4.13
CA LEU L 38 -17.92 -24.62 -3.52
C LEU L 38 -16.55 -24.71 -4.19
N LEU L 39 -15.77 -25.71 -3.78
CA LEU L 39 -14.37 -25.86 -4.21
C LEU L 39 -14.00 -27.32 -4.11
N ALA L 40 -13.88 -28.01 -5.25
CA ALA L 40 -13.67 -29.46 -5.28
C ALA L 40 -12.17 -29.72 -5.35
N VAL L 41 -11.54 -29.82 -4.17
CA VAL L 41 -10.10 -29.99 -4.08
C VAL L 41 -9.74 -31.44 -4.37
N GLY L 42 -9.10 -31.69 -5.51
CA GLY L 42 -8.65 -33.04 -5.84
C GLY L 42 -7.39 -33.41 -5.06
N CYS L 43 -7.34 -34.67 -4.63
CA CYS L 43 -6.29 -35.13 -3.74
C CYS L 43 -5.54 -36.34 -4.32
N ASN L 44 -4.41 -36.63 -3.69
CA ASN L 44 -3.49 -37.67 -4.17
C ASN L 44 -3.97 -39.06 -3.80
N ASP L 45 -4.56 -39.22 -2.61
CA ASP L 45 -5.02 -40.53 -2.15
C ASP L 45 -6.48 -40.79 -2.51
N GLY L 46 -6.96 -40.23 -3.62
CA GLY L 46 -8.31 -40.49 -4.10
C GLY L 46 -9.41 -39.85 -3.28
N ARG L 47 -9.31 -38.54 -3.10
CA ARG L 47 -10.30 -37.78 -2.33
C ARG L 47 -10.69 -36.54 -3.10
N ILE L 48 -11.90 -36.04 -2.82
CA ILE L 48 -12.36 -34.75 -3.29
C ILE L 48 -12.87 -34.00 -2.06
N VAL L 49 -12.09 -33.03 -1.60
CA VAL L 49 -12.47 -32.19 -0.47
C VAL L 49 -13.29 -31.03 -1.01
N ILE L 50 -14.45 -30.77 -0.41
CA ILE L 50 -15.34 -29.71 -0.85
C ILE L 50 -15.41 -28.65 0.24
N TRP L 51 -15.01 -27.43 -0.10
CA TRP L 51 -14.93 -26.33 0.84
C TRP L 51 -15.81 -25.19 0.35
N ASP L 52 -16.36 -24.42 1.28
CA ASP L 52 -17.27 -23.33 0.99
C ASP L 52 -16.57 -21.98 1.15
N PHE L 53 -17.05 -20.98 0.42
CA PHE L 53 -16.51 -19.63 0.50
C PHE L 53 -17.22 -18.76 1.55
N LEU L 54 -18.52 -18.57 1.38
CA LEU L 54 -19.25 -17.58 2.18
C LEU L 54 -19.47 -18.05 3.61
N THR L 55 -19.31 -19.35 3.87
CA THR L 55 -19.37 -19.89 5.22
C THR L 55 -18.05 -20.48 5.68
N ARG L 56 -17.06 -20.59 4.78
CA ARG L 56 -15.68 -21.00 5.07
C ARG L 56 -15.60 -22.40 5.70
N GLY L 57 -16.51 -23.30 5.31
CA GLY L 57 -16.59 -24.59 5.94
C GLY L 57 -16.45 -25.71 4.93
N ILE L 58 -16.16 -26.90 5.44
CA ILE L 58 -16.05 -28.12 4.65
C ILE L 58 -17.34 -28.90 4.85
N ALA L 59 -18.17 -28.97 3.81
CA ALA L 59 -19.46 -29.65 3.94
C ALA L 59 -19.32 -31.16 3.80
N LYS L 60 -18.84 -31.63 2.66
CA LYS L 60 -18.79 -33.06 2.34
C LYS L 60 -17.37 -33.46 1.97
N ILE L 61 -16.93 -34.59 2.52
CA ILE L 61 -15.64 -35.19 2.20
C ILE L 61 -15.91 -36.52 1.53
N ILE L 62 -15.82 -36.55 0.20
CA ILE L 62 -15.99 -37.78 -0.58
C ILE L 62 -14.63 -38.45 -0.65
N SER L 63 -14.47 -39.56 0.06
CA SER L 63 -13.27 -40.40 -0.03
C SER L 63 -13.48 -41.33 -1.22
N ALA L 64 -13.10 -40.85 -2.40
CA ALA L 64 -13.49 -41.50 -3.64
C ALA L 64 -12.68 -42.77 -3.90
N HIS L 65 -11.36 -42.68 -3.85
CA HIS L 65 -10.49 -43.73 -4.35
C HIS L 65 -9.25 -43.80 -3.46
N ILE L 66 -8.19 -44.41 -3.97
CA ILE L 66 -6.88 -44.41 -3.32
C ILE L 66 -5.79 -43.87 -4.24
N HIS L 67 -6.08 -43.68 -5.52
CA HIS L 67 -5.16 -43.33 -6.58
C HIS L 67 -5.22 -41.83 -6.87
N PRO L 68 -4.16 -41.25 -7.54
CA PRO L 68 -4.18 -39.81 -7.83
C PRO L 68 -5.29 -39.36 -8.79
N VAL L 69 -6.24 -38.59 -8.26
CA VAL L 69 -7.35 -38.07 -9.05
C VAL L 69 -6.83 -36.91 -9.90
N CYS L 70 -6.80 -37.11 -11.22
CA CYS L 70 -6.15 -36.19 -12.15
C CYS L 70 -7.07 -35.08 -12.64
N SER L 71 -8.20 -35.43 -13.23
CA SER L 71 -9.08 -34.44 -13.85
C SER L 71 -10.40 -34.36 -13.11
N LEU L 72 -11.06 -33.20 -13.24
CA LEU L 72 -12.36 -32.93 -12.63
C LEU L 72 -13.15 -32.04 -13.58
N CYS L 73 -14.48 -32.08 -13.46
CA CYS L 73 -15.34 -31.19 -14.24
C CYS L 73 -16.73 -31.15 -13.60
N TRP L 74 -17.21 -29.94 -13.28
CA TRP L 74 -18.58 -29.73 -12.85
C TRP L 74 -19.51 -29.65 -14.06
N SER L 75 -20.78 -29.94 -13.83
CA SER L 75 -21.81 -29.81 -14.85
C SER L 75 -22.69 -28.59 -14.54
N ARG L 76 -23.65 -28.33 -15.41
CA ARG L 76 -24.49 -27.14 -15.25
C ARG L 76 -25.57 -27.32 -14.20
N ASP L 77 -26.12 -28.53 -14.07
CA ASP L 77 -27.24 -28.77 -13.17
C ASP L 77 -26.87 -28.67 -11.69
N GLY L 78 -25.58 -28.70 -11.37
CA GLY L 78 -25.17 -28.64 -9.98
C GLY L 78 -25.30 -29.97 -9.26
N HIS L 79 -25.17 -31.07 -9.98
CA HIS L 79 -25.28 -32.39 -9.39
C HIS L 79 -24.20 -33.38 -9.80
N LYS L 80 -23.55 -33.20 -10.95
CA LYS L 80 -22.78 -34.27 -11.58
C LYS L 80 -21.35 -33.85 -11.87
N LEU L 81 -20.42 -34.28 -11.01
CA LEU L 81 -19.00 -34.22 -11.30
C LEU L 81 -18.62 -35.36 -12.24
N VAL L 82 -17.37 -35.36 -12.68
CA VAL L 82 -16.78 -36.49 -13.42
C VAL L 82 -15.27 -36.42 -13.23
N SER L 83 -14.66 -37.57 -12.97
CA SER L 83 -13.23 -37.61 -12.67
C SER L 83 -12.63 -38.90 -13.19
N ALA L 84 -11.30 -39.00 -13.06
CA ALA L 84 -10.54 -40.18 -13.43
C ALA L 84 -9.22 -40.14 -12.67
N SER L 85 -8.51 -41.26 -12.69
CA SER L 85 -7.30 -41.39 -11.88
C SER L 85 -6.31 -42.30 -12.59
N THR L 86 -5.27 -42.71 -11.87
CA THR L 86 -4.53 -43.91 -12.23
C THR L 86 -5.26 -45.17 -11.80
N ASP L 87 -6.31 -45.02 -11.00
CA ASP L 87 -7.38 -46.01 -10.89
C ASP L 87 -8.05 -46.25 -12.22
N ASN L 88 -8.02 -45.25 -13.13
CA ASN L 88 -8.42 -45.35 -14.53
C ASN L 88 -9.91 -45.65 -14.65
N ILE L 89 -10.67 -45.09 -13.71
CA ILE L 89 -12.11 -45.27 -13.64
C ILE L 89 -12.75 -43.93 -13.87
N VAL L 90 -13.59 -43.83 -14.89
CA VAL L 90 -14.31 -42.60 -15.19
C VAL L 90 -15.49 -42.52 -14.22
N SER L 91 -15.26 -41.91 -13.07
CA SER L 91 -16.21 -41.92 -11.98
C SER L 91 -17.22 -40.79 -12.14
N GLN L 92 -18.10 -40.64 -11.15
CA GLN L 92 -19.14 -39.63 -11.11
C GLN L 92 -19.66 -39.59 -9.68
N TRP L 93 -20.06 -38.41 -9.22
CA TRP L 93 -20.50 -38.24 -7.84
C TRP L 93 -21.65 -37.23 -7.79
N ASP L 94 -22.27 -37.15 -6.62
CA ASP L 94 -23.31 -36.17 -6.35
C ASP L 94 -23.08 -35.60 -4.95
N VAL L 95 -23.33 -34.30 -4.80
CA VAL L 95 -22.93 -33.59 -3.58
C VAL L 95 -23.92 -33.73 -2.44
N LEU L 96 -25.04 -34.42 -2.64
CA LEU L 96 -26.02 -34.56 -1.56
C LEU L 96 -25.49 -35.47 -0.46
N SER L 97 -25.07 -36.68 -0.81
CA SER L 97 -24.54 -37.61 0.17
C SER L 97 -23.34 -38.40 -0.33
N GLY L 98 -22.75 -38.04 -1.47
CA GLY L 98 -21.65 -38.81 -2.00
C GLY L 98 -22.09 -40.08 -2.67
N ASP L 99 -22.86 -39.95 -3.75
CA ASP L 99 -23.47 -41.09 -4.43
C ASP L 99 -22.72 -41.34 -5.74
N CYS L 100 -21.85 -42.35 -5.72
CA CYS L 100 -21.17 -42.77 -6.93
C CYS L 100 -22.14 -43.51 -7.84
N ASP L 101 -22.72 -42.79 -8.81
CA ASP L 101 -23.74 -43.38 -9.66
C ASP L 101 -23.16 -44.38 -10.65
N GLN L 102 -22.05 -44.02 -11.30
CA GLN L 102 -21.49 -44.83 -12.36
C GLN L 102 -19.99 -45.03 -12.15
N ARG L 103 -19.45 -46.04 -12.84
CA ARG L 103 -18.10 -46.53 -12.56
C ARG L 103 -17.58 -47.22 -13.82
N PHE L 104 -16.70 -46.54 -14.55
CA PHE L 104 -16.24 -47.01 -15.85
C PHE L 104 -14.76 -47.35 -15.77
N ARG L 105 -14.46 -48.59 -15.38
CA ARG L 105 -13.09 -49.07 -15.33
C ARG L 105 -12.57 -49.25 -16.76
N PHE L 106 -11.70 -48.34 -17.21
CA PHE L 106 -11.24 -48.22 -18.58
C PHE L 106 -9.72 -48.26 -18.66
N PRO L 107 -9.15 -48.66 -19.82
CA PRO L 107 -7.69 -48.55 -20.00
C PRO L 107 -7.28 -47.14 -20.39
N SER L 108 -5.99 -46.96 -20.77
CA SER L 108 -5.44 -45.74 -21.38
C SER L 108 -5.67 -44.48 -20.54
N PRO L 109 -4.82 -44.23 -19.53
CA PRO L 109 -5.09 -43.20 -18.50
C PRO L 109 -5.40 -41.80 -19.03
N ILE L 110 -6.07 -41.03 -18.19
CA ILE L 110 -6.85 -39.89 -18.62
C ILE L 110 -6.14 -38.60 -18.20
N LEU L 111 -6.32 -37.56 -19.00
CA LEU L 111 -5.81 -36.22 -18.70
C LEU L 111 -6.90 -35.20 -18.39
N LYS L 112 -7.98 -35.16 -19.16
CA LYS L 112 -8.98 -34.12 -18.99
C LYS L 112 -10.37 -34.65 -19.35
N VAL L 113 -11.36 -34.29 -18.54
CA VAL L 113 -12.76 -34.56 -18.82
C VAL L 113 -13.47 -33.23 -19.04
N GLN L 114 -14.55 -33.26 -19.84
CA GLN L 114 -15.24 -32.03 -20.22
C GLN L 114 -16.65 -32.35 -20.70
N TYR L 115 -17.65 -31.73 -20.08
CA TYR L 115 -19.03 -31.90 -20.50
C TYR L 115 -19.33 -31.09 -21.76
N HIS L 116 -20.44 -31.45 -22.39
CA HIS L 116 -21.19 -30.47 -23.15
C HIS L 116 -21.98 -29.61 -22.17
N PRO L 117 -22.05 -28.28 -22.38
CA PRO L 117 -22.55 -27.40 -21.30
C PRO L 117 -24.02 -27.57 -20.96
N ARG L 118 -24.88 -27.95 -21.92
CA ARG L 118 -26.29 -28.15 -21.63
C ARG L 118 -26.81 -29.52 -21.99
N ASP L 119 -26.18 -30.23 -22.93
CA ASP L 119 -26.53 -31.62 -23.22
C ASP L 119 -25.58 -32.49 -22.41
N GLN L 120 -25.82 -32.52 -21.09
CA GLN L 120 -24.89 -33.10 -20.12
C GLN L 120 -24.93 -34.62 -20.06
N ASN L 121 -25.57 -35.29 -21.02
CA ASN L 121 -25.37 -36.71 -21.23
C ASN L 121 -24.04 -36.98 -21.91
N LYS L 122 -23.48 -35.99 -22.58
CA LYS L 122 -22.28 -36.16 -23.40
C LYS L 122 -21.09 -35.51 -22.71
N VAL L 123 -20.06 -36.31 -22.41
CA VAL L 123 -18.82 -35.83 -21.81
C VAL L 123 -17.69 -36.14 -22.79
N LEU L 124 -16.61 -35.38 -22.69
CA LEU L 124 -15.50 -35.45 -23.63
C LEU L 124 -14.21 -35.72 -22.85
N VAL L 125 -13.57 -36.83 -23.16
CA VAL L 125 -12.52 -37.42 -22.33
C VAL L 125 -11.25 -37.58 -23.15
N CYS L 126 -10.13 -37.10 -22.61
CA CYS L 126 -8.83 -37.18 -23.26
C CYS L 126 -8.05 -38.38 -22.74
N PRO L 127 -7.76 -39.40 -23.56
CA PRO L 127 -6.91 -40.51 -23.12
C PRO L 127 -5.44 -40.16 -23.09
N MET L 128 -4.59 -41.17 -22.83
CA MET L 128 -3.16 -40.94 -22.80
C MET L 128 -2.56 -40.82 -24.20
N LYS L 129 -2.88 -41.77 -25.08
CA LYS L 129 -2.17 -41.91 -26.34
C LYS L 129 -3.01 -41.50 -27.55
N SER L 130 -4.17 -42.12 -27.74
CA SER L 130 -4.91 -41.93 -28.98
C SER L 130 -5.87 -40.74 -28.84
N ALA L 131 -6.76 -40.60 -29.81
CA ALA L 131 -7.60 -39.43 -29.94
C ALA L 131 -8.65 -39.35 -28.83
N PRO L 132 -9.03 -38.13 -28.43
CA PRO L 132 -10.19 -37.99 -27.54
C PRO L 132 -11.46 -38.43 -28.23
N VAL L 133 -12.20 -39.32 -27.57
CA VAL L 133 -13.41 -39.92 -28.11
C VAL L 133 -14.54 -39.59 -27.15
N MET L 134 -15.65 -39.10 -27.70
CA MET L 134 -16.73 -38.55 -26.87
C MET L 134 -17.47 -39.67 -26.17
N LEU L 135 -17.30 -39.77 -24.85
CA LEU L 135 -18.06 -40.72 -24.06
C LEU L 135 -19.46 -40.19 -23.78
N THR L 136 -20.28 -41.05 -23.17
CA THR L 136 -21.60 -40.67 -22.70
C THR L 136 -21.75 -41.05 -21.23
N LEU L 137 -22.97 -40.95 -20.69
CA LEU L 137 -23.22 -41.40 -19.33
C LEU L 137 -23.76 -42.83 -19.30
N SER L 138 -24.88 -43.09 -19.97
CA SER L 138 -25.53 -44.40 -19.85
C SER L 138 -24.85 -45.44 -20.73
N ASP L 139 -24.90 -45.23 -22.04
CA ASP L 139 -24.42 -46.24 -22.97
C ASP L 139 -22.93 -46.10 -23.23
N SER L 140 -22.34 -47.19 -23.72
CA SER L 140 -20.94 -47.23 -24.09
C SER L 140 -20.70 -46.78 -25.54
N LYS L 141 -21.70 -46.17 -26.17
CA LYS L 141 -21.58 -45.73 -27.56
C LYS L 141 -20.70 -44.49 -27.63
N HIS L 142 -19.39 -44.72 -27.54
CA HIS L 142 -18.42 -43.65 -27.70
C HIS L 142 -18.33 -43.25 -29.16
N VAL L 143 -18.30 -41.95 -29.42
CA VAL L 143 -18.34 -41.43 -30.79
C VAL L 143 -16.91 -41.08 -31.20
N VAL L 144 -16.38 -41.84 -32.16
CA VAL L 144 -14.97 -41.74 -32.55
C VAL L 144 -14.75 -40.43 -33.31
N LEU L 145 -13.82 -39.62 -32.81
CA LEU L 145 -13.52 -38.34 -33.44
C LEU L 145 -12.29 -38.52 -34.32
N PRO L 146 -12.45 -38.51 -35.65
CA PRO L 146 -11.36 -38.98 -36.52
C PRO L 146 -10.19 -38.01 -36.67
N VAL L 147 -9.07 -38.36 -36.06
CA VAL L 147 -7.81 -37.66 -36.24
C VAL L 147 -7.03 -38.36 -37.34
N ASP L 148 -6.51 -37.58 -38.29
CA ASP L 148 -5.92 -38.16 -39.49
C ASP L 148 -4.54 -38.74 -39.24
N ASP L 149 -3.65 -37.97 -38.60
CA ASP L 149 -2.24 -38.32 -38.57
C ASP L 149 -1.94 -39.45 -37.61
N ASP L 150 -2.41 -39.33 -36.36
CA ASP L 150 -2.38 -40.35 -35.30
C ASP L 150 -0.98 -40.76 -34.86
N SER L 151 0.07 -40.12 -35.35
CA SER L 151 1.43 -40.44 -34.97
C SER L 151 1.97 -39.50 -33.89
N ASP L 152 1.14 -38.59 -33.39
CA ASP L 152 1.59 -37.57 -32.44
C ASP L 152 1.46 -38.01 -31.00
N LEU L 153 0.54 -38.93 -30.71
CA LEU L 153 0.35 -39.64 -29.44
C LEU L 153 -0.11 -38.73 -28.29
N ASN L 154 -0.29 -37.43 -28.51
CA ASN L 154 -0.79 -36.51 -27.50
C ASN L 154 -1.61 -35.46 -28.23
N VAL L 155 -2.91 -35.67 -28.32
CA VAL L 155 -3.83 -34.81 -29.06
C VAL L 155 -4.93 -34.37 -28.10
N VAL L 156 -5.15 -33.07 -28.00
CA VAL L 156 -6.11 -32.51 -27.05
C VAL L 156 -7.24 -31.84 -27.82
N ALA L 157 -8.44 -31.88 -27.24
CA ALA L 157 -9.62 -31.37 -27.92
C ALA L 157 -10.64 -30.88 -26.91
N SER L 158 -11.60 -30.08 -27.40
CA SER L 158 -12.57 -29.44 -26.54
C SER L 158 -13.75 -28.94 -27.37
N PHE L 159 -14.76 -28.44 -26.66
CA PHE L 159 -15.92 -27.78 -27.25
C PHE L 159 -15.59 -26.32 -27.50
N ASP L 160 -16.59 -25.56 -27.97
CA ASP L 160 -16.56 -24.10 -27.84
C ASP L 160 -17.33 -23.73 -26.58
N ARG L 161 -17.72 -22.45 -26.45
CA ARG L 161 -18.45 -22.00 -25.26
C ARG L 161 -19.82 -22.64 -25.15
N ARG L 162 -20.63 -22.55 -26.22
CA ARG L 162 -22.00 -23.03 -26.18
C ARG L 162 -22.14 -24.51 -26.52
N GLY L 163 -21.03 -25.21 -26.69
CA GLY L 163 -21.10 -26.59 -27.15
C GLY L 163 -21.51 -26.74 -28.59
N GLU L 164 -21.32 -25.70 -29.40
CA GLU L 164 -21.77 -25.70 -30.78
C GLU L 164 -20.78 -26.35 -31.74
N TYR L 165 -19.55 -26.55 -31.32
CA TYR L 165 -18.53 -27.17 -32.17
C TYR L 165 -17.61 -28.03 -31.32
N ILE L 166 -16.65 -28.65 -31.98
CA ILE L 166 -15.55 -29.35 -31.33
C ILE L 166 -14.26 -28.83 -31.92
N TYR L 167 -13.39 -28.29 -31.08
CA TYR L 167 -12.07 -27.83 -31.50
C TYR L 167 -11.05 -28.87 -31.06
N THR L 168 -10.04 -29.10 -31.91
CA THR L 168 -9.03 -30.12 -31.64
C THR L 168 -7.63 -29.52 -31.71
N GLY L 169 -6.65 -30.27 -31.22
CA GLY L 169 -5.26 -29.87 -31.35
C GLY L 169 -4.27 -31.01 -31.24
N ASN L 170 -3.40 -31.14 -32.24
CA ASN L 170 -2.42 -32.22 -32.29
C ASN L 170 -1.12 -31.80 -31.61
N ALA L 171 -0.06 -32.57 -31.84
CA ALA L 171 1.27 -32.16 -31.45
C ALA L 171 2.11 -31.62 -32.61
N LYS L 172 1.68 -31.84 -33.85
CA LYS L 172 2.40 -31.26 -34.98
C LYS L 172 2.11 -29.78 -35.12
N GLY L 173 0.85 -29.39 -35.05
CA GLY L 173 0.47 -28.00 -35.18
C GLY L 173 -0.81 -27.79 -35.94
N LYS L 174 -1.32 -28.85 -36.56
CA LYS L 174 -2.52 -28.72 -37.37
C LYS L 174 -3.76 -28.72 -36.47
N ILE L 175 -4.70 -27.82 -36.76
CA ILE L 175 -5.90 -27.67 -35.95
C ILE L 175 -7.10 -28.02 -36.81
N LEU L 176 -7.96 -28.91 -36.31
CA LEU L 176 -9.17 -29.31 -36.99
C LEU L 176 -10.39 -29.03 -36.12
N VAL L 177 -11.51 -28.71 -36.78
CA VAL L 177 -12.74 -28.35 -36.10
C VAL L 177 -13.87 -29.24 -36.63
N LEU L 178 -14.59 -29.87 -35.72
CA LEU L 178 -15.69 -30.75 -36.07
C LEU L 178 -16.99 -30.27 -35.42
N LYS L 179 -18.11 -30.70 -35.98
CA LYS L 179 -19.41 -30.43 -35.38
C LYS L 179 -19.56 -31.28 -34.12
N THR L 180 -20.39 -30.80 -33.18
CA THR L 180 -20.43 -31.32 -31.81
C THR L 180 -20.85 -32.78 -31.71
N ASP L 181 -21.61 -33.30 -32.68
CA ASP L 181 -21.94 -34.73 -32.66
C ASP L 181 -21.83 -35.43 -34.01
N SER L 182 -21.89 -34.73 -35.14
CA SER L 182 -21.84 -35.38 -36.45
C SER L 182 -20.56 -35.10 -37.21
N GLN L 183 -19.64 -34.33 -36.64
CA GLN L 183 -18.22 -34.24 -37.05
C GLN L 183 -18.07 -33.69 -38.47
N ASP L 184 -18.49 -32.44 -38.67
CA ASP L 184 -18.31 -31.75 -39.94
C ASP L 184 -16.94 -31.08 -39.97
N LEU L 185 -16.09 -31.52 -40.89
CA LEU L 185 -14.76 -30.93 -41.08
C LEU L 185 -14.94 -29.56 -41.71
N VAL L 186 -14.87 -28.52 -40.88
CA VAL L 186 -15.15 -27.16 -41.35
C VAL L 186 -13.96 -26.23 -41.24
N ALA L 187 -12.92 -26.55 -40.48
CA ALA L 187 -11.79 -25.65 -40.34
C ALA L 187 -10.50 -26.43 -40.21
N SER L 188 -9.46 -25.93 -40.87
CA SER L 188 -8.19 -26.64 -40.95
C SER L 188 -7.07 -25.61 -41.08
N PHE L 189 -6.17 -25.56 -40.10
CA PHE L 189 -5.02 -24.68 -40.19
C PHE L 189 -3.90 -25.21 -39.31
N ARG L 190 -2.67 -25.03 -39.79
CA ARG L 190 -1.48 -25.29 -39.01
C ARG L 190 -0.96 -23.99 -38.41
N VAL L 191 -0.49 -24.04 -37.17
CA VAL L 191 -0.14 -22.84 -36.43
C VAL L 191 1.20 -22.29 -36.94
N THR L 192 1.37 -20.98 -36.84
CA THR L 192 2.53 -20.29 -37.42
C THR L 192 3.62 -20.13 -36.36
N THR L 193 4.07 -21.27 -35.83
CA THR L 193 5.12 -21.31 -34.83
C THR L 193 6.48 -21.30 -35.53
N GLY L 194 7.33 -20.34 -35.18
CA GLY L 194 8.65 -20.17 -35.73
C GLY L 194 8.60 -19.95 -37.23
N THR L 195 9.63 -20.45 -37.92
CA THR L 195 9.59 -20.54 -39.37
C THR L 195 9.63 -22.00 -39.83
N SER L 196 10.63 -22.77 -39.42
CA SER L 196 10.79 -24.15 -39.86
C SER L 196 10.36 -25.18 -38.83
N ASN L 197 10.23 -24.78 -37.56
CA ASN L 197 9.89 -25.70 -36.49
C ASN L 197 8.59 -25.24 -35.85
N THR L 198 7.58 -26.11 -35.88
CA THR L 198 6.32 -25.83 -35.21
C THR L 198 6.40 -26.35 -33.77
N THR L 199 5.27 -26.37 -33.06
CA THR L 199 5.27 -26.85 -31.69
C THR L 199 3.92 -27.50 -31.38
N ALA L 200 3.86 -28.12 -30.21
CA ALA L 200 2.67 -28.83 -29.77
C ALA L 200 1.74 -27.90 -29.02
N ILE L 201 0.63 -28.46 -28.53
CA ILE L 201 -0.40 -27.75 -27.79
C ILE L 201 -0.51 -28.43 -26.44
N LYS L 202 -0.76 -27.67 -25.37
CA LYS L 202 -0.96 -28.27 -24.07
C LYS L 202 -2.32 -28.01 -23.45
N SER L 203 -3.00 -26.92 -23.83
CA SER L 203 -4.35 -26.66 -23.38
C SER L 203 -4.98 -25.60 -24.27
N ILE L 204 -6.31 -25.62 -24.34
CA ILE L 204 -7.11 -24.58 -25.00
C ILE L 204 -8.31 -24.30 -24.09
N GLU L 205 -8.48 -23.04 -23.69
CA GLU L 205 -9.53 -22.70 -22.74
C GLU L 205 -10.47 -21.65 -23.32
N PHE L 206 -11.63 -21.51 -22.67
CA PHE L 206 -12.74 -20.76 -23.22
C PHE L 206 -13.41 -19.95 -22.13
N ALA L 207 -14.12 -18.91 -22.55
CA ALA L 207 -14.66 -17.90 -21.65
C ALA L 207 -16.10 -18.25 -21.27
N ARG L 208 -16.78 -17.28 -20.66
CA ARG L 208 -18.19 -17.39 -20.34
C ARG L 208 -19.03 -16.35 -21.07
N LYS L 209 -18.41 -15.52 -21.90
CA LYS L 209 -19.11 -14.53 -22.71
C LYS L 209 -18.20 -14.22 -23.89
N GLY L 210 -18.61 -14.61 -25.08
CA GLY L 210 -17.80 -14.45 -26.26
C GLY L 210 -17.11 -15.75 -26.64
N SER L 211 -16.47 -15.73 -27.81
CA SER L 211 -15.82 -16.92 -28.34
C SER L 211 -14.35 -16.66 -28.62
N CYS L 212 -13.70 -15.85 -27.78
CA CYS L 212 -12.25 -15.77 -27.83
C CYS L 212 -11.64 -16.95 -27.08
N PHE L 213 -10.47 -17.38 -27.53
CA PHE L 213 -9.82 -18.52 -26.89
C PHE L 213 -8.32 -18.45 -27.09
N LEU L 214 -7.59 -19.11 -26.18
CA LEU L 214 -6.14 -19.08 -26.14
C LEU L 214 -5.56 -20.41 -26.60
N ILE L 215 -4.35 -20.35 -27.14
CA ILE L 215 -3.64 -21.51 -27.64
C ILE L 215 -2.36 -21.63 -26.83
N ASN L 216 -2.35 -22.53 -25.85
CA ASN L 216 -1.19 -22.72 -24.98
C ASN L 216 -0.18 -23.57 -25.74
N THR L 217 0.73 -22.90 -26.44
CA THR L 217 1.74 -23.60 -27.23
C THR L 217 2.88 -24.05 -26.33
N ALA L 218 3.99 -24.49 -26.93
CA ALA L 218 5.11 -25.00 -26.15
C ALA L 218 6.45 -24.40 -26.59
N ASP L 219 6.43 -23.25 -27.26
CA ASP L 219 7.61 -22.42 -27.40
C ASP L 219 7.52 -21.17 -26.53
N ARG L 220 6.88 -21.33 -25.37
CA ARG L 220 6.72 -20.29 -24.34
C ARG L 220 5.95 -19.07 -24.84
N ILE L 221 5.03 -19.28 -25.78
CA ILE L 221 4.23 -18.21 -26.35
C ILE L 221 2.77 -18.61 -26.26
N ILE L 222 1.94 -17.76 -25.67
CA ILE L 222 0.50 -17.94 -25.72
C ILE L 222 -0.03 -17.19 -26.93
N ARG L 223 -0.91 -17.81 -27.69
CA ARG L 223 -1.56 -17.17 -28.82
C ARG L 223 -3.07 -17.17 -28.60
N VAL L 224 -3.73 -16.08 -29.02
CA VAL L 224 -5.13 -15.85 -28.74
C VAL L 224 -5.88 -15.71 -30.06
N TYR L 225 -6.99 -16.43 -30.20
CA TYR L 225 -7.83 -16.37 -31.39
C TYR L 225 -9.30 -16.22 -31.00
N ASP L 226 -10.09 -15.82 -32.00
CA ASP L 226 -11.54 -15.67 -31.87
C ASP L 226 -12.23 -16.72 -32.74
N GLY L 227 -13.44 -17.08 -32.33
CA GLY L 227 -14.21 -18.09 -33.04
C GLY L 227 -14.75 -17.63 -34.38
N ARG L 228 -15.22 -16.38 -34.44
CA ARG L 228 -15.76 -15.84 -35.69
C ARG L 228 -14.65 -15.69 -36.73
N GLU L 229 -13.44 -15.35 -36.29
CA GLU L 229 -12.33 -15.18 -37.21
C GLU L 229 -11.93 -16.51 -37.86
N ILE L 230 -11.88 -17.59 -37.08
CA ILE L 230 -11.52 -18.87 -37.66
C ILE L 230 -12.68 -19.51 -38.40
N LEU L 231 -13.93 -19.19 -38.05
CA LEU L 231 -15.04 -19.64 -38.88
C LEU L 231 -15.10 -18.88 -40.21
N THR L 232 -14.58 -17.65 -40.24
CA THR L 232 -14.41 -16.97 -41.52
C THR L 232 -13.23 -17.56 -42.27
N CYS L 233 -12.16 -17.92 -41.57
CA CYS L 233 -11.04 -18.64 -42.17
C CYS L 233 -11.49 -19.99 -42.69
N GLY L 234 -11.91 -20.87 -41.79
CA GLY L 234 -12.46 -22.14 -42.22
C GLY L 234 -11.39 -23.10 -42.71
N ARG L 235 -11.71 -23.82 -43.77
CA ARG L 235 -10.83 -24.84 -44.33
C ARG L 235 -9.69 -24.17 -45.09
N ASP L 236 -8.45 -24.57 -44.77
CA ASP L 236 -7.21 -24.01 -45.30
C ASP L 236 -7.14 -22.49 -45.09
N GLY L 237 -7.10 -22.11 -43.82
CA GLY L 237 -6.93 -20.71 -43.48
C GLY L 237 -5.59 -20.45 -42.84
N GLU L 238 -5.21 -19.17 -42.75
CA GLU L 238 -4.04 -18.73 -41.99
C GLU L 238 -4.52 -17.65 -41.01
N PRO L 239 -5.10 -18.05 -39.88
CA PRO L 239 -5.61 -17.05 -38.94
C PRO L 239 -4.48 -16.37 -38.20
N GLU L 240 -4.43 -15.05 -38.31
CA GLU L 240 -3.47 -14.32 -37.50
C GLU L 240 -4.01 -14.15 -36.08
N PRO L 241 -3.13 -14.11 -35.08
CA PRO L 241 -3.61 -14.02 -33.70
C PRO L 241 -4.09 -12.62 -33.34
N MET L 242 -5.06 -12.58 -32.43
CA MET L 242 -5.43 -11.31 -31.81
C MET L 242 -4.28 -10.76 -30.99
N GLN L 243 -3.55 -11.63 -30.30
CA GLN L 243 -2.56 -11.17 -29.33
C GLN L 243 -1.50 -12.25 -29.15
N LYS L 244 -0.26 -11.83 -28.97
CA LYS L 244 0.87 -12.72 -28.74
C LYS L 244 1.48 -12.37 -27.39
N LEU L 245 1.46 -13.31 -26.46
CA LEU L 245 1.92 -13.07 -25.10
C LEU L 245 3.12 -13.95 -24.79
N GLN L 246 4.06 -13.41 -24.02
CA GLN L 246 5.24 -14.14 -23.55
C GLN L 246 5.89 -13.31 -22.44
N ASP L 247 7.07 -13.74 -22.00
CA ASP L 247 7.86 -13.00 -21.01
C ASP L 247 9.33 -13.24 -21.31
N LEU L 248 9.94 -12.30 -22.05
CA LEU L 248 11.29 -12.51 -22.55
C LEU L 248 12.37 -12.25 -21.50
N VAL L 249 12.05 -11.56 -20.41
CA VAL L 249 13.05 -11.35 -19.37
C VAL L 249 13.32 -12.64 -18.63
N ASN L 250 12.29 -13.22 -18.03
CA ASN L 250 12.52 -14.31 -17.12
C ASN L 250 12.61 -15.65 -17.83
N ARG L 251 12.23 -15.73 -19.11
CA ARG L 251 12.35 -16.91 -19.96
C ARG L 251 11.61 -18.11 -19.34
N THR L 252 10.28 -17.97 -19.32
CA THR L 252 9.44 -18.84 -18.50
C THR L 252 8.57 -19.75 -19.36
N PRO L 253 8.55 -21.05 -19.09
CA PRO L 253 7.56 -21.93 -19.72
C PRO L 253 6.28 -22.01 -18.90
N TRP L 254 5.20 -22.36 -19.58
CA TRP L 254 3.86 -22.24 -19.03
C TRP L 254 3.30 -23.60 -18.61
N LYS L 255 2.39 -23.57 -17.64
CA LYS L 255 1.75 -24.77 -17.14
C LYS L 255 0.25 -24.79 -17.42
N LYS L 256 -0.50 -23.79 -16.95
CA LYS L 256 -1.95 -23.80 -17.09
C LYS L 256 -2.44 -22.38 -17.28
N CYS L 257 -3.34 -22.19 -18.25
CA CYS L 257 -3.92 -20.88 -18.53
C CYS L 257 -5.43 -20.95 -18.29
N CYS L 258 -6.05 -19.78 -18.23
CA CYS L 258 -7.49 -19.66 -18.08
C CYS L 258 -7.91 -18.28 -18.55
N PHE L 259 -9.15 -17.89 -18.22
CA PHE L 259 -9.71 -16.60 -18.57
C PHE L 259 -10.30 -15.92 -17.34
N SER L 260 -10.74 -14.68 -17.54
CA SER L 260 -11.38 -13.89 -16.49
C SER L 260 -12.88 -14.24 -16.45
N GLY L 261 -13.63 -13.47 -15.65
CA GLY L 261 -15.06 -13.65 -15.61
C GLY L 261 -15.80 -13.04 -16.78
N ASP L 262 -15.12 -12.22 -17.56
CA ASP L 262 -15.70 -11.63 -18.75
C ASP L 262 -14.91 -11.95 -20.01
N GLY L 263 -13.80 -12.67 -19.89
CA GLY L 263 -12.91 -12.86 -21.02
C GLY L 263 -12.16 -11.58 -21.34
N GLU L 264 -11.54 -10.99 -20.35
CA GLU L 264 -10.70 -9.82 -20.58
C GLU L 264 -9.32 -9.96 -19.96
N TYR L 265 -9.20 -10.62 -18.82
CA TYR L 265 -7.96 -10.67 -18.06
C TYR L 265 -7.44 -12.10 -18.07
N ILE L 266 -6.44 -12.37 -18.90
CA ILE L 266 -5.86 -13.70 -19.01
C ILE L 266 -4.99 -13.96 -17.79
N VAL L 267 -5.23 -15.08 -17.12
CA VAL L 267 -4.46 -15.46 -15.94
C VAL L 267 -3.70 -16.73 -16.29
N ALA L 268 -2.40 -16.60 -16.55
CA ALA L 268 -1.56 -17.73 -16.87
C ALA L 268 -0.55 -17.94 -15.75
N GLY L 269 -0.47 -19.17 -15.25
CA GLY L 269 0.42 -19.51 -14.16
C GLY L 269 1.75 -20.04 -14.70
N SER L 270 2.81 -19.85 -13.92
CA SER L 270 4.12 -20.31 -14.34
C SER L 270 4.27 -21.81 -14.13
N ALA L 271 5.46 -22.30 -14.46
CA ALA L 271 5.81 -23.70 -14.24
C ALA L 271 7.17 -23.83 -13.59
N ARG L 272 7.74 -22.74 -13.10
CA ARG L 272 9.07 -22.78 -12.52
C ARG L 272 9.13 -22.08 -11.16
N GLN L 273 8.34 -21.02 -10.97
CA GLN L 273 8.67 -20.02 -9.97
C GLN L 273 7.59 -19.67 -8.95
N HIS L 274 6.40 -20.26 -9.04
CA HIS L 274 5.24 -19.94 -8.18
C HIS L 274 4.88 -18.45 -8.28
N ALA L 275 4.40 -18.08 -9.46
CA ALA L 275 4.01 -16.69 -9.71
C ALA L 275 2.90 -16.65 -10.74
N LEU L 276 1.99 -15.70 -10.57
CA LEU L 276 0.91 -15.48 -11.54
C LEU L 276 1.14 -14.21 -12.32
N TYR L 277 0.85 -14.27 -13.61
CA TYR L 277 0.92 -13.13 -14.50
C TYR L 277 -0.48 -12.86 -15.03
N ILE L 278 -0.86 -11.59 -15.12
CA ILE L 278 -2.20 -11.20 -15.54
C ILE L 278 -2.08 -10.16 -16.65
N TRP L 279 -2.71 -10.43 -17.78
CA TRP L 279 -2.71 -9.53 -18.92
C TRP L 279 -4.08 -8.87 -19.11
N GLU L 280 -4.22 -8.15 -20.21
CA GLU L 280 -5.50 -7.68 -20.71
C GLU L 280 -5.73 -8.27 -22.09
N LYS L 281 -7.00 -8.54 -22.42
CA LYS L 281 -7.31 -9.01 -23.77
C LYS L 281 -7.12 -7.91 -24.79
N SER L 282 -7.58 -6.70 -24.47
CA SER L 282 -7.63 -5.61 -25.44
C SER L 282 -6.24 -5.05 -25.71
N ILE L 283 -5.61 -4.47 -24.69
CA ILE L 283 -4.30 -3.83 -24.88
C ILE L 283 -3.22 -4.89 -25.04
N GLY L 284 -3.09 -5.77 -24.06
CA GLY L 284 -2.11 -6.84 -24.12
C GLY L 284 -0.86 -6.62 -23.31
N ASN L 285 -0.89 -5.75 -22.31
CA ASN L 285 0.26 -5.57 -21.44
C ASN L 285 0.05 -6.32 -20.12
N LEU L 286 1.17 -6.59 -19.46
CA LEU L 286 1.12 -7.08 -18.09
C LEU L 286 0.56 -5.99 -17.20
N VAL L 287 -0.21 -6.38 -16.19
CA VAL L 287 -0.79 -5.43 -15.26
C VAL L 287 -0.30 -5.64 -13.83
N LYS L 288 -0.11 -6.88 -13.40
CA LYS L 288 0.42 -7.15 -12.07
C LYS L 288 0.98 -8.57 -12.04
N ILE L 289 2.10 -8.73 -11.33
CA ILE L 289 2.66 -10.04 -11.05
C ILE L 289 2.31 -10.39 -9.60
N LEU L 290 1.70 -11.54 -9.40
CA LEU L 290 1.40 -12.00 -8.05
C LEU L 290 2.55 -12.86 -7.52
N HIS L 291 2.56 -13.04 -6.21
CA HIS L 291 3.60 -13.83 -5.57
C HIS L 291 3.01 -14.58 -4.38
N GLY L 292 3.79 -15.51 -3.86
CA GLY L 292 3.41 -16.27 -2.68
C GLY L 292 4.63 -16.83 -1.98
N THR L 293 4.53 -18.06 -1.50
CA THR L 293 5.69 -18.73 -0.92
C THR L 293 6.69 -19.06 -2.02
N ARG L 294 7.89 -18.50 -1.90
CA ARG L 294 8.91 -18.58 -2.95
C ARG L 294 9.47 -19.99 -3.12
N GLY L 295 9.25 -20.88 -2.17
CA GLY L 295 9.80 -22.23 -2.24
C GLY L 295 8.82 -23.31 -2.60
N GLU L 296 7.95 -23.05 -3.58
CA GLU L 296 6.98 -24.03 -4.06
C GLU L 296 7.06 -24.13 -5.58
N LEU L 297 6.37 -25.13 -6.11
CA LEU L 297 6.20 -25.30 -7.55
C LEU L 297 4.71 -25.47 -7.84
N LEU L 298 4.18 -24.60 -8.68
CA LEU L 298 2.74 -24.43 -8.83
C LEU L 298 2.20 -25.34 -9.93
N LEU L 299 1.03 -25.94 -9.70
CA LEU L 299 0.43 -26.83 -10.68
C LEU L 299 -0.89 -26.30 -11.22
N ASP L 300 -1.88 -26.00 -10.38
CA ASP L 300 -3.20 -25.66 -10.89
C ASP L 300 -3.64 -24.31 -10.36
N VAL L 301 -4.32 -23.56 -11.23
CA VAL L 301 -4.77 -22.19 -10.96
C VAL L 301 -6.25 -22.11 -11.30
N ALA L 302 -7.06 -21.70 -10.32
CA ALA L 302 -8.50 -21.61 -10.49
C ALA L 302 -8.94 -20.15 -10.49
N TRP L 303 -9.77 -19.78 -11.47
CA TRP L 303 -10.37 -18.47 -11.54
C TRP L 303 -11.84 -18.55 -11.14
N HIS L 304 -12.31 -17.55 -10.42
CA HIS L 304 -13.68 -17.48 -9.94
C HIS L 304 -14.51 -16.60 -10.87
N PRO L 305 -15.69 -17.05 -11.31
CA PRO L 305 -16.35 -16.41 -12.45
C PRO L 305 -17.02 -15.07 -12.18
N VAL L 306 -17.65 -14.88 -11.01
CA VAL L 306 -18.42 -13.67 -10.77
C VAL L 306 -17.72 -12.72 -9.84
N ARG L 307 -16.66 -13.15 -9.17
CA ARG L 307 -15.94 -12.27 -8.28
C ARG L 307 -14.46 -12.62 -8.37
N PRO L 308 -13.60 -11.68 -8.77
CA PRO L 308 -12.23 -12.04 -9.15
C PRO L 308 -11.31 -12.40 -8.00
N ILE L 309 -11.35 -13.65 -7.57
CA ILE L 309 -10.42 -14.18 -6.56
C ILE L 309 -9.85 -15.48 -7.12
N ILE L 310 -8.54 -15.68 -6.93
CA ILE L 310 -7.82 -16.77 -7.58
C ILE L 310 -7.43 -17.80 -6.53
N ALA L 311 -7.38 -19.07 -6.95
CA ALA L 311 -6.86 -20.17 -6.14
C ALA L 311 -5.61 -20.74 -6.78
N SER L 312 -4.61 -21.06 -5.96
CA SER L 312 -3.31 -21.53 -6.41
C SER L 312 -2.95 -22.81 -5.68
N ILE L 313 -2.73 -23.88 -6.43
CA ILE L 313 -2.52 -25.22 -5.86
C ILE L 313 -1.06 -25.59 -6.01
N SER L 314 -0.35 -25.67 -4.88
CA SER L 314 1.03 -26.13 -4.85
C SER L 314 1.33 -26.64 -3.45
N SER L 315 1.96 -27.82 -3.37
CA SER L 315 2.37 -28.47 -2.12
C SER L 315 1.21 -28.71 -1.17
N GLY L 316 0.01 -28.92 -1.70
CA GLY L 316 -1.15 -29.09 -0.87
C GLY L 316 -1.73 -27.84 -0.28
N VAL L 317 -1.21 -26.67 -0.66
CA VAL L 317 -1.61 -25.39 -0.10
C VAL L 317 -2.42 -24.65 -1.15
N VAL L 318 -3.63 -24.22 -0.78
CA VAL L 318 -4.53 -23.50 -1.66
C VAL L 318 -4.80 -22.13 -1.06
N SER L 319 -4.56 -21.07 -1.83
CA SER L 319 -4.56 -19.72 -1.32
C SER L 319 -5.68 -18.88 -1.93
N ILE L 320 -6.19 -17.95 -1.12
CA ILE L 320 -7.29 -17.06 -1.48
C ILE L 320 -6.70 -15.67 -1.69
N TRP L 321 -6.84 -15.12 -2.88
CA TRP L 321 -6.21 -13.85 -3.26
C TRP L 321 -7.27 -12.84 -3.67
N ALA L 322 -7.67 -12.00 -2.73
CA ALA L 322 -8.61 -10.91 -2.93
C ALA L 322 -7.87 -9.57 -2.95
N GLN L 323 -8.64 -8.48 -2.91
CA GLN L 323 -8.07 -7.13 -2.91
C GLN L 323 -8.52 -6.26 -1.74
N ASN L 324 -9.33 -6.80 -0.83
CA ASN L 324 -9.65 -6.30 0.52
C ASN L 324 -10.57 -5.08 0.54
N GLN L 325 -10.88 -4.47 -0.61
CA GLN L 325 -11.59 -3.18 -0.72
C GLN L 325 -10.94 -2.11 0.18
N VAL L 326 -9.71 -1.75 -0.20
CA VAL L 326 -8.91 -0.83 0.59
C VAL L 326 -9.36 0.62 0.33
N GLU L 327 -10.10 0.84 -0.76
CA GLU L 327 -10.66 2.15 -1.10
C GLU L 327 -11.53 2.71 0.00
N ASN L 328 -12.71 2.10 0.23
CA ASN L 328 -13.44 1.87 1.48
C ASN L 328 -14.75 1.17 1.12
N TRP L 329 -15.52 0.79 2.14
CA TRP L 329 -16.95 0.56 1.95
C TRP L 329 -17.61 1.92 1.91
N SER L 330 -18.57 2.09 1.01
CA SER L 330 -19.25 3.38 0.90
C SER L 330 -20.76 3.21 1.00
N ALA L 331 -21.20 2.21 1.75
CA ALA L 331 -22.59 1.82 1.91
C ALA L 331 -23.46 2.92 2.52
N PHE L 332 -22.90 3.65 3.49
CA PHE L 332 -23.68 4.64 4.22
C PHE L 332 -23.71 6.01 3.57
N ALA L 333 -22.59 6.49 3.04
CA ALA L 333 -22.46 7.89 2.62
C ALA L 333 -22.14 8.01 1.14
N PRO L 334 -23.16 7.99 0.27
CA PRO L 334 -23.02 8.73 -1.00
C PRO L 334 -23.07 10.23 -0.79
N ASP L 335 -23.65 10.67 0.31
CA ASP L 335 -23.69 12.07 0.71
C ASP L 335 -22.43 12.40 1.51
N PHE L 336 -22.44 13.56 2.19
CA PHE L 336 -21.46 13.98 3.20
C PHE L 336 -20.05 14.06 2.60
N LYS L 337 -19.91 15.02 1.69
CA LYS L 337 -18.62 15.28 1.08
C LYS L 337 -17.79 16.18 1.98
N GLU L 338 -16.47 16.07 1.85
CA GLU L 338 -15.54 16.63 2.82
C GLU L 338 -15.10 18.03 2.40
N LEU L 339 -15.05 18.95 3.36
CA LEU L 339 -14.44 20.25 3.17
C LEU L 339 -13.16 20.33 3.98
N ASP L 340 -12.05 20.64 3.33
CA ASP L 340 -10.73 20.53 3.96
C ASP L 340 -10.50 21.66 4.95
N GLU L 341 -10.44 22.89 4.46
CA GLU L 341 -10.43 24.03 5.36
C GLU L 341 -11.85 24.32 5.83
N ASN L 342 -11.95 25.06 6.94
CA ASN L 342 -13.25 25.26 7.57
C ASN L 342 -14.10 26.23 6.76
N VAL L 343 -14.75 25.71 5.72
CA VAL L 343 -15.60 26.50 4.86
C VAL L 343 -16.89 26.82 5.59
N GLU L 344 -17.28 28.10 5.59
CA GLU L 344 -18.49 28.53 6.26
C GLU L 344 -19.40 29.25 5.27
N TYR L 345 -20.70 29.02 5.42
CA TYR L 345 -21.73 29.51 4.49
C TYR L 345 -22.91 30.04 5.31
N GLU L 346 -22.59 30.57 6.49
CA GLU L 346 -23.55 30.83 7.55
C GLU L 346 -24.38 32.09 7.34
N GLU L 347 -24.43 32.63 6.13
CA GLU L 347 -25.28 33.78 5.86
C GLU L 347 -26.76 33.40 5.88
N ARG L 348 -27.09 32.21 5.39
CA ARG L 348 -28.49 31.81 5.18
C ARG L 348 -29.21 31.62 6.51
N GLU L 349 -30.51 31.91 6.50
CA GLU L 349 -31.29 32.07 7.71
C GLU L 349 -32.59 31.27 7.71
N SER L 350 -32.97 30.67 6.59
CA SER L 350 -34.24 29.97 6.48
C SER L 350 -34.21 28.62 7.20
N GLU L 371 -46.00 10.60 -6.40
CA GLU L 371 -47.15 11.29 -6.98
C GLU L 371 -46.83 11.77 -8.38
N ASP L 372 -45.87 11.12 -9.04
CA ASP L 372 -45.51 11.47 -10.40
C ASP L 372 -45.28 10.27 -11.32
N GLU L 373 -45.35 9.04 -10.79
CA GLU L 373 -45.06 7.86 -11.59
C GLU L 373 -45.69 6.66 -10.90
N GLU L 374 -46.15 5.70 -11.70
CA GLU L 374 -46.77 4.47 -11.19
C GLU L 374 -46.11 3.28 -11.87
N VAL L 375 -45.14 2.68 -11.20
CA VAL L 375 -44.44 1.49 -11.67
C VAL L 375 -45.01 0.31 -10.90
N ASP L 376 -45.02 -0.87 -11.53
CA ASP L 376 -45.59 -2.06 -10.91
C ASP L 376 -44.69 -2.49 -9.75
N VAL L 377 -45.08 -2.11 -8.53
CA VAL L 377 -44.41 -2.57 -7.32
C VAL L 377 -44.58 -4.08 -7.16
N THR L 378 -45.71 -4.63 -7.58
CA THR L 378 -46.02 -6.04 -7.45
C THR L 378 -45.39 -6.88 -8.57
N SER L 379 -44.54 -6.30 -9.39
CA SER L 379 -43.86 -7.04 -10.45
C SER L 379 -42.78 -7.96 -9.87
N MET M 1 -15.42 1.86 -58.35
CA MET M 1 -15.68 0.49 -57.92
C MET M 1 -16.51 0.55 -56.65
N GLN M 2 -17.42 -0.42 -56.47
CA GLN M 2 -18.39 -0.41 -55.38
C GLN M 2 -18.33 -1.77 -54.67
N ILE M 3 -17.51 -1.86 -53.62
CA ILE M 3 -17.31 -3.10 -52.92
C ILE M 3 -18.18 -3.13 -51.67
N PHE M 4 -18.31 -4.33 -51.09
CA PHE M 4 -19.13 -4.54 -49.90
C PHE M 4 -18.36 -5.42 -48.92
N VAL M 5 -18.54 -5.15 -47.63
CA VAL M 5 -17.80 -5.83 -46.58
C VAL M 5 -18.80 -6.48 -45.63
N LYS M 6 -18.62 -7.77 -45.35
CA LYS M 6 -19.51 -8.48 -44.43
C LYS M 6 -18.83 -8.60 -43.08
N THR M 7 -19.13 -7.65 -42.20
CA THR M 7 -18.47 -7.57 -40.89
C THR M 7 -19.12 -8.55 -39.92
N LEU M 8 -18.79 -8.41 -38.64
CA LEU M 8 -19.36 -9.26 -37.61
C LEU M 8 -20.80 -8.92 -37.28
N THR M 9 -21.30 -7.77 -37.73
CA THR M 9 -22.66 -7.34 -37.47
C THR M 9 -23.49 -7.24 -38.75
N GLY M 10 -22.99 -7.73 -39.87
CA GLY M 10 -23.71 -7.64 -41.12
C GLY M 10 -23.74 -6.25 -41.72
N LYS M 11 -22.75 -5.42 -41.42
CA LYS M 11 -22.72 -4.04 -41.91
C LYS M 11 -22.15 -4.04 -43.33
N THR M 12 -23.04 -4.34 -44.28
CA THR M 12 -22.68 -4.40 -45.69
C THR M 12 -22.53 -2.98 -46.22
N ILE M 13 -21.28 -2.51 -46.30
CA ILE M 13 -20.96 -1.09 -46.43
C ILE M 13 -20.62 -0.77 -47.89
N THR M 14 -20.90 0.46 -48.30
CA THR M 14 -20.61 0.95 -49.64
C THR M 14 -19.39 1.87 -49.62
N LEU M 15 -18.67 1.91 -50.73
CA LEU M 15 -17.45 2.70 -50.81
C LEU M 15 -17.28 3.27 -52.21
N GLU M 16 -16.47 4.32 -52.30
CA GLU M 16 -16.02 4.90 -53.57
C GLU M 16 -14.56 4.50 -53.74
N VAL M 17 -14.34 3.31 -54.32
CA VAL M 17 -12.99 2.83 -54.55
C VAL M 17 -12.78 2.63 -56.04
N GLU M 18 -11.57 2.21 -56.43
CA GLU M 18 -11.18 2.12 -57.83
C GLU M 18 -10.50 0.79 -58.10
N PRO M 19 -10.28 0.40 -59.36
CA PRO M 19 -9.34 -0.70 -59.64
C PRO M 19 -7.87 -0.31 -59.53
N SER M 20 -7.56 0.93 -59.10
CA SER M 20 -6.18 1.38 -58.96
C SER M 20 -5.92 1.95 -57.57
N ASP M 21 -6.31 1.23 -56.52
CA ASP M 21 -6.08 1.66 -55.15
C ASP M 21 -5.30 0.59 -54.39
N THR M 22 -4.73 1.01 -53.27
CA THR M 22 -4.08 0.11 -52.33
C THR M 22 -5.09 -0.31 -51.26
N ILE M 23 -4.60 -0.91 -50.18
CA ILE M 23 -5.46 -1.40 -49.11
C ILE M 23 -5.65 -0.33 -48.03
N GLU M 24 -4.55 0.36 -47.68
CA GLU M 24 -4.60 1.40 -46.66
C GLU M 24 -5.46 2.58 -47.11
N ASN M 25 -5.54 2.82 -48.42
CA ASN M 25 -6.40 3.89 -48.91
C ASN M 25 -7.88 3.55 -48.75
N VAL M 26 -8.25 2.30 -49.03
CA VAL M 26 -9.62 1.84 -48.80
C VAL M 26 -9.98 1.90 -47.32
N LYS M 27 -9.03 1.50 -46.45
CA LYS M 27 -9.27 1.56 -45.02
C LYS M 27 -9.37 2.99 -44.51
N ALA M 28 -8.62 3.91 -45.12
CA ALA M 28 -8.77 5.33 -44.78
C ALA M 28 -10.09 5.89 -45.29
N LYS M 29 -10.61 5.36 -46.38
CA LYS M 29 -11.94 5.77 -46.83
C LYS M 29 -13.01 5.32 -45.86
N ILE M 30 -12.87 4.11 -45.32
CA ILE M 30 -13.83 3.64 -44.31
C ILE M 30 -13.66 4.43 -43.02
N GLN M 31 -12.42 4.82 -42.69
CA GLN M 31 -12.16 5.76 -41.61
C GLN M 31 -12.87 7.10 -41.82
N ASP M 32 -12.89 7.58 -43.05
CA ASP M 32 -13.45 8.90 -43.32
C ASP M 32 -14.97 8.84 -43.39
N LYS M 33 -15.56 7.70 -43.74
CA LYS M 33 -17.02 7.62 -43.76
C LYS M 33 -17.62 7.14 -42.45
N GLU M 34 -16.83 6.51 -41.58
CA GLU M 34 -17.34 6.00 -40.32
C GLU M 34 -16.68 6.65 -39.11
N GLY M 35 -15.36 6.65 -39.06
CA GLY M 35 -14.62 7.07 -37.87
C GLY M 35 -13.77 5.97 -37.26
N ILE M 36 -13.76 4.77 -37.84
CA ILE M 36 -12.99 3.65 -37.29
C ILE M 36 -11.58 3.70 -37.87
N PRO M 37 -10.55 3.66 -37.02
CA PRO M 37 -9.17 3.75 -37.53
C PRO M 37 -8.80 2.52 -38.34
N PRO M 38 -7.85 2.64 -39.26
CA PRO M 38 -7.59 1.56 -40.23
C PRO M 38 -6.81 0.37 -39.70
N ASP M 39 -6.65 0.19 -38.40
CA ASP M 39 -5.77 -0.85 -37.89
C ASP M 39 -6.40 -2.24 -37.86
N GLN M 40 -7.66 -2.40 -38.29
CA GLN M 40 -8.32 -3.69 -38.11
C GLN M 40 -9.09 -4.21 -39.31
N GLN M 41 -9.36 -3.39 -40.33
CA GLN M 41 -10.41 -3.69 -41.30
C GLN M 41 -9.95 -4.77 -42.28
N ARG M 42 -9.78 -5.97 -41.73
CA ARG M 42 -9.18 -7.11 -42.42
C ARG M 42 -10.14 -7.63 -43.48
N LEU M 43 -9.91 -7.22 -44.72
CA LEU M 43 -10.69 -7.74 -45.83
C LEU M 43 -10.31 -9.20 -46.06
N ILE M 44 -11.30 -10.06 -46.19
CA ILE M 44 -11.08 -11.51 -46.18
C ILE M 44 -11.63 -12.09 -47.47
N PHE M 45 -10.79 -12.79 -48.22
CA PHE M 45 -11.18 -13.48 -49.44
C PHE M 45 -10.83 -14.95 -49.29
N ALA M 46 -11.88 -15.80 -49.27
CA ALA M 46 -11.79 -17.25 -49.11
C ALA M 46 -11.07 -17.67 -47.83
N GLY M 47 -11.18 -16.84 -46.79
CA GLY M 47 -10.66 -17.21 -45.49
C GLY M 47 -9.22 -16.85 -45.22
N LYS M 48 -8.71 -15.77 -45.82
CA LYS M 48 -7.30 -15.43 -45.66
C LYS M 48 -7.09 -13.96 -45.32
N GLN M 49 -5.83 -13.53 -45.35
CA GLN M 49 -5.42 -12.19 -44.95
C GLN M 49 -5.02 -11.39 -46.18
N LEU M 50 -5.31 -10.08 -46.16
CA LEU M 50 -4.90 -9.17 -47.23
C LEU M 50 -4.01 -8.09 -46.61
N GLU M 51 -2.75 -8.06 -47.03
CA GLU M 51 -1.73 -7.21 -46.42
C GLU M 51 -1.92 -5.75 -46.84
N ASP M 52 -1.52 -4.83 -45.94
CA ASP M 52 -1.59 -3.39 -46.16
C ASP M 52 -0.44 -2.84 -47.00
N GLY M 53 0.31 -3.69 -47.70
CA GLY M 53 1.36 -3.24 -48.60
C GLY M 53 1.15 -3.60 -50.05
N ARG M 54 -0.06 -3.98 -50.46
CA ARG M 54 -0.36 -4.43 -51.81
C ARG M 54 -1.39 -3.51 -52.44
N THR M 55 -1.61 -3.69 -53.74
CA THR M 55 -2.65 -2.99 -54.47
C THR M 55 -3.95 -3.79 -54.38
N LEU M 56 -4.96 -3.39 -55.15
CA LEU M 56 -6.18 -4.18 -55.29
C LEU M 56 -6.11 -5.16 -56.44
N SER M 57 -4.94 -5.35 -57.04
CA SER M 57 -4.74 -6.34 -58.09
C SER M 57 -3.63 -7.33 -57.76
N ASP M 58 -3.15 -7.32 -56.52
CA ASP M 58 -2.13 -8.29 -56.07
C ASP M 58 -2.74 -9.53 -55.45
N TYR M 59 -4.07 -9.69 -55.53
CA TYR M 59 -4.73 -10.88 -55.03
C TYR M 59 -5.84 -11.36 -55.96
N ASN M 60 -5.90 -10.83 -57.19
CA ASN M 60 -6.96 -11.08 -58.18
C ASN M 60 -8.34 -10.76 -57.60
N ILE M 61 -8.53 -9.49 -57.28
CA ILE M 61 -9.80 -9.00 -56.78
C ILE M 61 -10.67 -8.57 -57.95
N GLN M 62 -11.79 -9.27 -58.15
CA GLN M 62 -12.77 -8.87 -59.13
C GLN M 62 -13.61 -7.74 -58.57
N LYS M 63 -14.00 -6.80 -59.44
CA LYS M 63 -14.65 -5.57 -58.97
C LYS M 63 -16.08 -5.86 -58.51
N GLU M 64 -16.54 -4.99 -57.60
CA GLU M 64 -17.83 -5.12 -56.89
C GLU M 64 -17.96 -6.46 -56.18
N SER M 65 -16.89 -6.87 -55.50
CA SER M 65 -16.91 -8.09 -54.71
C SER M 65 -17.59 -7.85 -53.36
N THR M 66 -17.81 -8.93 -52.63
CA THR M 66 -18.33 -8.88 -51.27
C THR M 66 -17.31 -9.52 -50.34
N LEU M 67 -16.73 -8.71 -49.46
CA LEU M 67 -15.63 -9.10 -48.61
C LEU M 67 -16.12 -9.30 -47.17
N HIS M 68 -15.20 -9.64 -46.27
CA HIS M 68 -15.51 -9.89 -44.87
C HIS M 68 -14.63 -9.01 -43.99
N LEU M 69 -14.88 -9.04 -42.68
CA LEU M 69 -14.11 -8.25 -41.73
C LEU M 69 -14.13 -8.91 -40.37
N VAL M 70 -13.04 -8.73 -39.64
CA VAL M 70 -12.92 -9.11 -38.23
C VAL M 70 -12.35 -7.92 -37.47
N LEU M 71 -13.05 -7.50 -36.42
CA LEU M 71 -12.57 -6.38 -35.60
C LEU M 71 -11.33 -6.79 -34.82
N ARG M 72 -10.44 -5.82 -34.57
CA ARG M 72 -9.13 -6.13 -34.02
C ARG M 72 -8.57 -4.90 -33.32
N LEU M 73 -8.44 -4.95 -32.00
CA LEU M 73 -7.81 -3.83 -31.28
C LEU M 73 -6.31 -3.91 -31.49
N ARG M 74 -5.88 -3.38 -32.64
CA ARG M 74 -4.46 -3.22 -32.96
C ARG M 74 -3.95 -1.85 -32.50
N GLY M 75 -4.77 -1.11 -31.75
CA GLY M 75 -4.24 -0.01 -30.96
C GLY M 75 -3.31 -0.50 -29.86
N CYS M 76 -3.51 -1.75 -29.42
CA CYS M 76 -2.59 -2.52 -28.57
C CYS M 76 -2.35 -1.87 -27.22
N PRO N 33 -65.13 -5.55 -2.86
CA PRO N 33 -64.44 -5.47 -1.57
C PRO N 33 -65.38 -5.66 -0.38
N ASN N 34 -65.65 -6.92 -0.06
CA ASN N 34 -66.54 -7.32 1.03
C ASN N 34 -65.90 -8.44 1.85
N TYR N 35 -64.65 -8.23 2.27
CA TYR N 35 -63.88 -9.24 2.99
C TYR N 35 -64.51 -9.54 4.34
N ALA N 36 -64.89 -10.80 4.54
CA ALA N 36 -65.70 -11.22 5.68
C ALA N 36 -64.91 -12.17 6.59
N LEU N 37 -65.26 -12.13 7.88
CA LEU N 37 -64.61 -12.98 8.86
C LEU N 37 -64.99 -14.44 8.67
N LYS N 38 -64.01 -15.32 8.85
CA LYS N 38 -64.22 -16.75 8.70
C LYS N 38 -63.97 -17.53 9.98
N PHE N 39 -62.81 -17.36 10.62
CA PHE N 39 -62.43 -18.19 11.76
C PHE N 39 -61.81 -17.31 12.85
N THR N 40 -61.31 -17.96 13.90
CA THR N 40 -60.66 -17.29 15.02
C THR N 40 -59.65 -18.25 15.64
N LEU N 41 -58.41 -17.78 15.84
CA LEU N 41 -57.32 -18.62 16.32
C LEU N 41 -56.88 -18.11 17.69
N ALA N 42 -57.53 -18.60 18.74
CA ALA N 42 -57.25 -18.24 20.12
C ALA N 42 -56.33 -19.30 20.75
N GLY N 43 -56.16 -19.21 22.06
CA GLY N 43 -55.34 -20.17 22.77
C GLY N 43 -53.90 -19.74 22.93
N HIS N 44 -53.69 -18.56 23.51
CA HIS N 44 -52.36 -18.00 23.71
C HIS N 44 -52.15 -17.62 25.17
N THR N 45 -50.93 -17.84 25.65
CA THR N 45 -50.57 -17.47 27.02
C THR N 45 -49.94 -16.09 27.11
N LYS N 46 -49.24 -15.65 26.06
CA LYS N 46 -48.72 -14.29 25.99
C LYS N 46 -49.16 -13.64 24.68
N ALA N 47 -48.59 -12.48 24.35
CA ALA N 47 -49.01 -11.74 23.17
C ALA N 47 -48.51 -12.39 21.89
N VAL N 48 -49.36 -12.35 20.86
CA VAL N 48 -48.98 -12.84 19.53
C VAL N 48 -48.22 -11.74 18.81
N SER N 49 -47.13 -12.11 18.15
CA SER N 49 -46.24 -11.12 17.52
C SER N 49 -46.35 -11.04 16.01
N SER N 50 -46.72 -12.12 15.33
CA SER N 50 -46.58 -12.17 13.88
C SER N 50 -47.50 -13.21 13.28
N VAL N 51 -47.94 -12.95 12.05
CA VAL N 51 -48.42 -14.00 11.14
C VAL N 51 -47.66 -13.84 9.82
N LYS N 52 -47.23 -14.98 9.26
CA LYS N 52 -46.55 -15.02 7.97
C LYS N 52 -47.04 -16.26 7.23
N PHE N 53 -47.71 -16.06 6.10
CA PHE N 53 -48.32 -17.19 5.40
C PHE N 53 -47.28 -18.09 4.74
N SER N 54 -47.74 -19.31 4.47
CA SER N 54 -46.96 -20.27 3.71
C SER N 54 -46.82 -19.81 2.26
N PRO N 55 -45.74 -20.21 1.58
CA PRO N 55 -45.54 -19.75 0.19
C PRO N 55 -46.53 -20.34 -0.80
N ASN N 56 -47.16 -21.48 -0.49
CA ASN N 56 -48.09 -22.10 -1.42
C ASN N 56 -49.34 -22.67 -0.75
N GLY N 57 -49.82 -22.05 0.32
CA GLY N 57 -51.08 -22.45 0.93
C GLY N 57 -50.98 -23.69 1.80
N GLU N 58 -50.08 -23.69 2.78
CA GLU N 58 -49.89 -24.86 3.64
C GLU N 58 -50.23 -24.59 5.10
N TRP N 59 -49.58 -23.64 5.77
CA TRP N 59 -49.73 -23.52 7.22
C TRP N 59 -49.59 -22.07 7.66
N LEU N 60 -50.00 -21.85 8.92
CA LEU N 60 -49.78 -20.58 9.60
C LEU N 60 -49.71 -20.87 11.11
N ALA N 61 -48.49 -20.98 11.63
CA ALA N 61 -48.29 -21.35 13.02
C ALA N 61 -48.39 -20.13 13.92
N SER N 62 -48.49 -20.39 15.23
CA SER N 62 -48.62 -19.32 16.22
C SER N 62 -47.23 -18.74 16.50
N SER N 63 -46.78 -17.90 15.56
CA SER N 63 -45.49 -17.22 15.67
C SER N 63 -45.62 -16.09 16.67
N SER N 64 -45.46 -16.43 17.94
CA SER N 64 -45.68 -15.54 19.06
C SER N 64 -44.47 -15.56 19.99
N ALA N 65 -44.60 -14.81 21.09
CA ALA N 65 -43.58 -14.74 22.13
C ALA N 65 -44.04 -15.41 23.41
N ASP N 66 -44.83 -16.47 23.28
CA ASP N 66 -45.44 -17.14 24.41
C ASP N 66 -44.76 -18.46 24.77
N LYS N 67 -43.53 -18.67 24.26
CA LYS N 67 -42.81 -19.96 24.30
C LYS N 67 -43.61 -21.09 23.66
N LEU N 68 -44.42 -20.76 22.66
CA LEU N 68 -45.31 -21.72 22.04
C LEU N 68 -45.32 -21.48 20.54
N ILE N 69 -45.14 -22.54 19.76
CA ILE N 69 -45.41 -22.53 18.33
C ILE N 69 -46.37 -23.68 18.08
N LYS N 70 -47.66 -23.39 18.11
CA LYS N 70 -48.68 -24.37 17.75
C LYS N 70 -48.91 -24.27 16.25
N ILE N 71 -48.85 -25.41 15.56
CA ILE N 71 -48.97 -25.40 14.11
C ILE N 71 -50.44 -25.29 13.75
N TRP N 72 -50.92 -24.06 13.61
CA TRP N 72 -52.29 -23.80 13.19
C TRP N 72 -52.36 -23.75 11.67
N GLY N 73 -53.58 -23.75 11.15
CA GLY N 73 -53.81 -23.78 9.72
C GLY N 73 -54.17 -22.41 9.15
N ALA N 74 -54.10 -22.33 7.82
CA ALA N 74 -54.44 -21.11 7.10
C ALA N 74 -55.81 -21.13 6.47
N TYR N 75 -56.36 -22.31 6.18
CA TYR N 75 -57.68 -22.42 5.57
C TYR N 75 -58.80 -22.44 6.61
N ASP N 76 -58.65 -23.21 7.68
CA ASP N 76 -59.70 -23.31 8.68
C ASP N 76 -59.18 -23.33 10.12
N GLY N 77 -57.92 -22.99 10.36
CA GLY N 77 -57.37 -23.08 11.69
C GLY N 77 -57.15 -24.50 12.15
N LYS N 78 -56.67 -25.36 11.25
CA LYS N 78 -56.52 -26.78 11.53
C LYS N 78 -55.29 -27.00 12.41
N PHE N 79 -55.52 -27.41 13.65
CA PHE N 79 -54.43 -27.62 14.61
C PHE N 79 -53.68 -28.90 14.27
N GLU N 80 -52.39 -28.79 14.02
CA GLU N 80 -51.58 -29.94 13.62
C GLU N 80 -50.91 -30.62 14.81
N LYS N 81 -50.01 -29.89 15.49
CA LYS N 81 -49.22 -30.49 16.56
C LYS N 81 -48.66 -29.38 17.44
N THR N 82 -47.99 -29.80 18.52
CA THR N 82 -47.44 -28.90 19.52
C THR N 82 -45.92 -28.96 19.47
N ILE N 83 -45.29 -27.83 19.15
CA ILE N 83 -43.84 -27.71 19.07
C ILE N 83 -43.44 -26.60 20.04
N SER N 84 -43.00 -26.98 21.24
CA SER N 84 -42.68 -26.02 22.28
C SER N 84 -41.51 -26.55 23.10
N GLY N 85 -41.27 -25.93 24.25
CA GLY N 85 -40.14 -26.26 25.09
C GLY N 85 -39.06 -25.19 25.07
N HIS N 86 -39.48 -23.93 25.09
CA HIS N 86 -38.57 -22.80 24.98
C HIS N 86 -38.20 -22.26 26.36
N LYS N 87 -37.20 -21.39 26.37
CA LYS N 87 -36.79 -20.69 27.58
C LYS N 87 -37.42 -19.31 27.71
N LEU N 88 -37.41 -18.52 26.63
CA LEU N 88 -38.08 -17.23 26.65
C LEU N 88 -38.90 -17.00 25.39
N GLY N 89 -39.48 -15.81 25.25
CA GLY N 89 -40.41 -15.54 24.17
C GLY N 89 -39.71 -15.28 22.84
N ILE N 90 -40.33 -15.77 21.78
CA ILE N 90 -39.78 -15.68 20.43
C ILE N 90 -40.26 -14.39 19.77
N SER N 91 -39.32 -13.57 19.32
CA SER N 91 -39.69 -12.32 18.65
C SER N 91 -40.40 -12.60 17.33
N ASP N 92 -39.78 -13.42 16.47
CA ASP N 92 -40.45 -13.95 15.28
C ASP N 92 -39.74 -15.24 14.89
N VAL N 93 -40.47 -16.12 14.23
CA VAL N 93 -39.90 -17.39 13.79
C VAL N 93 -39.72 -17.31 12.27
N ALA N 94 -38.77 -18.09 11.77
CA ALA N 94 -38.54 -18.14 10.33
C ALA N 94 -39.52 -19.12 9.68
N TRP N 95 -39.36 -19.31 8.37
CA TRP N 95 -40.24 -20.18 7.59
C TRP N 95 -39.42 -20.85 6.49
N SER N 96 -39.99 -21.92 5.93
CA SER N 96 -39.28 -22.76 4.98
C SER N 96 -40.12 -22.97 3.73
N SER N 97 -39.57 -23.76 2.80
CA SER N 97 -40.27 -24.08 1.56
C SER N 97 -41.47 -24.98 1.81
N ASP N 98 -41.30 -26.00 2.65
CA ASP N 98 -42.40 -26.84 3.10
C ASP N 98 -43.08 -26.29 4.35
N SER N 99 -42.77 -25.04 4.71
CA SER N 99 -43.35 -24.31 5.84
C SER N 99 -43.14 -25.04 7.17
N ASN N 100 -42.02 -25.75 7.27
CA ASN N 100 -41.74 -26.58 8.43
C ASN N 100 -40.47 -26.20 9.16
N LEU N 101 -39.35 -26.02 8.45
CA LEU N 101 -38.07 -25.81 9.10
C LEU N 101 -38.01 -24.40 9.68
N LEU N 102 -37.66 -24.32 10.97
CA LEU N 102 -37.72 -23.07 11.70
C LEU N 102 -36.35 -22.78 12.31
N VAL N 103 -36.20 -21.55 12.79
CA VAL N 103 -35.12 -21.17 13.69
C VAL N 103 -35.65 -20.07 14.62
N SER N 104 -35.43 -20.23 15.92
CA SER N 104 -36.12 -19.41 16.91
C SER N 104 -35.33 -18.15 17.18
N ALA N 105 -35.96 -16.99 16.94
CA ALA N 105 -35.39 -15.72 17.37
C ALA N 105 -35.98 -15.34 18.72
N SER N 106 -35.63 -16.15 19.71
CA SER N 106 -36.12 -15.94 21.06
C SER N 106 -35.30 -14.86 21.76
N ASP N 107 -35.78 -14.45 22.94
CA ASP N 107 -35.18 -13.36 23.68
C ASP N 107 -34.11 -13.82 24.66
N ASP N 108 -33.75 -15.10 24.63
CA ASP N 108 -32.72 -15.65 25.51
C ASP N 108 -31.33 -15.65 24.87
N LYS N 109 -31.11 -14.81 23.85
CA LYS N 109 -29.85 -14.61 23.13
C LYS N 109 -29.36 -15.86 22.42
N THR N 110 -30.22 -16.87 22.23
CA THR N 110 -29.84 -18.12 21.62
C THR N 110 -30.74 -18.39 20.42
N LEU N 111 -30.32 -19.35 19.60
CA LEU N 111 -31.10 -19.77 18.45
C LEU N 111 -30.89 -21.27 18.27
N LYS N 112 -31.99 -22.03 18.29
CA LYS N 112 -31.94 -23.43 17.93
C LYS N 112 -32.39 -23.60 16.48
N ILE N 113 -31.85 -24.62 15.83
CA ILE N 113 -32.20 -24.94 14.45
C ILE N 113 -33.31 -25.98 14.48
N TRP N 114 -34.52 -25.57 14.15
CA TRP N 114 -35.71 -26.36 14.43
C TRP N 114 -36.18 -27.15 13.22
N ASP N 115 -36.94 -28.21 13.51
CA ASP N 115 -37.65 -29.02 12.55
C ASP N 115 -38.97 -29.42 13.19
N VAL N 116 -39.99 -29.62 12.36
CA VAL N 116 -41.34 -29.88 12.87
C VAL N 116 -41.44 -31.28 13.47
N SER N 117 -40.98 -32.30 12.74
CA SER N 117 -41.09 -33.68 13.20
C SER N 117 -39.82 -34.17 13.89
N SER N 118 -39.09 -33.28 14.55
CA SER N 118 -37.90 -33.65 15.31
C SER N 118 -38.08 -33.41 16.80
N GLY N 119 -38.39 -32.19 17.21
CA GLY N 119 -38.40 -31.83 18.62
C GLY N 119 -37.04 -31.93 19.28
N LYS N 120 -35.97 -31.67 18.53
CA LYS N 120 -34.61 -31.86 19.02
C LYS N 120 -33.76 -30.64 18.67
N CYS N 121 -32.96 -30.20 19.64
CA CYS N 121 -31.98 -29.15 19.41
C CYS N 121 -30.84 -29.68 18.55
N LEU N 122 -30.77 -29.23 17.30
CA LEU N 122 -29.69 -29.65 16.42
C LEU N 122 -28.37 -29.02 16.83
N LYS N 123 -28.28 -27.69 16.76
CA LYS N 123 -27.09 -26.94 17.16
C LYS N 123 -27.57 -25.71 17.93
N THR N 124 -26.64 -24.79 18.20
CA THR N 124 -26.97 -23.55 18.88
C THR N 124 -26.17 -22.42 18.25
N LEU N 125 -26.86 -21.34 17.88
CA LEU N 125 -26.21 -20.18 17.30
C LEU N 125 -25.83 -19.20 18.41
N LYS N 126 -24.57 -18.79 18.41
CA LYS N 126 -24.02 -17.93 19.46
C LYS N 126 -23.22 -16.80 18.83
N GLY N 127 -23.35 -15.60 19.39
CA GLY N 127 -22.73 -14.44 18.80
C GLY N 127 -23.56 -13.18 19.00
N HIS N 128 -24.78 -13.35 19.50
CA HIS N 128 -25.59 -12.24 19.93
C HIS N 128 -25.29 -11.87 21.38
N SER N 129 -25.73 -10.68 21.78
CA SER N 129 -25.66 -10.28 23.17
C SER N 129 -26.89 -9.50 23.62
N ASN N 130 -27.98 -9.52 22.85
CA ASN N 130 -29.18 -8.77 23.17
C ASN N 130 -30.37 -9.56 22.58
N TYR N 131 -31.51 -8.89 22.42
CA TYR N 131 -32.70 -9.53 21.88
C TYR N 131 -32.49 -9.94 20.43
N VAL N 132 -32.76 -11.20 20.14
CA VAL N 132 -32.68 -11.73 18.77
C VAL N 132 -34.01 -11.38 18.12
N PHE N 133 -34.02 -10.28 17.36
CA PHE N 133 -35.28 -9.70 16.91
C PHE N 133 -35.86 -10.46 15.72
N CYS N 134 -35.01 -10.95 14.82
CA CYS N 134 -35.49 -11.41 13.53
C CYS N 134 -34.44 -12.31 12.89
N CYS N 135 -34.93 -13.29 12.12
CA CYS N 135 -34.09 -14.27 11.46
C CYS N 135 -34.85 -14.85 10.28
N ASN N 136 -34.14 -15.21 9.21
CA ASN N 136 -34.79 -15.60 7.98
C ASN N 136 -34.01 -16.68 7.24
N PHE N 137 -34.76 -17.59 6.60
CA PHE N 137 -34.26 -18.40 5.51
C PHE N 137 -34.53 -17.66 4.20
N ASN N 138 -33.49 -17.52 3.37
CA ASN N 138 -33.65 -16.91 2.06
C ASN N 138 -34.53 -17.79 1.16
N PRO N 139 -35.10 -17.21 0.08
CA PRO N 139 -35.89 -18.04 -0.85
C PRO N 139 -35.10 -19.11 -1.59
N GLN N 140 -33.77 -19.07 -1.57
CA GLN N 140 -32.96 -20.19 -2.03
C GLN N 140 -32.72 -21.24 -0.97
N SER N 141 -33.15 -20.96 0.28
CA SER N 141 -33.11 -21.89 1.42
C SER N 141 -31.69 -22.37 1.73
N ASN N 142 -30.75 -21.40 1.79
CA ASN N 142 -29.38 -21.72 2.15
C ASN N 142 -28.72 -20.66 3.03
N LEU N 143 -29.48 -19.79 3.68
CA LEU N 143 -28.91 -18.79 4.58
C LEU N 143 -29.75 -18.67 5.82
N ILE N 144 -29.10 -18.29 6.92
CA ILE N 144 -29.77 -17.92 8.18
C ILE N 144 -29.16 -16.60 8.61
N VAL N 145 -29.80 -15.50 8.25
CA VAL N 145 -29.49 -14.21 8.88
C VAL N 145 -30.10 -14.21 10.27
N SER N 146 -29.59 -13.35 11.16
CA SER N 146 -30.16 -13.21 12.49
C SER N 146 -29.91 -11.78 12.97
N GLY N 147 -30.98 -10.99 13.02
CA GLY N 147 -30.86 -9.59 13.38
C GLY N 147 -30.69 -9.38 14.88
N SER N 148 -29.95 -8.32 15.22
CA SER N 148 -29.65 -8.00 16.61
C SER N 148 -30.00 -6.54 16.90
N PHE N 149 -29.62 -6.06 18.09
CA PHE N 149 -29.84 -4.67 18.49
C PHE N 149 -28.56 -3.90 18.73
N ASP N 150 -27.55 -4.50 19.36
CA ASP N 150 -26.24 -3.87 19.48
C ASP N 150 -25.32 -4.19 18.32
N GLU N 151 -25.90 -4.49 17.15
CA GLU N 151 -25.21 -4.71 15.88
C GLU N 151 -24.28 -5.92 15.95
N SER N 152 -24.72 -6.94 16.68
CA SER N 152 -24.11 -8.26 16.59
C SER N 152 -24.92 -9.15 15.64
N VAL N 153 -24.98 -8.70 14.39
CA VAL N 153 -25.71 -9.39 13.33
C VAL N 153 -24.74 -10.33 12.63
N ARG N 154 -25.09 -11.61 12.59
CA ARG N 154 -24.26 -12.63 11.96
C ARG N 154 -25.12 -13.41 10.98
N ILE N 155 -24.60 -13.59 9.77
CA ILE N 155 -25.26 -14.41 8.76
C ILE N 155 -24.70 -15.82 8.86
N TRP N 156 -25.57 -16.80 9.04
CA TRP N 156 -25.18 -18.14 9.43
C TRP N 156 -25.38 -19.13 8.29
N ASP N 157 -24.83 -20.31 8.48
CA ASP N 157 -25.02 -21.43 7.58
C ASP N 157 -26.16 -22.30 8.07
N VAL N 158 -26.93 -22.85 7.12
CA VAL N 158 -28.02 -23.73 7.47
C VAL N 158 -27.50 -25.07 7.97
N LYS N 159 -26.46 -25.61 7.31
CA LYS N 159 -25.95 -26.92 7.65
C LYS N 159 -25.01 -26.86 8.85
N THR N 160 -23.90 -26.13 8.73
CA THR N 160 -22.87 -26.16 9.76
C THR N 160 -23.18 -25.20 10.92
N GLY N 161 -23.23 -23.90 10.64
CA GLY N 161 -23.48 -22.91 11.68
C GLY N 161 -22.24 -22.42 12.39
N LYS N 162 -21.28 -21.89 11.63
CA LYS N 162 -20.00 -21.45 12.17
C LYS N 162 -19.94 -19.92 12.19
N CYS N 163 -19.21 -19.37 13.16
CA CYS N 163 -19.15 -17.94 13.38
C CYS N 163 -18.37 -17.24 12.26
N LEU N 164 -19.03 -16.31 11.57
CA LEU N 164 -18.44 -15.71 10.38
C LEU N 164 -18.14 -14.22 10.53
N LYS N 165 -19.15 -13.38 10.74
CA LYS N 165 -18.98 -11.93 10.60
C LYS N 165 -19.96 -11.17 11.47
N THR N 166 -19.43 -10.23 12.25
CA THR N 166 -20.23 -9.16 12.82
C THR N 166 -20.45 -8.09 11.75
N LEU N 167 -21.69 -7.61 11.63
CA LEU N 167 -21.98 -6.65 10.58
C LEU N 167 -22.38 -5.30 11.17
N PRO N 168 -21.75 -4.20 10.72
CA PRO N 168 -22.24 -2.88 11.11
C PRO N 168 -23.48 -2.50 10.31
N ALA N 169 -24.62 -3.09 10.68
CA ALA N 169 -25.81 -3.05 9.83
C ALA N 169 -26.41 -1.65 9.77
N HIS N 170 -26.31 -0.90 10.85
CA HIS N 170 -26.81 0.48 10.90
C HIS N 170 -25.89 1.28 11.82
N SER N 171 -26.36 2.43 12.26
CA SER N 171 -25.91 3.08 13.47
C SER N 171 -26.88 2.84 14.62
N ASP N 172 -27.99 2.17 14.33
CA ASP N 172 -29.11 1.96 15.23
C ASP N 172 -29.39 0.47 15.33
N PRO N 173 -30.19 0.04 16.31
CA PRO N 173 -30.67 -1.36 16.31
C PRO N 173 -31.50 -1.70 15.09
N VAL N 174 -31.41 -2.97 14.68
CA VAL N 174 -32.05 -3.48 13.48
C VAL N 174 -33.48 -3.87 13.83
N SER N 175 -34.43 -3.54 12.95
CA SER N 175 -35.82 -3.94 13.13
C SER N 175 -36.40 -4.68 11.94
N ALA N 176 -35.59 -5.01 10.93
CA ALA N 176 -36.05 -5.82 9.80
C ALA N 176 -34.85 -6.47 9.13
N VAL N 177 -35.01 -7.74 8.75
CA VAL N 177 -34.13 -8.42 7.81
C VAL N 177 -35.02 -9.09 6.76
N HIS N 178 -34.60 -9.04 5.50
CA HIS N 178 -35.38 -9.63 4.44
C HIS N 178 -34.45 -9.97 3.27
N PHE N 179 -34.85 -10.96 2.49
CA PHE N 179 -34.17 -11.33 1.26
C PHE N 179 -35.11 -11.10 0.08
N ASN N 180 -34.55 -10.67 -1.05
CA ASN N 180 -35.39 -10.32 -2.20
C ASN N 180 -35.83 -11.54 -3.00
N ARG N 181 -36.30 -11.28 -4.24
CA ARG N 181 -36.88 -12.30 -5.09
C ARG N 181 -35.89 -13.43 -5.43
N ASP N 182 -34.63 -13.08 -5.67
CA ASP N 182 -33.64 -14.09 -6.03
C ASP N 182 -32.71 -14.46 -4.88
N GLY N 183 -32.27 -13.49 -4.07
CA GLY N 183 -31.47 -13.82 -2.91
C GLY N 183 -30.05 -13.27 -2.90
N SER N 184 -29.83 -12.11 -3.53
CA SER N 184 -28.53 -11.45 -3.47
C SER N 184 -28.57 -10.13 -2.71
N LEU N 185 -29.74 -9.72 -2.21
CA LEU N 185 -29.90 -8.42 -1.56
C LEU N 185 -30.57 -8.58 -0.20
N ILE N 186 -30.10 -7.83 0.77
CA ILE N 186 -30.60 -7.86 2.15
C ILE N 186 -31.00 -6.45 2.54
N VAL N 187 -32.29 -6.22 2.76
CA VAL N 187 -32.75 -4.92 3.23
C VAL N 187 -32.77 -4.96 4.76
N SER N 188 -32.56 -3.81 5.38
CA SER N 188 -32.52 -3.71 6.82
C SER N 188 -32.97 -2.32 7.25
N SER N 189 -33.68 -2.26 8.37
CA SER N 189 -34.30 -1.03 8.86
C SER N 189 -33.59 -0.50 10.09
N SER N 190 -33.79 0.79 10.35
CA SER N 190 -33.05 1.51 11.38
C SER N 190 -33.98 2.29 12.30
N TYR N 191 -33.40 3.13 13.16
CA TYR N 191 -34.16 4.07 13.96
C TYR N 191 -34.03 5.49 13.44
N ASP N 192 -33.47 5.65 12.25
CA ASP N 192 -33.43 6.96 11.59
C ASP N 192 -33.74 6.87 10.10
N GLY N 193 -34.25 5.74 9.62
CA GLY N 193 -34.69 5.65 8.25
C GLY N 193 -33.61 5.27 7.27
N LEU N 194 -32.80 4.27 7.60
CA LEU N 194 -31.78 3.76 6.70
C LEU N 194 -32.34 2.56 5.94
N CYS N 195 -32.50 2.71 4.63
CA CYS N 195 -32.88 1.60 3.76
C CYS N 195 -31.61 1.09 3.09
N ARG N 196 -30.85 0.28 3.84
CA ARG N 196 -29.58 -0.25 3.35
C ARG N 196 -29.82 -1.60 2.71
N ILE N 197 -29.57 -1.68 1.40
CA ILE N 197 -29.81 -2.92 0.64
C ILE N 197 -28.46 -3.64 0.64
N TRP N 198 -28.26 -4.49 1.64
CA TRP N 198 -26.97 -5.14 1.86
C TRP N 198 -26.73 -6.23 0.83
N ASP N 199 -25.48 -6.36 0.39
CA ASP N 199 -25.11 -7.34 -0.62
C ASP N 199 -24.78 -8.67 0.04
N THR N 200 -25.17 -9.77 -0.63
CA THR N 200 -24.96 -11.09 -0.05
C THR N 200 -23.57 -11.63 -0.38
N ALA N 201 -23.10 -11.42 -1.62
CA ALA N 201 -21.82 -12.00 -2.03
C ALA N 201 -20.64 -11.20 -1.49
N SER N 202 -20.74 -9.87 -1.44
CA SER N 202 -19.64 -9.04 -0.99
C SER N 202 -19.81 -8.58 0.46
N GLY N 203 -20.91 -7.89 0.75
CA GLY N 203 -21.14 -7.34 2.07
C GLY N 203 -21.11 -5.82 2.15
N GLN N 204 -21.05 -5.12 1.03
CA GLN N 204 -21.10 -3.67 0.99
C GLN N 204 -22.40 -3.25 0.32
N CYS N 205 -23.25 -2.53 1.06
CA CYS N 205 -24.51 -2.04 0.51
C CYS N 205 -24.26 -0.93 -0.51
N LEU N 206 -25.32 -0.61 -1.25
CA LEU N 206 -25.22 0.26 -2.43
C LEU N 206 -25.70 1.68 -2.16
N LYS N 207 -26.95 1.85 -1.74
CA LYS N 207 -27.61 3.15 -1.79
C LYS N 207 -28.21 3.49 -0.43
N THR N 208 -28.08 4.76 -0.05
CA THR N 208 -28.63 5.27 1.20
C THR N 208 -29.87 6.09 0.90
N LEU N 209 -30.96 5.78 1.60
CA LEU N 209 -32.25 6.42 1.43
C LEU N 209 -32.64 7.15 2.71
N ILE N 210 -33.47 8.19 2.58
CA ILE N 210 -33.72 9.10 3.69
C ILE N 210 -35.10 9.74 3.53
N ASP N 211 -35.60 10.31 4.64
CA ASP N 211 -36.81 11.12 4.67
C ASP N 211 -36.56 12.28 5.63
N ASP N 212 -37.39 13.32 5.55
CA ASP N 212 -37.19 14.48 6.41
C ASP N 212 -37.63 14.22 7.86
N ASP N 213 -38.31 13.11 8.11
CA ASP N 213 -38.64 12.70 9.46
C ASP N 213 -37.39 12.11 10.12
N ASN N 214 -37.50 11.75 11.39
CA ASN N 214 -36.45 11.01 12.10
C ASN N 214 -36.93 9.60 12.47
N PRO N 215 -37.26 8.79 11.48
CA PRO N 215 -38.25 7.73 11.70
C PRO N 215 -37.67 6.53 12.42
N PRO N 216 -38.21 6.16 13.60
CA PRO N 216 -37.87 4.84 14.14
C PRO N 216 -38.60 3.81 13.30
N VAL N 217 -37.89 3.16 12.38
CA VAL N 217 -38.53 2.35 11.37
C VAL N 217 -38.71 0.96 11.96
N SER N 218 -39.96 0.56 12.13
CA SER N 218 -40.27 -0.74 12.72
C SER N 218 -40.06 -1.87 11.73
N PHE N 219 -40.23 -1.62 10.43
CA PHE N 219 -40.19 -2.69 9.45
C PHE N 219 -39.95 -2.11 8.06
N VAL N 220 -39.07 -2.77 7.30
CA VAL N 220 -38.95 -2.59 5.87
C VAL N 220 -39.00 -3.97 5.23
N LYS N 221 -39.25 -3.99 3.93
CA LYS N 221 -39.25 -5.25 3.17
C LYS N 221 -39.01 -4.95 1.71
N PHE N 222 -38.88 -6.04 0.93
CA PHE N 222 -38.75 -5.98 -0.50
C PHE N 222 -40.13 -6.00 -1.16
N SER N 223 -40.15 -6.24 -2.46
CA SER N 223 -41.32 -6.30 -3.32
C SER N 223 -41.21 -7.58 -4.15
N PRO N 224 -42.18 -7.92 -5.00
CA PRO N 224 -41.92 -8.98 -6.00
C PRO N 224 -40.92 -8.60 -7.11
N ASN N 225 -40.31 -7.42 -7.07
CA ASN N 225 -39.17 -7.10 -7.93
C ASN N 225 -37.96 -6.57 -7.16
N GLY N 226 -38.12 -6.19 -5.90
CA GLY N 226 -37.01 -5.72 -5.08
C GLY N 226 -36.69 -4.26 -5.21
N LYS N 227 -37.54 -3.47 -5.88
CA LYS N 227 -37.25 -2.08 -6.15
C LYS N 227 -38.04 -1.11 -5.29
N TYR N 228 -39.04 -1.57 -4.55
CA TYR N 228 -39.84 -0.64 -3.76
C TYR N 228 -39.98 -1.15 -2.33
N ILE N 229 -39.58 -0.30 -1.39
CA ILE N 229 -39.39 -0.66 0.01
C ILE N 229 -40.30 0.22 0.85
N LEU N 230 -41.16 -0.39 1.65
CA LEU N 230 -42.14 0.32 2.46
C LEU N 230 -41.57 0.47 3.87
N ALA N 231 -41.14 1.69 4.21
CA ALA N 231 -40.52 1.97 5.49
C ALA N 231 -41.59 2.40 6.49
N ALA N 232 -41.16 2.91 7.65
CA ALA N 232 -42.07 3.31 8.71
C ALA N 232 -41.69 4.72 9.19
N THR N 233 -42.40 5.74 8.69
CA THR N 233 -42.26 7.11 9.16
C THR N 233 -43.51 7.44 9.96
N LEU N 234 -43.31 7.83 11.22
CA LEU N 234 -44.36 7.74 12.24
C LEU N 234 -45.05 9.08 12.47
N ASP N 235 -45.76 9.55 11.44
CA ASP N 235 -46.72 10.64 11.61
C ASP N 235 -47.97 10.34 10.79
N ASN N 236 -48.42 9.09 10.83
CA ASN N 236 -49.54 8.54 10.03
C ASN N 236 -49.32 8.76 8.53
N THR N 237 -48.08 8.61 8.07
CA THR N 237 -47.74 8.70 6.65
C THR N 237 -46.61 7.71 6.40
N LEU N 238 -46.96 6.52 5.92
CA LEU N 238 -45.97 5.51 5.58
C LEU N 238 -45.75 5.52 4.07
N LYS N 239 -44.48 5.50 3.65
CA LYS N 239 -44.12 5.76 2.27
C LYS N 239 -43.46 4.54 1.63
N LEU N 240 -43.79 4.31 0.36
CA LEU N 240 -43.24 3.20 -0.43
C LEU N 240 -42.06 3.72 -1.23
N TRP N 241 -40.85 3.39 -0.80
CA TRP N 241 -39.64 4.08 -1.25
C TRP N 241 -38.99 3.37 -2.43
N ASP N 242 -38.57 4.16 -3.42
CA ASP N 242 -37.99 3.68 -4.67
C ASP N 242 -36.57 3.14 -4.44
N TYR N 243 -36.08 2.36 -5.41
CA TYR N 243 -34.75 1.76 -5.32
C TYR N 243 -33.66 2.78 -5.63
N SER N 244 -33.64 3.31 -6.85
CA SER N 244 -32.54 4.16 -7.30
C SER N 244 -32.71 5.60 -6.84
N LYS N 245 -33.86 6.20 -7.14
CA LYS N 245 -34.09 7.60 -6.81
C LYS N 245 -34.30 7.82 -5.32
N GLY N 246 -34.89 6.85 -4.62
CA GLY N 246 -35.24 7.08 -3.24
C GLY N 246 -36.44 7.98 -3.06
N LYS N 247 -37.32 8.06 -4.05
CA LYS N 247 -38.57 8.79 -3.94
C LYS N 247 -39.68 7.85 -3.47
N CYS N 248 -40.87 8.40 -3.28
CA CYS N 248 -42.05 7.59 -3.00
C CYS N 248 -43.02 7.66 -4.18
N LEU N 249 -43.77 6.57 -4.38
CA LEU N 249 -44.75 6.54 -5.45
C LEU N 249 -46.04 7.23 -5.05
N LYS N 250 -46.71 6.69 -4.03
CA LYS N 250 -48.02 7.18 -3.59
C LYS N 250 -48.07 7.15 -2.07
N THR N 251 -48.20 8.32 -1.46
CA THR N 251 -48.17 8.44 0.00
C THR N 251 -49.58 8.30 0.55
N TYR N 252 -49.81 7.22 1.31
CA TYR N 252 -51.16 6.85 1.70
C TYR N 252 -51.68 7.70 2.85
N THR N 253 -52.98 7.58 3.11
CA THR N 253 -53.67 8.32 4.16
C THR N 253 -54.48 7.36 5.03
N GLY N 254 -55.07 7.92 6.09
CA GLY N 254 -56.10 7.25 6.85
C GLY N 254 -55.67 6.12 7.76
N HIS N 255 -54.37 5.89 7.93
CA HIS N 255 -53.88 4.79 8.74
C HIS N 255 -53.34 5.30 10.07
N LYS N 256 -53.17 4.36 11.02
CA LYS N 256 -52.75 4.67 12.38
C LYS N 256 -51.52 3.85 12.72
N ASN N 257 -50.34 4.48 12.64
CA ASN N 257 -49.09 3.81 12.98
C ASN N 257 -48.12 4.89 13.45
N GLU N 258 -47.97 5.03 14.77
CA GLU N 258 -47.09 6.05 15.33
C GLU N 258 -46.16 5.50 16.40
N LYS N 259 -46.56 4.41 17.06
CA LYS N 259 -45.71 3.81 18.08
C LYS N 259 -45.53 2.30 17.89
N TYR N 260 -46.59 1.61 17.49
CA TYR N 260 -46.69 0.17 17.65
C TYR N 260 -46.28 -0.57 16.38
N CYS N 261 -45.87 -1.83 16.57
CA CYS N 261 -45.32 -2.64 15.48
C CYS N 261 -46.45 -3.09 14.56
N ILE N 262 -46.34 -2.75 13.28
CA ILE N 262 -47.34 -3.07 12.27
C ILE N 262 -46.60 -3.53 11.02
N PHE N 263 -47.00 -4.68 10.48
CA PHE N 263 -46.35 -5.22 9.29
C PHE N 263 -46.79 -4.49 8.04
N ALA N 264 -46.34 -4.98 6.89
CA ALA N 264 -46.52 -4.33 5.61
C ALA N 264 -46.79 -5.40 4.56
N ASN N 265 -47.93 -5.31 3.88
CA ASN N 265 -48.36 -6.39 3.01
C ASN N 265 -48.89 -5.84 1.70
N PHE N 266 -48.95 -6.71 0.69
CA PHE N 266 -49.50 -6.40 -0.62
C PHE N 266 -50.14 -7.67 -1.17
N SER N 267 -51.08 -7.51 -2.10
CA SER N 267 -51.84 -8.64 -2.63
C SER N 267 -51.83 -8.66 -4.15
N VAL N 268 -51.65 -9.84 -4.72
CA VAL N 268 -51.58 -10.06 -6.16
C VAL N 268 -52.61 -11.06 -6.65
N THR N 269 -53.65 -11.34 -5.85
CA THR N 269 -54.58 -12.41 -6.17
C THR N 269 -55.50 -12.01 -7.33
N GLY N 270 -56.25 -10.92 -7.18
CA GLY N 270 -57.07 -10.40 -8.25
C GLY N 270 -56.41 -9.23 -8.91
N GLY N 271 -56.82 -8.02 -8.54
CA GLY N 271 -56.20 -6.80 -9.00
C GLY N 271 -55.24 -6.22 -7.99
N LYS N 272 -55.05 -4.90 -8.05
CA LYS N 272 -54.18 -4.20 -7.11
C LYS N 272 -54.90 -4.07 -5.77
N TRP N 273 -54.21 -4.42 -4.69
CA TRP N 273 -54.76 -4.32 -3.35
C TRP N 273 -53.66 -3.91 -2.37
N ILE N 274 -54.04 -3.20 -1.32
CA ILE N 274 -53.13 -2.77 -0.26
C ILE N 274 -53.70 -3.24 1.06
N VAL N 275 -53.01 -4.15 1.73
CA VAL N 275 -53.42 -4.66 3.02
C VAL N 275 -52.33 -4.32 4.04
N SER N 276 -52.74 -3.81 5.20
CA SER N 276 -51.81 -3.49 6.27
C SER N 276 -52.48 -3.77 7.61
N GLY N 277 -51.73 -3.55 8.69
CA GLY N 277 -52.24 -3.70 10.03
C GLY N 277 -52.62 -2.35 10.62
N SER N 278 -53.39 -2.42 11.71
CA SER N 278 -53.99 -1.23 12.30
C SER N 278 -53.65 -1.09 13.77
N GLU N 279 -54.29 -0.13 14.45
CA GLU N 279 -54.21 0.00 15.90
C GLU N 279 -55.56 0.18 16.57
N ASP N 280 -56.59 0.63 15.85
CA ASP N 280 -57.87 1.00 16.43
C ASP N 280 -58.95 -0.05 16.20
N ASN N 281 -58.57 -1.33 16.33
CA ASN N 281 -59.49 -2.49 16.28
C ASN N 281 -60.15 -2.62 14.91
N LEU N 282 -59.37 -2.38 13.87
CA LEU N 282 -59.85 -2.41 12.50
C LEU N 282 -58.90 -3.25 11.65
N VAL N 283 -59.32 -3.54 10.42
CA VAL N 283 -58.48 -4.27 9.47
C VAL N 283 -58.29 -3.36 8.25
N TYR N 284 -57.03 -3.02 7.97
CA TYR N 284 -56.70 -2.07 6.91
C TYR N 284 -56.52 -2.81 5.59
N ILE N 285 -57.48 -2.63 4.68
CA ILE N 285 -57.44 -3.18 3.33
C ILE N 285 -57.86 -2.07 2.37
N TRP N 286 -56.98 -1.69 1.45
CA TRP N 286 -57.30 -0.65 0.47
C TRP N 286 -56.69 -1.01 -0.88
N ASN N 287 -56.64 -0.01 -1.77
CA ASN N 287 -56.09 -0.14 -3.11
C ASN N 287 -55.04 0.96 -3.30
N LEU N 288 -54.16 0.76 -4.29
CA LEU N 288 -52.96 1.58 -4.41
C LEU N 288 -53.24 2.94 -5.04
N GLN N 289 -54.00 2.98 -6.13
CA GLN N 289 -54.22 4.23 -6.85
C GLN N 289 -55.13 5.18 -6.07
N THR N 290 -55.98 4.63 -5.20
CA THR N 290 -57.01 5.43 -4.55
C THR N 290 -56.41 6.36 -3.49
N LYS N 291 -55.61 5.79 -2.58
CA LYS N 291 -55.09 6.46 -1.37
C LYS N 291 -56.22 7.02 -0.52
N GLU N 292 -57.32 6.28 -0.45
CA GLU N 292 -58.55 6.73 0.20
C GLU N 292 -58.87 5.83 1.39
N ILE N 293 -60.03 6.06 1.98
CA ILE N 293 -60.58 5.17 2.99
C ILE N 293 -61.81 4.50 2.40
N VAL N 294 -61.62 3.32 1.82
CA VAL N 294 -62.72 2.61 1.16
C VAL N 294 -63.11 1.33 1.87
N GLN N 295 -62.25 0.77 2.72
CA GLN N 295 -62.61 -0.42 3.49
C GLN N 295 -61.82 -0.47 4.78
N LYS N 296 -62.53 -0.54 5.90
CA LYS N 296 -61.97 -0.90 7.19
C LYS N 296 -62.93 -1.86 7.86
N LEU N 297 -62.40 -2.86 8.56
CA LEU N 297 -63.18 -4.00 9.03
C LEU N 297 -63.01 -4.15 10.53
N GLN N 298 -64.07 -3.85 11.29
CA GLN N 298 -64.07 -4.01 12.74
C GLN N 298 -64.13 -5.50 13.09
N GLY N 299 -63.75 -5.82 14.32
CA GLY N 299 -63.79 -7.20 14.77
C GLY N 299 -62.69 -7.58 15.74
N HIS N 300 -61.74 -6.67 15.98
CA HIS N 300 -60.64 -6.94 16.88
C HIS N 300 -60.87 -6.25 18.23
N THR N 301 -60.08 -6.68 19.23
CA THR N 301 -60.13 -6.09 20.56
C THR N 301 -58.75 -5.63 21.03
N ASP N 302 -57.84 -5.33 20.10
CA ASP N 302 -56.49 -4.86 20.46
C ASP N 302 -55.88 -4.18 19.24
N VAL N 303 -54.77 -3.48 19.50
CA VAL N 303 -53.87 -3.00 18.46
C VAL N 303 -53.41 -4.16 17.59
N VAL N 304 -53.65 -4.06 16.28
CA VAL N 304 -53.30 -5.12 15.34
C VAL N 304 -51.79 -5.14 15.18
N ILE N 305 -51.15 -6.18 15.71
CA ILE N 305 -49.70 -6.31 15.62
C ILE N 305 -49.28 -6.73 14.22
N SER N 306 -50.16 -7.35 13.45
CA SER N 306 -49.74 -8.12 12.28
C SER N 306 -50.90 -8.47 11.36
N THR N 307 -50.71 -8.24 10.06
CA THR N 307 -51.49 -8.89 9.02
C THR N 307 -50.51 -9.55 8.06
N ALA N 308 -51.03 -10.30 7.10
CA ALA N 308 -50.22 -10.98 6.10
C ALA N 308 -51.09 -11.28 4.89
N CYS N 309 -50.44 -11.70 3.81
CA CYS N 309 -51.14 -11.99 2.56
C CYS N 309 -50.61 -13.28 1.93
N HIS N 310 -51.45 -13.90 1.11
CA HIS N 310 -51.45 -15.14 0.36
C HIS N 310 -51.42 -14.86 -1.14
N PRO N 311 -50.63 -15.61 -1.93
CA PRO N 311 -50.43 -15.22 -3.34
C PRO N 311 -51.62 -15.50 -4.25
N THR N 312 -52.26 -16.67 -4.15
CA THR N 312 -53.27 -17.05 -5.13
C THR N 312 -54.71 -16.80 -4.68
N GLU N 313 -55.01 -16.89 -3.40
CA GLU N 313 -56.35 -16.67 -2.86
C GLU N 313 -56.31 -15.50 -1.89
N ASN N 314 -57.48 -14.90 -1.66
CA ASN N 314 -57.58 -13.77 -0.74
C ASN N 314 -57.71 -14.22 0.71
N ILE N 315 -56.83 -15.10 1.16
CA ILE N 315 -56.82 -15.60 2.53
C ILE N 315 -55.88 -14.72 3.33
N ILE N 316 -56.45 -13.92 4.23
CA ILE N 316 -55.71 -12.86 4.95
C ILE N 316 -55.93 -13.07 6.43
N ALA N 317 -54.84 -13.16 7.19
CA ALA N 317 -54.92 -13.22 8.64
C ALA N 317 -54.68 -11.83 9.22
N SER N 318 -55.01 -11.70 10.51
CA SER N 318 -54.88 -10.42 11.20
C SER N 318 -54.69 -10.69 12.69
N ALA N 319 -53.45 -10.55 13.16
CA ALA N 319 -53.09 -10.89 14.53
C ALA N 319 -53.04 -9.65 15.40
N ALA N 320 -53.10 -9.87 16.72
CA ALA N 320 -53.06 -8.79 17.68
C ALA N 320 -52.32 -9.25 18.93
N LEU N 321 -52.17 -8.32 19.87
CA LEU N 321 -51.34 -8.52 21.05
C LEU N 321 -52.17 -9.11 22.19
N GLU N 322 -51.65 -8.98 23.43
CA GLU N 322 -52.17 -9.71 24.59
C GLU N 322 -53.61 -9.36 24.95
N ASN N 323 -54.08 -8.15 24.59
CA ASN N 323 -55.46 -7.79 24.93
C ASN N 323 -56.49 -8.41 23.98
N ASP N 324 -56.06 -9.16 22.97
CA ASP N 324 -56.96 -9.92 22.11
C ASP N 324 -56.70 -11.41 22.19
N LYS N 325 -55.43 -11.82 22.03
CA LYS N 325 -54.98 -13.23 22.06
C LYS N 325 -55.68 -14.10 21.01
N THR N 326 -56.08 -13.51 19.89
CA THR N 326 -56.67 -14.24 18.79
C THR N 326 -56.01 -13.84 17.48
N ILE N 327 -56.14 -14.71 16.48
CA ILE N 327 -55.72 -14.43 15.11
C ILE N 327 -56.93 -14.71 14.23
N LYS N 328 -57.50 -13.67 13.64
CA LYS N 328 -58.77 -13.79 12.94
C LYS N 328 -58.52 -13.88 11.43
N LEU N 329 -58.97 -14.97 10.83
CA LEU N 329 -58.80 -15.18 9.40
C LEU N 329 -59.89 -14.45 8.63
N TRP N 330 -59.49 -13.89 7.48
CA TRP N 330 -60.40 -13.13 6.63
C TRP N 330 -60.35 -13.69 5.22
N LYS N 331 -61.49 -13.61 4.52
CA LYS N 331 -61.62 -14.14 3.18
C LYS N 331 -62.78 -13.44 2.48
N SER N 332 -62.57 -13.09 1.21
CA SER N 332 -63.62 -12.46 0.41
C SER N 332 -64.75 -13.43 0.10
N ARG O 286 -26.14 60.87 29.85
CA ARG O 286 -26.78 61.02 28.56
C ARG O 286 -27.27 59.66 28.06
N VAL O 287 -28.47 59.65 27.46
CA VAL O 287 -29.07 58.43 26.93
C VAL O 287 -28.28 58.00 25.69
N LEU O 288 -27.53 56.91 25.82
CA LEU O 288 -26.59 56.43 24.81
C LEU O 288 -26.55 54.91 24.88
N LEU O 289 -25.52 54.31 24.30
CA LEU O 289 -25.33 52.87 24.29
C LEU O 289 -24.45 52.45 25.47
N ALA O 290 -24.08 51.18 25.52
CA ALA O 290 -23.29 50.62 26.61
C ALA O 290 -21.96 50.09 26.09
N LEU O 291 -21.06 49.78 27.03
CA LEU O 291 -19.71 49.35 26.70
C LEU O 291 -19.62 47.85 26.47
N HIS O 292 -19.97 47.06 27.49
CA HIS O 292 -19.89 45.60 27.40
C HIS O 292 -21.20 44.95 26.97
N ASP O 293 -22.13 45.73 26.39
CA ASP O 293 -23.32 45.16 25.77
C ASP O 293 -23.01 44.88 24.30
N ARG O 294 -22.19 43.84 24.09
CA ARG O 294 -21.65 43.56 22.78
C ARG O 294 -21.18 42.11 22.73
N ALA O 295 -21.06 41.60 21.52
CA ALA O 295 -20.31 40.44 21.11
C ALA O 295 -19.04 40.89 20.40
N PRO O 296 -17.96 40.10 20.41
CA PRO O 296 -16.75 40.52 19.70
C PRO O 296 -16.88 40.55 18.18
N GLN O 297 -17.85 39.83 17.60
CA GLN O 297 -18.12 40.01 16.18
C GLN O 297 -19.06 41.18 15.91
N LEU O 298 -19.71 41.72 16.94
CA LEU O 298 -20.50 42.93 16.81
C LEU O 298 -19.62 44.16 16.87
N LYS O 299 -19.98 45.17 16.11
CA LYS O 299 -19.26 46.45 16.07
C LYS O 299 -20.24 47.57 16.39
N ILE O 300 -20.29 47.97 17.67
CA ILE O 300 -20.93 49.22 18.02
C ILE O 300 -20.03 50.36 17.54
N SER O 301 -20.55 51.21 16.67
CA SER O 301 -19.72 52.18 15.99
C SER O 301 -19.28 53.30 16.92
N ASP O 302 -18.33 54.10 16.45
CA ASP O 302 -17.65 55.08 17.27
C ASP O 302 -18.42 56.40 17.42
N ASP O 303 -19.68 56.45 16.99
CA ASP O 303 -20.53 57.60 17.23
C ASP O 303 -21.57 57.38 18.31
N ARG O 304 -21.78 56.12 18.74
CA ARG O 304 -22.84 55.70 19.66
C ARG O 304 -24.22 56.13 19.18
N LEU O 305 -24.39 56.14 17.86
CA LEU O 305 -25.65 56.46 17.20
C LEU O 305 -25.95 55.51 16.05
N THR O 306 -25.08 54.53 15.79
CA THR O 306 -25.14 53.67 14.63
C THR O 306 -24.52 52.33 15.04
N VAL O 307 -25.12 51.23 14.59
CA VAL O 307 -24.54 49.90 14.76
C VAL O 307 -24.19 49.34 13.38
N VAL O 308 -23.03 48.69 13.29
CA VAL O 308 -22.56 48.09 12.05
C VAL O 308 -22.91 46.61 12.08
N GLY O 309 -23.48 46.10 11.00
CA GLY O 309 -23.98 44.75 10.98
C GLY O 309 -22.90 43.70 10.79
N GLU O 310 -23.07 42.59 11.51
CA GLU O 310 -22.28 41.39 11.29
C GLU O 310 -23.12 40.39 10.50
N LYS O 311 -22.45 39.67 9.61
CA LYS O 311 -23.12 38.85 8.59
C LYS O 311 -23.93 37.70 9.17
N GLY O 312 -23.63 37.28 10.40
CA GLY O 312 -24.44 36.30 11.09
C GLY O 312 -25.64 36.93 11.76
N TYR O 313 -26.06 36.34 12.88
CA TYR O 313 -27.20 36.86 13.64
C TYR O 313 -26.86 36.80 15.12
N SER O 314 -26.51 37.95 15.69
CA SER O 314 -26.25 38.09 17.11
C SER O 314 -26.84 39.41 17.59
N MET O 315 -27.20 39.44 18.87
CA MET O 315 -28.01 40.52 19.42
C MET O 315 -27.14 41.60 20.05
N VAL O 316 -27.35 42.85 19.63
CA VAL O 316 -26.84 44.01 20.33
C VAL O 316 -28.03 44.77 20.89
N ARG O 317 -27.84 45.40 22.05
CA ARG O 317 -28.92 46.08 22.74
C ARG O 317 -28.43 47.44 23.23
N ALA O 318 -29.38 48.31 23.54
CA ALA O 318 -29.08 49.66 24.02
C ALA O 318 -28.91 49.63 25.55
N SER O 319 -28.90 50.81 26.17
CA SER O 319 -28.52 50.90 27.58
C SER O 319 -29.50 51.65 28.48
N HIS O 320 -30.42 52.44 27.93
CA HIS O 320 -31.32 53.25 28.75
C HIS O 320 -32.76 52.81 28.51
N GLY O 321 -33.36 52.19 29.52
CA GLY O 321 -34.72 51.72 29.42
C GLY O 321 -35.50 52.06 30.69
N VAL O 322 -36.79 51.73 30.64
CA VAL O 322 -37.71 51.97 31.74
C VAL O 322 -38.34 50.65 32.19
N ARG O 323 -39.24 50.72 33.15
CA ARG O 323 -39.96 49.56 33.65
C ARG O 323 -41.48 49.71 33.58
N LYS O 324 -42.00 50.93 33.74
CA LYS O 324 -43.43 51.19 33.77
C LYS O 324 -43.70 52.53 33.09
N GLY O 325 -44.67 52.57 32.19
CA GLY O 325 -45.09 53.78 31.53
C GLY O 325 -45.15 53.63 30.02
N ALA O 326 -45.50 54.73 29.36
CA ALA O 326 -45.59 54.79 27.90
C ALA O 326 -44.47 55.66 27.38
N TRP O 327 -43.53 55.05 26.66
CA TRP O 327 -42.27 55.69 26.30
C TRP O 327 -41.99 55.46 24.83
N TYR O 328 -40.92 56.10 24.33
CA TYR O 328 -40.71 56.17 22.89
C TYR O 328 -39.25 56.49 22.60
N PHE O 329 -38.77 55.94 21.48
CA PHE O 329 -37.46 56.27 20.92
C PHE O 329 -37.58 56.11 19.42
N GLU O 330 -36.47 56.26 18.68
CA GLU O 330 -36.48 56.05 17.25
C GLU O 330 -35.23 55.34 16.77
N ILE O 331 -35.44 54.42 15.82
CA ILE O 331 -34.37 53.79 15.06
C ILE O 331 -34.55 54.25 13.62
N THR O 332 -33.58 55.01 13.11
CA THR O 332 -33.65 55.49 11.73
C THR O 332 -32.90 54.50 10.82
N VAL O 333 -33.64 53.77 10.00
CA VAL O 333 -33.05 52.80 9.08
C VAL O 333 -32.59 53.55 7.84
N ASP O 334 -31.28 53.70 7.68
CA ASP O 334 -30.74 54.52 6.60
C ASP O 334 -30.66 53.75 5.29
N GLU O 335 -29.87 52.68 5.24
CA GLU O 335 -29.52 52.01 4.00
C GLU O 335 -29.73 50.51 4.16
N MET O 336 -30.17 49.85 3.09
CA MET O 336 -30.44 48.42 3.14
C MET O 336 -30.05 47.71 1.84
N PRO O 337 -29.37 46.57 1.93
CA PRO O 337 -29.06 45.77 0.73
C PRO O 337 -30.30 45.07 0.18
N PRO O 338 -30.18 44.35 -0.95
CA PRO O 338 -31.28 43.47 -1.35
C PRO O 338 -31.30 42.16 -0.58
N ASP O 339 -32.52 41.69 -0.29
CA ASP O 339 -32.81 40.37 0.31
C ASP O 339 -32.14 40.21 1.68
N THR O 340 -32.63 41.02 2.62
CA THR O 340 -32.06 41.12 3.96
C THR O 340 -32.94 40.42 4.99
N ALA O 341 -32.49 40.44 6.24
CA ALA O 341 -33.25 39.93 7.38
C ALA O 341 -32.74 40.61 8.64
N ALA O 342 -33.53 41.53 9.18
CA ALA O 342 -33.14 42.28 10.37
C ALA O 342 -34.39 42.58 11.20
N ARG O 343 -34.30 42.33 12.50
CA ARG O 343 -35.45 42.36 13.40
C ARG O 343 -35.18 43.35 14.52
N LEU O 344 -36.17 44.18 14.83
CA LEU O 344 -36.02 45.28 15.78
C LEU O 344 -37.17 45.30 16.77
N GLY O 345 -36.88 45.72 18.00
CA GLY O 345 -37.90 45.77 19.02
C GLY O 345 -37.31 45.95 20.41
N TRP O 346 -38.23 46.08 21.38
CA TRP O 346 -37.87 46.16 22.79
C TRP O 346 -37.35 44.81 23.28
N SER O 347 -36.60 44.84 24.39
CA SER O 347 -36.03 43.63 24.97
C SER O 347 -35.69 43.86 26.43
N GLN O 348 -35.42 42.75 27.13
CA GLN O 348 -34.97 42.76 28.50
C GLN O 348 -33.56 42.18 28.58
N PRO O 349 -32.70 42.72 29.47
CA PRO O 349 -31.26 42.41 29.39
C PRO O 349 -30.88 40.99 29.75
N LEU O 350 -31.76 40.24 30.44
CA LEU O 350 -31.45 38.88 30.84
C LEU O 350 -31.75 37.84 29.76
N GLY O 351 -31.90 38.28 28.50
CA GLY O 351 -32.12 37.36 27.41
C GLY O 351 -30.83 36.80 26.86
N ASN O 352 -30.88 36.45 25.57
CA ASN O 352 -29.71 35.88 24.90
C ASN O 352 -28.89 36.97 24.25
N LEU O 353 -27.59 37.02 24.56
CA LEU O 353 -26.68 37.99 23.98
C LEU O 353 -26.33 37.70 22.52
N GLN O 354 -26.69 36.52 22.02
CA GLN O 354 -26.20 36.05 20.73
C GLN O 354 -27.31 35.69 19.75
N ALA O 355 -28.56 35.88 20.13
CA ALA O 355 -29.69 35.40 19.34
C ALA O 355 -30.08 36.39 18.27
N PRO O 356 -30.71 35.94 17.19
CA PRO O 356 -31.56 36.84 16.41
C PRO O 356 -32.74 37.25 17.27
N LEU O 357 -33.15 38.51 17.13
CA LEU O 357 -34.16 39.08 18.02
C LEU O 357 -35.52 38.43 17.80
N GLY O 358 -36.20 38.10 18.90
CA GLY O 358 -37.43 37.35 18.85
C GLY O 358 -37.32 35.93 19.35
N TYR O 359 -36.16 35.53 19.88
CA TYR O 359 -35.92 34.16 20.32
C TYR O 359 -36.46 33.87 21.71
N ASP O 360 -36.68 34.89 22.53
CA ASP O 360 -37.00 34.70 23.94
C ASP O 360 -38.34 35.36 24.27
N LYS O 361 -38.87 34.99 25.44
CA LYS O 361 -40.07 35.62 25.97
C LYS O 361 -39.79 36.98 26.60
N PHE O 362 -38.52 37.34 26.76
CA PHE O 362 -38.15 38.69 27.18
C PHE O 362 -38.54 39.74 26.15
N SER O 363 -38.54 39.39 24.87
CA SER O 363 -38.53 40.36 23.79
C SER O 363 -39.48 39.95 22.68
N TYR O 364 -39.92 40.95 21.91
CA TYR O 364 -40.65 40.74 20.67
C TYR O 364 -39.83 41.31 19.52
N SER O 365 -40.23 41.00 18.30
CA SER O 365 -39.49 41.43 17.13
C SER O 365 -40.42 41.52 15.92
N TRP O 366 -39.86 42.05 14.84
CA TRP O 366 -40.56 42.16 13.56
C TRP O 366 -39.52 42.23 12.46
N ARG O 367 -39.67 41.37 11.45
CA ARG O 367 -38.60 41.10 10.49
C ARG O 367 -38.70 42.04 9.29
N SER O 368 -37.54 42.39 8.73
CA SER O 368 -37.46 43.26 7.56
C SER O 368 -37.92 42.59 6.28
N LYS O 369 -37.95 41.26 6.24
CA LYS O 369 -38.46 40.53 5.09
C LYS O 369 -39.70 39.75 5.48
N LYS O 370 -40.76 39.90 4.70
CA LYS O 370 -42.04 39.21 4.78
C LYS O 370 -42.83 39.52 6.06
N GLY O 371 -42.36 40.47 6.87
CA GLY O 371 -43.12 41.11 7.95
C GLY O 371 -43.76 40.22 9.00
N THR O 372 -42.96 39.58 9.83
CA THR O 372 -43.46 38.53 10.73
C THR O 372 -43.17 38.90 12.18
N LYS O 373 -44.18 38.81 13.03
CA LYS O 373 -43.97 38.91 14.46
C LYS O 373 -43.54 37.56 15.02
N PHE O 374 -42.75 37.60 16.09
CA PHE O 374 -42.14 36.39 16.61
C PHE O 374 -42.31 36.30 18.12
N HIS O 375 -42.76 35.14 18.58
CA HIS O 375 -42.74 34.77 19.99
C HIS O 375 -41.94 33.48 20.10
N GLN O 376 -40.72 33.59 20.66
CA GLN O 376 -39.69 32.56 20.62
C GLN O 376 -39.37 32.13 19.18
N SER O 377 -39.35 33.11 18.27
CA SER O 377 -38.94 32.96 16.86
C SER O 377 -39.75 31.89 16.13
N ILE O 378 -41.06 32.05 16.09
CA ILE O 378 -41.96 31.15 15.38
C ILE O 378 -42.71 31.98 14.35
N GLY O 379 -42.84 31.44 13.13
CA GLY O 379 -43.46 32.16 12.05
C GLY O 379 -44.96 32.37 12.22
N LYS O 380 -45.34 33.62 12.50
CA LYS O 380 -46.73 34.03 12.66
C LYS O 380 -46.91 35.31 11.86
N HIS O 381 -47.62 35.20 10.72
CA HIS O 381 -47.59 36.25 9.70
C HIS O 381 -48.29 37.51 10.18
N TYR O 382 -47.57 38.63 10.09
CA TYR O 382 -48.02 39.90 10.64
C TYR O 382 -48.29 40.93 9.54
N SER O 383 -47.30 41.21 8.68
CA SER O 383 -47.37 42.27 7.70
C SER O 383 -46.34 41.97 6.60
N SER O 384 -45.95 42.99 5.84
CA SER O 384 -44.76 42.94 5.00
C SER O 384 -43.68 43.82 5.61
N GLY O 385 -42.43 43.37 5.51
CA GLY O 385 -41.33 43.92 6.28
C GLY O 385 -40.88 45.30 5.81
N TYR O 386 -39.81 45.77 6.43
CA TYR O 386 -39.33 47.12 6.21
C TYR O 386 -38.12 47.13 5.27
N GLY O 387 -37.93 48.28 4.62
CA GLY O 387 -36.94 48.43 3.56
C GLY O 387 -35.94 49.52 3.89
N GLN O 388 -35.61 50.31 2.87
CA GLN O 388 -34.50 51.26 2.90
C GLN O 388 -35.05 52.68 2.92
N GLY O 389 -34.74 53.43 3.97
CA GLY O 389 -35.08 54.83 4.07
C GLY O 389 -36.19 55.20 5.05
N ASP O 390 -36.42 54.39 6.09
CA ASP O 390 -37.50 54.63 7.04
C ASP O 390 -36.94 54.92 8.42
N VAL O 391 -37.85 55.22 9.34
CA VAL O 391 -37.55 55.35 10.76
C VAL O 391 -38.44 54.40 11.52
N LEU O 392 -37.83 53.49 12.28
CA LEU O 392 -38.55 52.48 13.06
C LEU O 392 -38.56 52.95 14.52
N GLY O 393 -39.52 53.82 14.83
CA GLY O 393 -39.60 54.44 16.13
C GLY O 393 -40.65 53.81 17.01
N PHE O 394 -40.21 53.20 18.11
CA PHE O 394 -41.03 52.20 18.78
C PHE O 394 -41.73 52.76 20.02
N TYR O 395 -42.97 52.32 20.20
CA TYR O 395 -43.83 52.69 21.30
C TYR O 395 -43.95 51.52 22.26
N ILE O 396 -44.09 51.83 23.55
CA ILE O 396 -44.32 50.82 24.58
C ILE O 396 -45.50 51.28 25.44
N ASN O 397 -46.22 50.32 26.00
CA ASN O 397 -47.33 50.59 26.90
C ASN O 397 -47.20 49.64 28.08
N LEU O 398 -47.29 50.18 29.30
CA LEU O 398 -46.93 49.42 30.50
C LEU O 398 -47.78 49.90 31.68
N PRO O 399 -48.89 49.22 31.96
CA PRO O 399 -49.70 49.55 33.14
C PRO O 399 -49.27 48.78 34.39
N GLU O 400 -49.96 49.09 35.49
CA GLU O 400 -49.69 48.52 36.80
C GLU O 400 -50.90 48.78 37.69
N ASP O 401 -51.15 47.87 38.64
CA ASP O 401 -52.18 48.05 39.66
C ASP O 401 -51.85 49.26 40.54
N THR O 402 -52.70 50.28 40.48
CA THR O 402 -52.52 51.48 41.28
C THR O 402 -53.57 51.54 42.40
N SER O 445 -50.22 45.31 28.76
CA SER O 445 -48.95 45.87 28.28
C SER O 445 -48.57 45.34 26.90
N GLU O 446 -48.43 46.25 25.94
CA GLU O 446 -48.27 45.91 24.53
C GLU O 446 -47.03 46.61 23.97
N ILE O 447 -46.60 46.13 22.81
CA ILE O 447 -45.46 46.70 22.10
C ILE O 447 -45.89 47.03 20.67
N ILE O 448 -45.82 48.31 20.32
CA ILE O 448 -46.28 48.82 19.03
C ILE O 448 -45.06 49.29 18.24
N PHE O 449 -45.01 48.95 16.95
CA PHE O 449 -43.93 49.37 16.07
C PHE O 449 -44.48 50.40 15.10
N TYR O 450 -43.70 51.44 14.82
CA TYR O 450 -44.06 52.43 13.82
C TYR O 450 -43.09 52.35 12.65
N LYS O 451 -43.57 52.79 11.49
CA LYS O 451 -42.77 52.79 10.26
C LYS O 451 -43.38 53.83 9.33
N ASN O 452 -42.66 54.94 9.13
CA ASN O 452 -43.14 56.14 8.44
C ASN O 452 -44.45 56.65 9.05
N GLY O 453 -44.55 56.56 10.38
CA GLY O 453 -45.74 56.98 11.09
C GLY O 453 -46.90 56.01 11.04
N VAL O 454 -46.80 54.92 10.28
CA VAL O 454 -47.91 53.98 10.12
C VAL O 454 -48.02 53.14 11.38
N ASN O 455 -49.21 53.12 11.97
CA ASN O 455 -49.49 52.27 13.13
C ASN O 455 -49.60 50.83 12.64
N GLN O 456 -48.55 50.04 12.89
CA GLN O 456 -48.48 48.67 12.40
C GLN O 456 -49.40 47.72 13.16
N GLY O 457 -50.02 48.16 14.25
CA GLY O 457 -50.85 47.30 15.05
C GLY O 457 -50.17 46.87 16.34
N VAL O 458 -50.69 45.80 16.91
CA VAL O 458 -50.27 45.29 18.21
C VAL O 458 -49.68 43.91 18.02
N ALA O 459 -48.48 43.69 18.57
CA ALA O 459 -47.86 42.38 18.49
C ALA O 459 -48.54 41.41 19.45
N TYR O 460 -48.47 41.67 20.75
CA TYR O 460 -49.14 40.86 21.75
C TYR O 460 -49.58 41.76 22.90
N LYS O 461 -50.11 41.14 23.96
CA LYS O 461 -50.69 41.84 25.09
C LYS O 461 -50.16 41.24 26.38
N ASP O 462 -50.02 42.11 27.39
CA ASP O 462 -49.67 41.76 28.77
C ASP O 462 -48.30 41.08 28.87
N ILE O 463 -47.27 41.87 28.54
CA ILE O 463 -45.88 41.40 28.63
C ILE O 463 -45.40 41.48 30.07
N PHE O 464 -44.23 40.89 30.35
CA PHE O 464 -43.77 40.63 31.70
C PHE O 464 -43.16 41.87 32.34
N GLU O 465 -42.45 41.69 33.45
CA GLU O 465 -41.90 42.79 34.24
C GLU O 465 -40.38 42.78 34.14
N GLY O 466 -39.80 43.96 33.91
CA GLY O 466 -38.36 44.10 33.86
C GLY O 466 -37.97 45.47 33.33
N VAL O 467 -36.67 45.61 33.03
CA VAL O 467 -36.14 46.81 32.40
C VAL O 467 -36.15 46.58 30.90
N TYR O 468 -36.64 47.57 30.15
CA TYR O 468 -36.95 47.39 28.72
C TYR O 468 -35.90 48.10 27.87
N PHE O 469 -34.90 47.34 27.39
CA PHE O 469 -33.94 47.90 26.45
C PHE O 469 -34.42 47.72 25.01
N PRO O 470 -33.98 48.57 24.09
CA PRO O 470 -34.10 48.25 22.67
C PRO O 470 -33.13 47.13 22.28
N ALA O 471 -33.34 46.58 21.09
CA ALA O 471 -32.53 45.46 20.64
C ALA O 471 -32.42 45.44 19.12
N ILE O 472 -31.22 45.17 18.62
CA ILE O 472 -30.90 45.19 17.20
C ILE O 472 -30.14 43.92 16.86
N SER O 473 -30.54 43.24 15.78
CA SER O 473 -29.74 42.20 15.15
C SER O 473 -29.85 42.37 13.64
N LEU O 474 -28.73 42.22 12.93
CA LEU O 474 -28.66 42.71 11.56
C LEU O 474 -28.16 41.64 10.58
N TYR O 475 -28.21 42.06 9.32
CA TYR O 475 -27.77 41.35 8.12
C TYR O 475 -26.28 41.68 7.93
N LYS O 476 -25.74 41.46 6.73
CA LYS O 476 -24.48 42.01 6.26
C LYS O 476 -24.40 43.53 6.47
N SER O 477 -23.18 44.08 6.45
CA SER O 477 -22.84 45.32 7.16
C SER O 477 -23.54 46.52 6.54
N CYS O 478 -24.80 46.69 6.96
CA CYS O 478 -25.69 47.74 6.51
C CYS O 478 -25.64 48.93 7.47
N THR O 479 -26.55 49.88 7.30
CA THR O 479 -26.51 51.14 8.03
C THR O 479 -27.88 51.47 8.59
N VAL O 480 -28.01 51.38 9.92
CA VAL O 480 -29.18 51.90 10.63
C VAL O 480 -28.68 52.88 11.70
N SER O 481 -29.51 53.88 12.00
CA SER O 481 -29.19 54.89 12.98
C SER O 481 -30.20 54.83 14.12
N ILE O 482 -29.77 55.22 15.31
CA ILE O 482 -30.65 55.30 16.47
C ILE O 482 -30.91 56.78 16.74
N ASN O 483 -31.96 57.05 17.53
CA ASN O 483 -32.35 58.43 17.81
C ASN O 483 -33.02 58.47 19.17
N PHE O 484 -32.67 59.49 19.97
CA PHE O 484 -33.32 59.71 21.26
C PHE O 484 -33.70 61.16 21.50
N GLY O 485 -33.26 62.09 20.66
CA GLY O 485 -33.54 63.49 20.84
C GLY O 485 -34.98 63.85 20.55
N PRO O 486 -35.47 64.94 21.16
CA PRO O 486 -36.89 65.32 20.94
C PRO O 486 -37.16 65.88 19.56
N CYS O 487 -36.12 66.15 18.76
CA CYS O 487 -36.28 66.54 17.36
C CYS O 487 -36.37 65.28 16.50
N PHE O 488 -37.49 64.58 16.64
CA PHE O 488 -37.73 63.33 15.93
C PHE O 488 -37.97 63.60 14.45
N LYS O 489 -37.71 62.57 13.64
CA LYS O 489 -37.88 62.71 12.20
C LYS O 489 -39.33 62.47 11.79
N TYR O 490 -39.95 61.40 12.29
CA TYR O 490 -41.37 61.13 12.09
C TYR O 490 -42.06 61.12 13.45
N PRO O 491 -42.53 62.26 13.95
CA PRO O 491 -43.37 62.25 15.15
C PRO O 491 -44.84 62.03 14.81
N PRO O 492 -45.45 60.95 15.29
CA PRO O 492 -46.88 60.73 15.02
C PRO O 492 -47.74 61.65 15.87
N LYS O 493 -49.04 61.64 15.57
CA LYS O 493 -50.01 62.45 16.29
C LYS O 493 -51.19 61.61 16.76
N ASP O 494 -50.95 60.34 17.10
CA ASP O 494 -52.01 59.43 17.50
C ASP O 494 -51.92 58.98 18.96
N LEU O 495 -50.77 59.15 19.61
CA LEU O 495 -50.64 58.78 21.02
C LEU O 495 -49.79 59.83 21.75
N THR O 496 -49.98 59.87 23.07
CA THR O 496 -49.24 60.78 23.94
C THR O 496 -48.05 60.04 24.51
N TYR O 497 -46.88 60.25 23.90
CA TYR O 497 -45.67 59.53 24.24
C TYR O 497 -44.62 60.51 24.74
N ARG O 498 -43.56 59.96 25.32
CA ARG O 498 -42.45 60.75 25.85
C ARG O 498 -41.13 60.23 25.31
N PRO O 499 -40.16 61.11 25.08
CA PRO O 499 -38.83 60.64 24.68
C PRO O 499 -38.06 60.04 25.84
N MET O 500 -37.15 59.12 25.51
CA MET O 500 -36.30 58.49 26.50
C MET O 500 -35.20 59.39 27.01
N SER O 501 -34.91 60.50 26.32
CA SER O 501 -33.81 61.39 26.72
C SER O 501 -34.14 62.24 27.95
N ASP O 502 -35.33 62.11 28.52
CA ASP O 502 -35.65 62.76 29.78
C ASP O 502 -34.94 62.13 30.98
N MET O 503 -34.37 60.94 30.80
CA MET O 503 -33.65 60.24 31.87
C MET O 503 -32.36 60.99 32.25
#